data_8P2A
# 
_entry.id   8P2A 
# 
_audit_conform.dict_name       mmcif_pdbx.dic 
_audit_conform.dict_version    5.399 
_audit_conform.dict_location   http://mmcif.pdb.org/dictionaries/ascii/mmcif_pdbx.dic 
# 
loop_
_database_2.database_id 
_database_2.database_code 
_database_2.pdbx_database_accession 
_database_2.pdbx_DOI 
PDB   8P2A         pdb_00008p2a 10.2210/pdb8p2a/pdb 
WWPDB D_1292130433 ?            ?                   
# 
loop_
_pdbx_audit_revision_history.ordinal 
_pdbx_audit_revision_history.data_content_type 
_pdbx_audit_revision_history.major_revision 
_pdbx_audit_revision_history.minor_revision 
_pdbx_audit_revision_history.revision_date 
1 'Structure model' 1 0 2023-07-19 
2 'Structure model' 1 1 2023-07-26 
3 'Structure model' 1 2 2024-01-31 
4 'Structure model' 1 3 2024-11-20 
# 
_pdbx_audit_revision_details.ordinal             1 
_pdbx_audit_revision_details.revision_ordinal    1 
_pdbx_audit_revision_details.data_content_type   'Structure model' 
_pdbx_audit_revision_details.provider            repository 
_pdbx_audit_revision_details.type                'Initial release' 
_pdbx_audit_revision_details.description         ? 
_pdbx_audit_revision_details.details             ? 
# 
loop_
_pdbx_audit_revision_group.ordinal 
_pdbx_audit_revision_group.revision_ordinal 
_pdbx_audit_revision_group.data_content_type 
_pdbx_audit_revision_group.group 
1 2 'Structure model' 'Data collection'     
2 2 'Structure model' 'Database references' 
3 3 'Structure model' 'Data collection'     
4 4 'Structure model' 'Structure summary'   
# 
loop_
_pdbx_audit_revision_category.ordinal 
_pdbx_audit_revision_category.revision_ordinal 
_pdbx_audit_revision_category.data_content_type 
_pdbx_audit_revision_category.category 
1 2 'Structure model' citation                  
2 2 'Structure model' citation_author           
3 2 'Structure model' pdbx_validate_planes      
4 3 'Structure model' chem_comp_atom            
5 3 'Structure model' chem_comp_bond            
6 4 'Structure model' pdbx_entry_details        
7 4 'Structure model' pdbx_modification_feature 
# 
loop_
_pdbx_audit_revision_item.ordinal 
_pdbx_audit_revision_item.revision_ordinal 
_pdbx_audit_revision_item.data_content_type 
_pdbx_audit_revision_item.item 
1  2 'Structure model' '_citation.country'                            
2  2 'Structure model' '_citation.journal_abbrev'                     
3  2 'Structure model' '_citation.journal_id_CSD'                     
4  2 'Structure model' '_citation.journal_id_ISSN'                    
5  2 'Structure model' '_citation.journal_volume'                     
6  2 'Structure model' '_citation.page_first'                         
7  2 'Structure model' '_citation.page_last'                          
8  2 'Structure model' '_citation.pdbx_database_id_DOI'               
9  2 'Structure model' '_citation.pdbx_database_id_PubMed'            
10 2 'Structure model' '_citation.title'                              
11 2 'Structure model' '_citation.year'                               
12 2 'Structure model' '_citation_author.name'                        
13 2 'Structure model' '_pdbx_validate_planes.type'                   
14 4 'Structure model' '_pdbx_entry_details.has_protein_modification' 
# 
_pdbx_database_status.status_code                     REL 
_pdbx_database_status.status_code_sf                  REL 
_pdbx_database_status.status_code_mr                  ? 
_pdbx_database_status.entry_id                        8P2A 
_pdbx_database_status.recvd_initial_deposition_date   2023-05-15 
_pdbx_database_status.SG_entry                        N 
_pdbx_database_status.deposit_site                    PDBE 
_pdbx_database_status.process_site                    PDBE 
_pdbx_database_status.status_code_cs                  ? 
_pdbx_database_status.status_code_nmr_data            ? 
_pdbx_database_status.methods_development_category    ? 
_pdbx_database_status.pdb_format_compatible           Y 
# 
_pdbx_contact_author.id                 2 
_pdbx_contact_author.email              m.w.fraaije@rug.nl 
_pdbx_contact_author.name_first         Marco 
_pdbx_contact_author.name_last          Fraaije 
_pdbx_contact_author.name_mi            W. 
_pdbx_contact_author.role               'principal investigator/group leader' 
_pdbx_contact_author.identifier_ORCID   0000-0001-6346-5014 
# 
loop_
_audit_author.name 
_audit_author.pdbx_ordinal 
_audit_author.identifier_ORCID 
'Rozeboom, H.J.' 1 ? 
'Fraaije, M.W.'  2 ? 
# 
_citation.abstract                  ? 
_citation.abstract_id_CAS           ? 
_citation.book_id_ISBN              ? 
_citation.book_publisher            ? 
_citation.book_publisher_city       ? 
_citation.book_title                ? 
_citation.coordinate_linkage        ? 
_citation.country                   NE 
_citation.database_id_Medline       ? 
_citation.details                   ? 
_citation.id                        primary 
_citation.journal_abbrev            'Bba Adv' 
_citation.journal_id_ASTM           ? 
_citation.journal_id_CSD            ? 
_citation.journal_id_ISSN           2667-1603 
_citation.journal_full              ? 
_citation.journal_issue             ? 
_citation.journal_volume            4 
_citation.language                  ? 
_citation.page_first                100097 
_citation.page_last                 100097 
_citation.title                     
'Characterization of two bacterial multi-flavinylated proteins harboring multiple covalent flavin cofactors.' 
_citation.year                      2023 
_citation.database_id_CSD           ? 
_citation.pdbx_database_id_DOI      10.1016/j.bbadva.2023.100097 
_citation.pdbx_database_id_PubMed   37455753 
_citation.pdbx_database_id_patent   ? 
_citation.unpublished_flag          ? 
# 
loop_
_citation_author.citation_id 
_citation_author.name 
_citation_author.ordinal 
_citation_author.identifier_ORCID 
primary 'Tong, Y.'       1 ? 
primary 'Rozeboom, H.J.' 2 ? 
primary 'Loonstra, M.R.' 3 ? 
primary 'Wijma, H.J.'    4 ? 
primary 'Fraaije, M.W.'  5 ? 
# 
loop_
_entity.id 
_entity.type 
_entity.src_method 
_entity.pdbx_description 
_entity.formula_weight 
_entity.pdbx_number_of_molecules 
_entity.pdbx_ec 
_entity.pdbx_mutation 
_entity.pdbx_fragment 
_entity.details 
1 polymer     man 'FMN-binding domain-containing protein' 8945.968 1  ? ? ? ? 
2 non-polymer nat 'FLAVIN MONONUCLEOTIDE'                 456.344  1  ? ? ? ? 
3 water       nat water                                   18.015   23 ? ? ? ? 
# 
_entity_poly.entity_id                      1 
_entity_poly.type                           'polypeptide(L)' 
_entity_poly.nstd_linkage                   no 
_entity_poly.nstd_monomer                   no 
_entity_poly.pdbx_seq_one_letter_code       
;MAQTVTGDVAQTQYGPVQVRITVAGGKITKAEAVQAPKGGRSDQITSASVPRLNQAAVAAGSAEIDAVSGATYTSAGYKK
SLQSALDKA
;
_entity_poly.pdbx_seq_one_letter_code_can   
;MAQTVTGDVAQTQYGPVQVRITVAGGKITKAEAVQAPKGGRSDQITSASVPRLNQAAVAAGSAEIDAVSGATYTSAGYKK
SLQSALDKA
;
_entity_poly.pdbx_strand_id                 A 
_entity_poly.pdbx_target_identifier         ? 
# 
loop_
_pdbx_entity_nonpoly.entity_id 
_pdbx_entity_nonpoly.name 
_pdbx_entity_nonpoly.comp_id 
2 'FLAVIN MONONUCLEOTIDE' FMN 
3 water                   HOH 
# 
loop_
_entity_poly_seq.entity_id 
_entity_poly_seq.num 
_entity_poly_seq.mon_id 
_entity_poly_seq.hetero 
1 1  MET n 
1 2  ALA n 
1 3  GLN n 
1 4  THR n 
1 5  VAL n 
1 6  THR n 
1 7  GLY n 
1 8  ASP n 
1 9  VAL n 
1 10 ALA n 
1 11 GLN n 
1 12 THR n 
1 13 GLN n 
1 14 TYR n 
1 15 GLY n 
1 16 PRO n 
1 17 VAL n 
1 18 GLN n 
1 19 VAL n 
1 20 ARG n 
1 21 ILE n 
1 22 THR n 
1 23 VAL n 
1 24 ALA n 
1 25 GLY n 
1 26 GLY n 
1 27 LYS n 
1 28 ILE n 
1 29 THR n 
1 30 LYS n 
1 31 ALA n 
1 32 GLU n 
1 33 ALA n 
1 34 VAL n 
1 35 GLN n 
1 36 ALA n 
1 37 PRO n 
1 38 LYS n 
1 39 GLY n 
1 40 GLY n 
1 41 ARG n 
1 42 SER n 
1 43 ASP n 
1 44 GLN n 
1 45 ILE n 
1 46 THR n 
1 47 SER n 
1 48 ALA n 
1 49 SER n 
1 50 VAL n 
1 51 PRO n 
1 52 ARG n 
1 53 LEU n 
1 54 ASN n 
1 55 GLN n 
1 56 ALA n 
1 57 ALA n 
1 58 VAL n 
1 59 ALA n 
1 60 ALA n 
1 61 GLY n 
1 62 SER n 
1 63 ALA n 
1 64 GLU n 
1 65 ILE n 
1 66 ASP n 
1 67 ALA n 
1 68 VAL n 
1 69 SER n 
1 70 GLY n 
1 71 ALA n 
1 72 THR n 
1 73 TYR n 
1 74 THR n 
1 75 SER n 
1 76 ALA n 
1 77 GLY n 
1 78 TYR n 
1 79 LYS n 
1 80 LYS n 
1 81 SER n 
1 82 LEU n 
1 83 GLN n 
1 84 SER n 
1 85 ALA n 
1 86 LEU n 
1 87 ASP n 
1 88 LYS n 
1 89 ALA n 
# 
_entity_src_gen.entity_id                          1 
_entity_src_gen.pdbx_src_id                        1 
_entity_src_gen.pdbx_alt_source_flag               sample 
_entity_src_gen.pdbx_seq_type                      'Biological sequence' 
_entity_src_gen.pdbx_beg_seq_num                   1 
_entity_src_gen.pdbx_end_seq_num                   89 
_entity_src_gen.gene_src_common_name               ? 
_entity_src_gen.gene_src_genus                     ? 
_entity_src_gen.pdbx_gene_src_gene                 SAZU_6878 
_entity_src_gen.gene_src_species                   ? 
_entity_src_gen.gene_src_strain                    ? 
_entity_src_gen.gene_src_tissue                    ? 
_entity_src_gen.gene_src_tissue_fraction           ? 
_entity_src_gen.gene_src_details                   ? 
_entity_src_gen.pdbx_gene_src_fragment             ? 
_entity_src_gen.pdbx_gene_src_scientific_name      'Streptomyces azureus' 
_entity_src_gen.pdbx_gene_src_ncbi_taxonomy_id     146537 
_entity_src_gen.pdbx_gene_src_variant              ? 
_entity_src_gen.pdbx_gene_src_cell_line            ? 
_entity_src_gen.pdbx_gene_src_atcc                 ? 
_entity_src_gen.pdbx_gene_src_organ                ? 
_entity_src_gen.pdbx_gene_src_organelle            ? 
_entity_src_gen.pdbx_gene_src_cell                 ? 
_entity_src_gen.pdbx_gene_src_cellular_location    ? 
_entity_src_gen.host_org_common_name               ? 
_entity_src_gen.pdbx_host_org_scientific_name      'Escherichia coli' 
_entity_src_gen.pdbx_host_org_ncbi_taxonomy_id     562 
_entity_src_gen.host_org_genus                     ? 
_entity_src_gen.pdbx_host_org_gene                 ? 
_entity_src_gen.pdbx_host_org_organ                ? 
_entity_src_gen.host_org_species                   ? 
_entity_src_gen.pdbx_host_org_tissue               ? 
_entity_src_gen.pdbx_host_org_tissue_fraction      ? 
_entity_src_gen.pdbx_host_org_strain               'NEB 10-beta' 
_entity_src_gen.pdbx_host_org_variant              ? 
_entity_src_gen.pdbx_host_org_cell_line            ? 
_entity_src_gen.pdbx_host_org_atcc                 ? 
_entity_src_gen.pdbx_host_org_culture_collection   ? 
_entity_src_gen.pdbx_host_org_cell                 ? 
_entity_src_gen.pdbx_host_org_organelle            ? 
_entity_src_gen.pdbx_host_org_cellular_location    ? 
_entity_src_gen.pdbx_host_org_vector_type          ? 
_entity_src_gen.pdbx_host_org_vector               ? 
_entity_src_gen.host_org_details                   ? 
_entity_src_gen.expression_system_id               ? 
_entity_src_gen.plasmid_name                       ? 
_entity_src_gen.plasmid_details                    ? 
_entity_src_gen.pdbx_description                   ? 
# 
loop_
_chem_comp.id 
_chem_comp.type 
_chem_comp.mon_nstd_flag 
_chem_comp.name 
_chem_comp.pdbx_synonyms 
_chem_comp.formula 
_chem_comp.formula_weight 
ALA 'L-peptide linking' y ALANINE                 ?                          'C3 H7 N O2'      89.093  
ARG 'L-peptide linking' y ARGININE                ?                          'C6 H15 N4 O2 1'  175.209 
ASN 'L-peptide linking' y ASPARAGINE              ?                          'C4 H8 N2 O3'     132.118 
ASP 'L-peptide linking' y 'ASPARTIC ACID'         ?                          'C4 H7 N O4'      133.103 
FMN non-polymer         . 'FLAVIN MONONUCLEOTIDE' 'RIBOFLAVIN MONOPHOSPHATE' 'C17 H21 N4 O9 P' 456.344 
GLN 'L-peptide linking' y GLUTAMINE               ?                          'C5 H10 N2 O3'    146.144 
GLU 'L-peptide linking' y 'GLUTAMIC ACID'         ?                          'C5 H9 N O4'      147.129 
GLY 'peptide linking'   y GLYCINE                 ?                          'C2 H5 N O2'      75.067  
HOH non-polymer         . WATER                   ?                          'H2 O'            18.015  
ILE 'L-peptide linking' y ISOLEUCINE              ?                          'C6 H13 N O2'     131.173 
LEU 'L-peptide linking' y LEUCINE                 ?                          'C6 H13 N O2'     131.173 
LYS 'L-peptide linking' y LYSINE                  ?                          'C6 H15 N2 O2 1'  147.195 
MET 'L-peptide linking' y METHIONINE              ?                          'C5 H11 N O2 S'   149.211 
PRO 'L-peptide linking' y PROLINE                 ?                          'C5 H9 N O2'      115.130 
SER 'L-peptide linking' y SERINE                  ?                          'C3 H7 N O3'      105.093 
THR 'L-peptide linking' y THREONINE               ?                          'C4 H9 N O3'      119.119 
TYR 'L-peptide linking' y TYROSINE                ?                          'C9 H11 N O3'     181.189 
VAL 'L-peptide linking' y VALINE                  ?                          'C5 H11 N O2'     117.146 
# 
loop_
_pdbx_poly_seq_scheme.asym_id 
_pdbx_poly_seq_scheme.entity_id 
_pdbx_poly_seq_scheme.seq_id 
_pdbx_poly_seq_scheme.mon_id 
_pdbx_poly_seq_scheme.ndb_seq_num 
_pdbx_poly_seq_scheme.pdb_seq_num 
_pdbx_poly_seq_scheme.auth_seq_num 
_pdbx_poly_seq_scheme.pdb_mon_id 
_pdbx_poly_seq_scheme.auth_mon_id 
_pdbx_poly_seq_scheme.pdb_strand_id 
_pdbx_poly_seq_scheme.pdb_ins_code 
_pdbx_poly_seq_scheme.hetero 
A 1 1  MET 1  1  1  MET MET A . n 
A 1 2  ALA 2  2  2  ALA ALA A . n 
A 1 3  GLN 3  3  3  GLN GLN A . n 
A 1 4  THR 4  4  4  THR THR A . n 
A 1 5  VAL 5  5  5  VAL VAL A . n 
A 1 6  THR 6  6  6  THR THR A . n 
A 1 7  GLY 7  7  7  GLY GLY A . n 
A 1 8  ASP 8  8  8  ASP ASP A . n 
A 1 9  VAL 9  9  9  VAL VAL A . n 
A 1 10 ALA 10 10 10 ALA ALA A . n 
A 1 11 GLN 11 11 11 GLN GLN A . n 
A 1 12 THR 12 12 12 THR THR A . n 
A 1 13 GLN 13 13 13 GLN GLN A . n 
A 1 14 TYR 14 14 14 TYR TYR A . n 
A 1 15 GLY 15 15 15 GLY GLY A . n 
A 1 16 PRO 16 16 16 PRO PRO A . n 
A 1 17 VAL 17 17 17 VAL VAL A . n 
A 1 18 GLN 18 18 18 GLN GLN A . n 
A 1 19 VAL 19 19 19 VAL VAL A . n 
A 1 20 ARG 20 20 20 ARG ARG A . n 
A 1 21 ILE 21 21 21 ILE ILE A . n 
A 1 22 THR 22 22 22 THR THR A . n 
A 1 23 VAL 23 23 23 VAL VAL A . n 
A 1 24 ALA 24 24 24 ALA ALA A . n 
A 1 25 GLY 25 25 25 GLY GLY A . n 
A 1 26 GLY 26 26 26 GLY GLY A . n 
A 1 27 LYS 27 27 27 LYS LYS A . n 
A 1 28 ILE 28 28 28 ILE ILE A . n 
A 1 29 THR 29 29 29 THR THR A . n 
A 1 30 LYS 30 30 30 LYS LYS A . n 
A 1 31 ALA 31 31 31 ALA ALA A . n 
A 1 32 GLU 32 32 32 GLU GLU A . n 
A 1 33 ALA 33 33 33 ALA ALA A . n 
A 1 34 VAL 34 34 34 VAL VAL A . n 
A 1 35 GLN 35 35 35 GLN GLN A . n 
A 1 36 ALA 36 36 36 ALA ALA A . n 
A 1 37 PRO 37 37 37 PRO PRO A . n 
A 1 38 LYS 38 38 38 LYS LYS A . n 
A 1 39 GLY 39 39 39 GLY GLY A . n 
A 1 40 GLY 40 40 40 GLY GLY A . n 
A 1 41 ARG 41 41 41 ARG ARG A . n 
A 1 42 SER 42 42 42 SER SER A . n 
A 1 43 ASP 43 43 43 ASP ASP A . n 
A 1 44 GLN 44 44 44 GLN GLN A . n 
A 1 45 ILE 45 45 45 ILE ILE A . n 
A 1 46 THR 46 46 46 THR THR A . n 
A 1 47 SER 47 47 47 SER SER A . n 
A 1 48 ALA 48 48 48 ALA ALA A . n 
A 1 49 SER 49 49 49 SER SER A . n 
A 1 50 VAL 50 50 50 VAL VAL A . n 
A 1 51 PRO 51 51 51 PRO PRO A . n 
A 1 52 ARG 52 52 52 ARG ARG A . n 
A 1 53 LEU 53 53 53 LEU LEU A . n 
A 1 54 ASN 54 54 54 ASN ASN A . n 
A 1 55 GLN 55 55 55 GLN GLN A . n 
A 1 56 ALA 56 56 56 ALA ALA A . n 
A 1 57 ALA 57 57 57 ALA ALA A . n 
A 1 58 VAL 58 58 58 VAL VAL A . n 
A 1 59 ALA 59 59 59 ALA ALA A . n 
A 1 60 ALA 60 60 60 ALA ALA A . n 
A 1 61 GLY 61 61 61 GLY GLY A . n 
A 1 62 SER 62 62 62 SER SER A . n 
A 1 63 ALA 63 63 63 ALA ALA A . n 
A 1 64 GLU 64 64 64 GLU GLU A . n 
A 1 65 ILE 65 65 65 ILE ILE A . n 
A 1 66 ASP 66 66 66 ASP ASP A . n 
A 1 67 ALA 67 67 67 ALA ALA A . n 
A 1 68 VAL 68 68 68 VAL VAL A . n 
A 1 69 SER 69 69 69 SER SER A . n 
A 1 70 GLY 70 70 70 GLY GLY A . n 
A 1 71 ALA 71 71 71 ALA ALA A . n 
A 1 72 THR 72 72 72 THR THR A . n 
A 1 73 TYR 73 73 73 TYR TYR A . n 
A 1 74 THR 74 74 74 THR THR A . n 
A 1 75 SER 75 75 75 SER SER A . n 
A 1 76 ALA 76 76 76 ALA ALA A . n 
A 1 77 GLY 77 77 77 GLY GLY A . n 
A 1 78 TYR 78 78 78 TYR TYR A . n 
A 1 79 LYS 79 79 79 LYS LYS A . n 
A 1 80 LYS 80 80 80 LYS LYS A . n 
A 1 81 SER 81 81 81 SER SER A . n 
A 1 82 LEU 82 82 82 LEU LEU A . n 
A 1 83 GLN 83 83 83 GLN GLN A . n 
A 1 84 SER 84 84 84 SER SER A . n 
A 1 85 ALA 85 85 85 ALA ALA A . n 
A 1 86 LEU 86 86 86 LEU LEU A . n 
A 1 87 ASP 87 87 87 ASP ASP A . n 
A 1 88 LYS 88 88 88 LYS LYS A . n 
A 1 89 ALA 89 89 89 ALA ALA A . n 
# 
_pdbx_entity_instance_feature.ordinal        1 
_pdbx_entity_instance_feature.comp_id        FMN 
_pdbx_entity_instance_feature.asym_id        ? 
_pdbx_entity_instance_feature.seq_num        ? 
_pdbx_entity_instance_feature.auth_comp_id   FMN 
_pdbx_entity_instance_feature.auth_asym_id   ? 
_pdbx_entity_instance_feature.auth_seq_num   ? 
_pdbx_entity_instance_feature.feature_type   'SUBJECT OF INVESTIGATION' 
_pdbx_entity_instance_feature.details        ? 
# 
loop_
_pdbx_nonpoly_scheme.asym_id 
_pdbx_nonpoly_scheme.entity_id 
_pdbx_nonpoly_scheme.mon_id 
_pdbx_nonpoly_scheme.ndb_seq_num 
_pdbx_nonpoly_scheme.pdb_seq_num 
_pdbx_nonpoly_scheme.auth_seq_num 
_pdbx_nonpoly_scheme.pdb_mon_id 
_pdbx_nonpoly_scheme.auth_mon_id 
_pdbx_nonpoly_scheme.pdb_strand_id 
_pdbx_nonpoly_scheme.pdb_ins_code 
B 2 FMN 1  101 101 FMN FMN A . 
C 3 HOH 1  201 9   HOH HOH A . 
C 3 HOH 2  202 22  HOH HOH A . 
C 3 HOH 3  203 31  HOH HOH A . 
C 3 HOH 4  204 3   HOH HOH A . 
C 3 HOH 5  205 21  HOH HOH A . 
C 3 HOH 6  206 16  HOH HOH A . 
C 3 HOH 7  207 11  HOH HOH A . 
C 3 HOH 8  208 28  HOH HOH A . 
C 3 HOH 9  209 15  HOH HOH A . 
C 3 HOH 10 210 10  HOH HOH A . 
C 3 HOH 11 211 24  HOH HOH A . 
C 3 HOH 12 212 17  HOH HOH A . 
C 3 HOH 13 213 2   HOH HOH A . 
C 3 HOH 14 214 4   HOH HOH A . 
C 3 HOH 15 215 30  HOH HOH A . 
C 3 HOH 16 216 5   HOH HOH A . 
C 3 HOH 17 217 6   HOH HOH A . 
C 3 HOH 18 218 1   HOH HOH A . 
C 3 HOH 19 219 23  HOH HOH A . 
C 3 HOH 20 220 29  HOH HOH A . 
C 3 HOH 21 221 27  HOH HOH A . 
C 3 HOH 22 222 26  HOH HOH A . 
C 3 HOH 23 223 25  HOH HOH A . 
# 
loop_
_software.citation_id 
_software.classification 
_software.compiler_name 
_software.compiler_version 
_software.contact_author 
_software.contact_author_email 
_software.date 
_software.description 
_software.dependencies 
_software.hardware 
_software.language 
_software.location 
_software.mods 
_software.name 
_software.os 
_software.os_version 
_software.type 
_software.version 
_software.pdbx_ordinal 
? refinement       ? ? ? ? ? ? ? ? ? ? ? REFMAC  ? ? ? 5.8.0350 1 
? 'data scaling'   ? ? ? ? ? ? ? ? ? ? ? Aimless ? ? ? .        2 
? phasing          ? ? ? ? ? ? ? ? ? ? ? PHASER  ? ? ? .        3 
? 'data reduction' ? ? ? ? ? ? ? ? ? ? ? XDS     ? ? ? .        4 
# 
_cell.angle_alpha                  90.00 
_cell.angle_alpha_esd              ? 
_cell.angle_beta                   90.00 
_cell.angle_beta_esd               ? 
_cell.angle_gamma                  120.00 
_cell.angle_gamma_esd              ? 
_cell.entry_id                     8P2A 
_cell.details                      ? 
_cell.formula_units_Z              ? 
_cell.length_a                     25.954 
_cell.length_a_esd                 ? 
_cell.length_b                     25.954 
_cell.length_b_esd                 ? 
_cell.length_c                     364.838 
_cell.length_c_esd                 ? 
_cell.volume                       ? 
_cell.volume_esd                   ? 
_cell.Z_PDB                        12 
_cell.reciprocal_angle_alpha       ? 
_cell.reciprocal_angle_beta        ? 
_cell.reciprocal_angle_gamma       ? 
_cell.reciprocal_angle_alpha_esd   ? 
_cell.reciprocal_angle_beta_esd    ? 
_cell.reciprocal_angle_gamma_esd   ? 
_cell.reciprocal_length_a          ? 
_cell.reciprocal_length_b          ? 
_cell.reciprocal_length_c          ? 
_cell.reciprocal_length_a_esd      ? 
_cell.reciprocal_length_b_esd      ? 
_cell.reciprocal_length_c_esd      ? 
_cell.pdbx_unique_axis             ? 
_cell.pdbx_esd_method              ? 
# 
_symmetry.entry_id                         8P2A 
_symmetry.cell_setting                     ? 
_symmetry.Int_Tables_number                179 
_symmetry.space_group_name_Hall            ? 
_symmetry.space_group_name_H-M             'P 65 2 2' 
_symmetry.pdbx_full_space_group_name_H-M   ? 
# 
_exptl.absorpt_coefficient_mu     ? 
_exptl.absorpt_correction_T_max   ? 
_exptl.absorpt_correction_T_min   ? 
_exptl.absorpt_correction_type    ? 
_exptl.absorpt_process_details    ? 
_exptl.entry_id                   8P2A 
_exptl.crystals_number            1 
_exptl.details                    ? 
_exptl.method                     'X-RAY DIFFRACTION' 
_exptl.method_details             ? 
# 
_exptl_crystal.colour                       ? 
_exptl_crystal.density_diffrn               ? 
_exptl_crystal.density_Matthews             1.9 
_exptl_crystal.density_method               ? 
_exptl_crystal.density_percent_sol          35 
_exptl_crystal.description                  ? 
_exptl_crystal.F_000                        ? 
_exptl_crystal.id                           1 
_exptl_crystal.preparation                  ? 
_exptl_crystal.size_max                     ? 
_exptl_crystal.size_mid                     ? 
_exptl_crystal.size_min                     ? 
_exptl_crystal.size_rad                     ? 
_exptl_crystal.colour_lustre                ? 
_exptl_crystal.colour_modifier              ? 
_exptl_crystal.colour_primary               ? 
_exptl_crystal.density_meas                 ? 
_exptl_crystal.density_meas_esd             ? 
_exptl_crystal.density_meas_gt              ? 
_exptl_crystal.density_meas_lt              ? 
_exptl_crystal.density_meas_temp            ? 
_exptl_crystal.density_meas_temp_esd        ? 
_exptl_crystal.density_meas_temp_gt         ? 
_exptl_crystal.density_meas_temp_lt         ? 
_exptl_crystal.pdbx_crystal_image_url       ? 
_exptl_crystal.pdbx_crystal_image_format    ? 
_exptl_crystal.pdbx_mosaicity               ? 
_exptl_crystal.pdbx_mosaicity_esd           ? 
_exptl_crystal.pdbx_mosaic_method           ? 
_exptl_crystal.pdbx_mosaic_block_size       ? 
_exptl_crystal.pdbx_mosaic_block_size_esd   ? 
# 
_exptl_crystal_grow.apparatus       ? 
_exptl_crystal_grow.atmosphere      ? 
_exptl_crystal_grow.crystal_id      1 
_exptl_crystal_grow.details         ? 
_exptl_crystal_grow.method          'VAPOR DIFFUSION, SITTING DROP' 
_exptl_crystal_grow.method_ref      ? 
_exptl_crystal_grow.pH              ? 
_exptl_crystal_grow.pressure        ? 
_exptl_crystal_grow.pressure_esd    ? 
_exptl_crystal_grow.seeding         ? 
_exptl_crystal_grow.seeding_ref     ? 
_exptl_crystal_grow.temp_details    ? 
_exptl_crystal_grow.temp_esd        ? 
_exptl_crystal_grow.time            ? 
_exptl_crystal_grow.pdbx_details    '38 - 42 % PEG3350, 0.05 M bis-tris' 
_exptl_crystal_grow.pdbx_pH_range   '6.5 - 7.0' 
_exptl_crystal_grow.temp            294 
# 
_diffrn.ambient_environment              ? 
_diffrn.ambient_temp                     100 
_diffrn.ambient_temp_details             ? 
_diffrn.ambient_temp_esd                 ? 
_diffrn.crystal_id                       1 
_diffrn.crystal_support                  ? 
_diffrn.crystal_treatment                ? 
_diffrn.details                          ? 
_diffrn.id                               1 
_diffrn.ambient_pressure                 ? 
_diffrn.ambient_pressure_esd             ? 
_diffrn.ambient_pressure_gt              ? 
_diffrn.ambient_pressure_lt              ? 
_diffrn.ambient_temp_gt                  ? 
_diffrn.ambient_temp_lt                  ? 
_diffrn.pdbx_serial_crystal_experiment   N 
# 
_diffrn_detector.details                      ? 
_diffrn_detector.detector                     PIXEL 
_diffrn_detector.diffrn_id                    1 
_diffrn_detector.type                         'DECTRIS PILATUS3 6M' 
_diffrn_detector.area_resol_mean              ? 
_diffrn_detector.dtime                        ? 
_diffrn_detector.pdbx_frames_total            ? 
_diffrn_detector.pdbx_collection_time_total   ? 
_diffrn_detector.pdbx_collection_date         2022-04-22 
_diffrn_detector.pdbx_frequency               ? 
_diffrn_detector.id                           ? 
_diffrn_detector.number_of_axes               ? 
# 
_diffrn_radiation.collimation                      ? 
_diffrn_radiation.diffrn_id                        1 
_diffrn_radiation.filter_edge                      ? 
_diffrn_radiation.inhomogeneity                    ? 
_diffrn_radiation.monochromator                    ? 
_diffrn_radiation.polarisn_norm                    ? 
_diffrn_radiation.polarisn_ratio                   ? 
_diffrn_radiation.probe                            ? 
_diffrn_radiation.type                             ? 
_diffrn_radiation.xray_symbol                      ? 
_diffrn_radiation.wavelength_id                    1 
_diffrn_radiation.pdbx_monochromatic_or_laue_m_l   M 
_diffrn_radiation.pdbx_wavelength_list             ? 
_diffrn_radiation.pdbx_wavelength                  ? 
_diffrn_radiation.pdbx_diffrn_protocol             'SINGLE WAVELENGTH' 
_diffrn_radiation.pdbx_analyzer                    ? 
_diffrn_radiation.pdbx_scattering_type             x-ray 
# 
_diffrn_radiation_wavelength.id           1 
_diffrn_radiation_wavelength.wavelength   0.9655 
_diffrn_radiation_wavelength.wt           1.0 
# 
_diffrn_source.current                     ? 
_diffrn_source.details                     ? 
_diffrn_source.diffrn_id                   1 
_diffrn_source.power                       ? 
_diffrn_source.size                        ? 
_diffrn_source.source                      SYNCHROTRON 
_diffrn_source.target                      ? 
_diffrn_source.type                        'ESRF BEAMLINE MASSIF-1' 
_diffrn_source.voltage                     ? 
_diffrn_source.take-off_angle              ? 
_diffrn_source.pdbx_wavelength_list        0.9655 
_diffrn_source.pdbx_wavelength             ? 
_diffrn_source.pdbx_synchrotron_beamline   MASSIF-1 
_diffrn_source.pdbx_synchrotron_site       ESRF 
# 
_reflns.B_iso_Wilson_estimate                          ? 
_reflns.entry_id                                       8P2A 
_reflns.data_reduction_details                         ? 
_reflns.data_reduction_method                          ? 
_reflns.d_resolution_high                              2.00 
_reflns.d_resolution_low                               45.60 
_reflns.details                                        ? 
_reflns.limit_h_max                                    ? 
_reflns.limit_h_min                                    ? 
_reflns.limit_k_max                                    ? 
_reflns.limit_k_min                                    ? 
_reflns.limit_l_max                                    ? 
_reflns.limit_l_min                                    ? 
_reflns.number_all                                     ? 
_reflns.number_obs                                     5999 
_reflns.observed_criterion                             ? 
_reflns.observed_criterion_F_max                       ? 
_reflns.observed_criterion_F_min                       ? 
_reflns.observed_criterion_I_max                       ? 
_reflns.observed_criterion_I_min                       ? 
_reflns.observed_criterion_sigma_F                     ? 
_reflns.observed_criterion_sigma_I                     ? 
_reflns.percent_possible_obs                           100.0 
_reflns.R_free_details                                 ? 
_reflns.Rmerge_F_all                                   ? 
_reflns.Rmerge_F_obs                                   ? 
_reflns.Friedel_coverage                               ? 
_reflns.number_gt                                      ? 
_reflns.threshold_expression                           ? 
_reflns.pdbx_redundancy                                13.1 
_reflns.pdbx_netI_over_av_sigmaI                       ? 
_reflns.pdbx_netI_over_sigmaI                          9.0 
_reflns.pdbx_res_netI_over_av_sigmaI_2                 ? 
_reflns.pdbx_res_netI_over_sigmaI_2                    ? 
_reflns.pdbx_chi_squared                               0.79 
_reflns.pdbx_scaling_rejects                           ? 
_reflns.pdbx_d_res_high_opt                            ? 
_reflns.pdbx_d_res_low_opt                             ? 
_reflns.pdbx_d_res_opt_method                          ? 
_reflns.phase_calculation_details                      ? 
_reflns.pdbx_Rrim_I_all                                0.146 
_reflns.pdbx_Rpim_I_all                                0.039 
_reflns.pdbx_d_opt                                     ? 
_reflns.pdbx_number_measured_all                       78876 
_reflns.pdbx_diffrn_id                                 1 
_reflns.pdbx_ordinal                                   1 
_reflns.pdbx_CC_half                                   0.996 
_reflns.pdbx_CC_star                                   ? 
_reflns.pdbx_R_split                                   ? 
_reflns.pdbx_Rmerge_I_obs                              0.140 
_reflns.pdbx_Rmerge_I_all                              ? 
_reflns.pdbx_Rsym_value                                ? 
_reflns.pdbx_CC_split_method                           ? 
_reflns.pdbx_aniso_diffraction_limit_axis_1_ortho[1]   ? 
_reflns.pdbx_aniso_diffraction_limit_axis_1_ortho[2]   ? 
_reflns.pdbx_aniso_diffraction_limit_axis_1_ortho[3]   ? 
_reflns.pdbx_aniso_diffraction_limit_axis_2_ortho[1]   ? 
_reflns.pdbx_aniso_diffraction_limit_axis_2_ortho[2]   ? 
_reflns.pdbx_aniso_diffraction_limit_axis_2_ortho[3]   ? 
_reflns.pdbx_aniso_diffraction_limit_axis_3_ortho[1]   ? 
_reflns.pdbx_aniso_diffraction_limit_axis_3_ortho[2]   ? 
_reflns.pdbx_aniso_diffraction_limit_axis_3_ortho[3]   ? 
_reflns.pdbx_aniso_diffraction_limit_1                 ? 
_reflns.pdbx_aniso_diffraction_limit_2                 ? 
_reflns.pdbx_aniso_diffraction_limit_3                 ? 
_reflns.pdbx_aniso_B_tensor_eigenvector_1_ortho[1]     ? 
_reflns.pdbx_aniso_B_tensor_eigenvector_1_ortho[2]     ? 
_reflns.pdbx_aniso_B_tensor_eigenvector_1_ortho[3]     ? 
_reflns.pdbx_aniso_B_tensor_eigenvector_2_ortho[1]     ? 
_reflns.pdbx_aniso_B_tensor_eigenvector_2_ortho[2]     ? 
_reflns.pdbx_aniso_B_tensor_eigenvector_2_ortho[3]     ? 
_reflns.pdbx_aniso_B_tensor_eigenvector_3_ortho[1]     ? 
_reflns.pdbx_aniso_B_tensor_eigenvector_3_ortho[2]     ? 
_reflns.pdbx_aniso_B_tensor_eigenvector_3_ortho[3]     ? 
_reflns.pdbx_aniso_B_tensor_eigenvalue_1               ? 
_reflns.pdbx_aniso_B_tensor_eigenvalue_2               ? 
_reflns.pdbx_aniso_B_tensor_eigenvalue_3               ? 
_reflns.pdbx_orthogonalization_convention              ? 
_reflns.pdbx_percent_possible_ellipsoidal              ? 
_reflns.pdbx_percent_possible_spherical                ? 
_reflns.pdbx_percent_possible_ellipsoidal_anomalous    ? 
_reflns.pdbx_percent_possible_spherical_anomalous      ? 
_reflns.pdbx_redundancy_anomalous                      ? 
_reflns.pdbx_CC_half_anomalous                         ? 
_reflns.pdbx_absDiff_over_sigma_anomalous              ? 
_reflns.pdbx_percent_possible_anomalous                ? 
_reflns.pdbx_observed_signal_threshold                 ? 
_reflns.pdbx_signal_type                               ? 
_reflns.pdbx_signal_details                            ? 
_reflns.pdbx_signal_software_id                        ? 
# 
_reflns_shell.d_res_high                                    2.00 
_reflns_shell.d_res_low                                     2.05 
_reflns_shell.meanI_over_sigI_all                           ? 
_reflns_shell.meanI_over_sigI_obs                           ? 
_reflns_shell.number_measured_all                           4505 
_reflns_shell.number_measured_obs                           ? 
_reflns_shell.number_possible                               ? 
_reflns_shell.number_unique_all                             ? 
_reflns_shell.number_unique_obs                             408 
_reflns_shell.percent_possible_obs                          100.0 
_reflns_shell.Rmerge_F_all                                  ? 
_reflns_shell.Rmerge_F_obs                                  ? 
_reflns_shell.meanI_over_sigI_gt                            ? 
_reflns_shell.meanI_over_uI_all                             ? 
_reflns_shell.meanI_over_uI_gt                              ? 
_reflns_shell.number_measured_gt                            ? 
_reflns_shell.number_unique_gt                              ? 
_reflns_shell.percent_possible_gt                           ? 
_reflns_shell.Rmerge_F_gt                                   ? 
_reflns_shell.Rmerge_I_gt                                   ? 
_reflns_shell.pdbx_redundancy                               11.0 
_reflns_shell.pdbx_chi_squared                              0.37 
_reflns_shell.pdbx_netI_over_sigmaI_all                     ? 
_reflns_shell.pdbx_netI_over_sigmaI_obs                     2.4 
_reflns_shell.pdbx_Rrim_I_all                               0.473 
_reflns_shell.pdbx_Rpim_I_all                               0.137 
_reflns_shell.pdbx_rejects                                  ? 
_reflns_shell.pdbx_ordinal                                  1 
_reflns_shell.pdbx_diffrn_id                                1 
_reflns_shell.pdbx_CC_half                                  0.982 
_reflns_shell.pdbx_CC_star                                  ? 
_reflns_shell.pdbx_R_split                                  ? 
_reflns_shell.percent_possible_all                          ? 
_reflns_shell.Rmerge_I_all                                  ? 
_reflns_shell.Rmerge_I_obs                                  0.452 
_reflns_shell.pdbx_Rsym_value                               ? 
_reflns_shell.pdbx_percent_possible_ellipsoidal             ? 
_reflns_shell.pdbx_percent_possible_spherical               ? 
_reflns_shell.pdbx_percent_possible_ellipsoidal_anomalous   ? 
_reflns_shell.pdbx_percent_possible_spherical_anomalous     ? 
_reflns_shell.pdbx_redundancy_anomalous                     ? 
_reflns_shell.pdbx_CC_half_anomalous                        ? 
_reflns_shell.pdbx_absDiff_over_sigma_anomalous             ? 
_reflns_shell.pdbx_percent_possible_anomalous               ? 
# 
_refine.aniso_B[1][1]                            0.28 
_refine.aniso_B[1][2]                            0.14 
_refine.aniso_B[1][3]                            0.00 
_refine.aniso_B[2][2]                            0.28 
_refine.aniso_B[2][3]                            0.00 
_refine.aniso_B[3][3]                            -0.92 
_refine.B_iso_max                                ? 
_refine.B_iso_mean                               46.793 
_refine.B_iso_min                                ? 
_refine.correlation_coeff_Fo_to_Fc               0.948 
_refine.correlation_coeff_Fo_to_Fc_free          0.915 
_refine.details                                  'HYDROGENS HAVE BEEN ADDED IN THE RIDING POSITIONS' 
_refine.diff_density_max                         ? 
_refine.diff_density_max_esd                     ? 
_refine.diff_density_min                         ? 
_refine.diff_density_min_esd                     ? 
_refine.diff_density_rms                         ? 
_refine.diff_density_rms_esd                     ? 
_refine.entry_id                                 8P2A 
_refine.pdbx_refine_id                           'X-RAY DIFFRACTION' 
_refine.ls_abs_structure_details                 ? 
_refine.ls_abs_structure_Flack                   ? 
_refine.ls_abs_structure_Flack_esd               ? 
_refine.ls_abs_structure_Rogers                  ? 
_refine.ls_abs_structure_Rogers_esd              ? 
_refine.ls_d_res_high                            2.00 
_refine.ls_d_res_low                             30.42 
_refine.ls_extinction_coef                       ? 
_refine.ls_extinction_coef_esd                   ? 
_refine.ls_extinction_expression                 ? 
_refine.ls_extinction_method                     ? 
_refine.ls_goodness_of_fit_all                   ? 
_refine.ls_goodness_of_fit_all_esd               ? 
_refine.ls_goodness_of_fit_obs                   ? 
_refine.ls_goodness_of_fit_obs_esd               ? 
_refine.ls_hydrogen_treatment                    ? 
_refine.ls_matrix_type                           ? 
_refine.ls_number_constraints                    ? 
_refine.ls_number_parameters                     ? 
_refine.ls_number_reflns_all                     ? 
_refine.ls_number_reflns_obs                     5592 
_refine.ls_number_reflns_R_free                  260 
_refine.ls_number_reflns_R_work                  ? 
_refine.ls_number_restraints                     ? 
_refine.ls_percent_reflns_obs                    99.98 
_refine.ls_percent_reflns_R_free                 4.4 
_refine.ls_R_factor_all                          ? 
_refine.ls_R_factor_obs                          0.23395 
_refine.ls_R_factor_R_free                       0.29763 
_refine.ls_R_factor_R_free_error                 ? 
_refine.ls_R_factor_R_free_error_details         ? 
_refine.ls_R_factor_R_work                       0.23097 
_refine.ls_R_Fsqd_factor_obs                     ? 
_refine.ls_R_I_factor_obs                        ? 
_refine.ls_redundancy_reflns_all                 ? 
_refine.ls_redundancy_reflns_obs                 ? 
_refine.ls_restrained_S_all                      ? 
_refine.ls_restrained_S_obs                      ? 
_refine.ls_shift_over_esd_max                    ? 
_refine.ls_shift_over_esd_mean                   ? 
_refine.ls_structure_factor_coef                 ? 
_refine.ls_weighting_details                     ? 
_refine.ls_weighting_scheme                      ? 
_refine.ls_wR_factor_all                         ? 
_refine.ls_wR_factor_obs                         ? 
_refine.ls_wR_factor_R_free                      ? 
_refine.ls_wR_factor_R_work                      ? 
_refine.occupancy_max                            ? 
_refine.occupancy_min                            ? 
_refine.solvent_model_details                    MASK 
_refine.solvent_model_param_bsol                 ? 
_refine.solvent_model_param_ksol                 ? 
_refine.pdbx_R_complete                          ? 
_refine.ls_R_factor_gt                           ? 
_refine.ls_goodness_of_fit_gt                    ? 
_refine.ls_goodness_of_fit_ref                   ? 
_refine.ls_shift_over_su_max                     ? 
_refine.ls_shift_over_su_max_lt                  ? 
_refine.ls_shift_over_su_mean                    ? 
_refine.ls_shift_over_su_mean_lt                 ? 
_refine.pdbx_ls_sigma_I                          ? 
_refine.pdbx_ls_sigma_F                          ? 
_refine.pdbx_ls_sigma_Fsqd                       ? 
_refine.pdbx_data_cutoff_high_absF               ? 
_refine.pdbx_data_cutoff_high_rms_absF           ? 
_refine.pdbx_data_cutoff_low_absF                ? 
_refine.pdbx_isotropic_thermal_model             ? 
_refine.pdbx_ls_cross_valid_method               THROUGHOUT 
_refine.pdbx_method_to_determine_struct          'MOLECULAR REPLACEMENT' 
_refine.pdbx_starting_model                      ? 
_refine.pdbx_stereochemistry_target_values       'MAXIMUM LIKELIHOOD' 
_refine.pdbx_R_Free_selection_details            RANDOM 
_refine.pdbx_stereochem_target_val_spec_case     ? 
_refine.pdbx_overall_ESU_R                       0.228 
_refine.pdbx_overall_ESU_R_Free                  0.211 
_refine.pdbx_solvent_vdw_probe_radii             1.20 
_refine.pdbx_solvent_ion_probe_radii             0.80 
_refine.pdbx_solvent_shrinkage_radii             0.80 
_refine.pdbx_real_space_R                        ? 
_refine.pdbx_density_correlation                 ? 
_refine.pdbx_pd_number_of_powder_patterns        ? 
_refine.pdbx_pd_number_of_points                 ? 
_refine.pdbx_pd_meas_number_of_points            ? 
_refine.pdbx_pd_proc_ls_prof_R_factor            ? 
_refine.pdbx_pd_proc_ls_prof_wR_factor           ? 
_refine.pdbx_pd_Marquardt_correlation_coeff      ? 
_refine.pdbx_pd_Fsqrd_R_factor                   ? 
_refine.pdbx_pd_ls_matrix_band_width             ? 
_refine.pdbx_overall_phase_error                 ? 
_refine.pdbx_overall_SU_R_free_Cruickshank_DPI   ? 
_refine.pdbx_overall_SU_R_free_Blow_DPI          ? 
_refine.pdbx_overall_SU_R_Blow_DPI               ? 
_refine.pdbx_TLS_residual_ADP_flag               ? 
_refine.pdbx_diffrn_id                           1 
_refine.overall_SU_B                             14.400 
_refine.overall_SU_ML                            0.208 
_refine.overall_SU_R_Cruickshank_DPI             ? 
_refine.overall_SU_R_free                        ? 
_refine.overall_FOM_free_R_set                   ? 
_refine.overall_FOM_work_R_set                   ? 
_refine.pdbx_average_fsc_overall                 ? 
_refine.pdbx_average_fsc_work                    ? 
_refine.pdbx_average_fsc_free                    ? 
# 
_refine_hist.pdbx_refine_id                   'X-RAY DIFFRACTION' 
_refine_hist.cycle_id                         1 
_refine_hist.details                          ? 
_refine_hist.d_res_high                       2.00 
_refine_hist.d_res_low                        30.42 
_refine_hist.number_atoms_solvent             23 
_refine_hist.number_atoms_total               680 
_refine_hist.number_reflns_all                ? 
_refine_hist.number_reflns_obs                ? 
_refine_hist.number_reflns_R_free             ? 
_refine_hist.number_reflns_R_work             ? 
_refine_hist.R_factor_all                     ? 
_refine_hist.R_factor_obs                     ? 
_refine_hist.R_factor_R_free                  ? 
_refine_hist.R_factor_R_work                  ? 
_refine_hist.pdbx_number_residues_total       ? 
_refine_hist.pdbx_B_iso_mean_ligand           ? 
_refine_hist.pdbx_B_iso_mean_solvent          ? 
_refine_hist.pdbx_number_atoms_protein        627 
_refine_hist.pdbx_number_atoms_nucleic_acid   0 
_refine_hist.pdbx_number_atoms_ligand         30 
_refine_hist.pdbx_number_atoms_lipid          ? 
_refine_hist.pdbx_number_atoms_carb           ? 
_refine_hist.pdbx_pseudo_atom_details         ? 
# 
loop_
_refine_ls_restr.pdbx_refine_id 
_refine_ls_restr.criterion 
_refine_ls_restr.dev_ideal 
_refine_ls_restr.dev_ideal_target 
_refine_ls_restr.number 
_refine_ls_restr.rejects 
_refine_ls_restr.type 
_refine_ls_restr.weight 
_refine_ls_restr.pdbx_restraint_function 
'X-RAY DIFFRACTION' ? 0.008  0.012  665  ? r_bond_refined_d             ? ? 
'X-RAY DIFFRACTION' ? 0.001  0.016  613  ? r_bond_other_d               ? ? 
'X-RAY DIFFRACTION' ? 1.510  1.643  904  ? r_angle_refined_deg          ? ? 
'X-RAY DIFFRACTION' ? 0.474  1.560  1428 ? r_angle_other_deg            ? ? 
'X-RAY DIFFRACTION' ? 7.062  5.000  88   ? r_dihedral_angle_1_deg       ? ? 
'X-RAY DIFFRACTION' ? 17.203 10.000 3    ? r_dihedral_angle_2_deg       ? ? 
'X-RAY DIFFRACTION' ? 16.228 10.000 103  ? r_dihedral_angle_3_deg       ? ? 
'X-RAY DIFFRACTION' ? ?      ?      ?    ? r_dihedral_angle_4_deg       ? ? 
'X-RAY DIFFRACTION' ? 0.064  0.200  108  ? r_chiral_restr               ? ? 
'X-RAY DIFFRACTION' ? 0.009  0.020  759  ? r_gen_planes_refined         ? ? 
'X-RAY DIFFRACTION' ? 0.001  0.020  109  ? r_gen_planes_other           ? ? 
'X-RAY DIFFRACTION' ? ?      ?      ?    ? r_nbd_refined                ? ? 
'X-RAY DIFFRACTION' ? ?      ?      ?    ? r_nbd_other                  ? ? 
'X-RAY DIFFRACTION' ? ?      ?      ?    ? r_nbtor_refined              ? ? 
'X-RAY DIFFRACTION' ? ?      ?      ?    ? r_nbtor_other                ? ? 
'X-RAY DIFFRACTION' ? ?      ?      ?    ? r_xyhbond_nbd_refined        ? ? 
'X-RAY DIFFRACTION' ? ?      ?      ?    ? r_xyhbond_nbd_other          ? ? 
'X-RAY DIFFRACTION' ? ?      ?      ?    ? r_metal_ion_refined          ? ? 
'X-RAY DIFFRACTION' ? ?      ?      ?    ? r_metal_ion_other            ? ? 
'X-RAY DIFFRACTION' ? ?      ?      ?    ? r_symmetry_vdw_refined       ? ? 
'X-RAY DIFFRACTION' ? ?      ?      ?    ? r_symmetry_vdw_other         ? ? 
'X-RAY DIFFRACTION' ? ?      ?      ?    ? r_symmetry_hbond_refined     ? ? 
'X-RAY DIFFRACTION' ? ?      ?      ?    ? r_symmetry_hbond_other       ? ? 
'X-RAY DIFFRACTION' ? ?      ?      ?    ? r_symmetry_metal_ion_refined ? ? 
'X-RAY DIFFRACTION' ? ?      ?      ?    ? r_symmetry_metal_ion_other   ? ? 
'X-RAY DIFFRACTION' ? 1.730  2.093  355  ? r_mcbond_it                  ? ? 
'X-RAY DIFFRACTION' ? 1.729  2.093  355  ? r_mcbond_other               ? ? 
'X-RAY DIFFRACTION' ? 2.463  3.137  442  ? r_mcangle_it                 ? ? 
'X-RAY DIFFRACTION' ? 2.461  3.134  443  ? r_mcangle_other              ? ? 
'X-RAY DIFFRACTION' ? 2.192  2.386  310  ? r_scbond_it                  ? ? 
'X-RAY DIFFRACTION' ? 2.121  2.374  308  ? r_scbond_other               ? ? 
'X-RAY DIFFRACTION' ? ?      ?      ?    ? r_scangle_it                 ? ? 
'X-RAY DIFFRACTION' ? 2.907  3.494  463  ? r_scangle_other              ? ? 
'X-RAY DIFFRACTION' ? 5.224  30.063 799  ? r_long_range_B_refined       ? ? 
'X-RAY DIFFRACTION' ? 5.190  29.961 797  ? r_long_range_B_other         ? ? 
'X-RAY DIFFRACTION' ? ?      ?      ?    ? r_rigid_bond_restr           ? ? 
'X-RAY DIFFRACTION' ? ?      ?      ?    ? r_sphericity_free            ? ? 
'X-RAY DIFFRACTION' ? ?      ?      ?    ? r_sphericity_bonded          ? ? 
# 
_refine_ls_shell.pdbx_refine_id                   'X-RAY DIFFRACTION' 
_refine_ls_shell.d_res_high                       2.001 
_refine_ls_shell.d_res_low                        2.053 
_refine_ls_shell.number_reflns_all                ? 
_refine_ls_shell.number_reflns_obs                ? 
_refine_ls_shell.number_reflns_R_free             10 
_refine_ls_shell.number_reflns_R_work             389 
_refine_ls_shell.percent_reflns_obs               100.00 
_refine_ls_shell.percent_reflns_R_free            ? 
_refine_ls_shell.R_factor_all                     ? 
_refine_ls_shell.R_factor_obs                     ? 
_refine_ls_shell.R_factor_R_free_error            ? 
_refine_ls_shell.R_factor_R_work                  0.264 
_refine_ls_shell.redundancy_reflns_all            ? 
_refine_ls_shell.redundancy_reflns_obs            ? 
_refine_ls_shell.wR_factor_all                    ? 
_refine_ls_shell.wR_factor_obs                    ? 
_refine_ls_shell.wR_factor_R_free                 ? 
_refine_ls_shell.wR_factor_R_work                 ? 
_refine_ls_shell.pdbx_R_complete                  ? 
_refine_ls_shell.pdbx_total_number_of_bins_used   20 
_refine_ls_shell.pdbx_phase_error                 ? 
_refine_ls_shell.pdbx_fsc_work                    ? 
_refine_ls_shell.pdbx_fsc_free                    ? 
_refine_ls_shell.R_factor_R_free                  0.478 
# 
_struct.entry_id                     8P2A 
_struct.title                        'Crystal structure of SaFMN3 domain 2' 
_struct.pdbx_model_details           ? 
_struct.pdbx_formula_weight          ? 
_struct.pdbx_formula_weight_method   ? 
_struct.pdbx_model_type_details      ? 
_struct.pdbx_CASP_flag               N 
# 
_struct_keywords.entry_id        8P2A 
_struct_keywords.text            'multi-flavinylated protein, FMN, post-translational, FLAVOPROTEIN' 
_struct_keywords.pdbx_keywords   FLAVOPROTEIN 
# 
loop_
_struct_asym.id 
_struct_asym.pdbx_blank_PDB_chainid_flag 
_struct_asym.pdbx_modified 
_struct_asym.entity_id 
_struct_asym.details 
A N N 1 ? 
B N N 2 ? 
C N N 3 ? 
# 
_struct_ref.id                         1 
_struct_ref.db_name                    UNP 
_struct_ref.db_code                    A0A0K8PVQ4_STRAJ 
_struct_ref.pdbx_db_accession          A0A0K8PVQ4 
_struct_ref.pdbx_db_isoform            ? 
_struct_ref.entity_id                  1 
_struct_ref.pdbx_seq_one_letter_code   
;AQTVTGDVAQTQYGPVQVRITVAGGKITKAEAVQAPKGGRSDQITSASVPRLNQAAVAAGSAEIDAVSGATYTSAGYKKS
LQSALDKA
;
_struct_ref.pdbx_align_begin           157 
# 
_struct_ref_seq.align_id                      1 
_struct_ref_seq.ref_id                        1 
_struct_ref_seq.pdbx_PDB_id_code              8P2A 
_struct_ref_seq.pdbx_strand_id                A 
_struct_ref_seq.seq_align_beg                 2 
_struct_ref_seq.pdbx_seq_align_beg_ins_code   ? 
_struct_ref_seq.seq_align_end                 89 
_struct_ref_seq.pdbx_seq_align_end_ins_code   ? 
_struct_ref_seq.pdbx_db_accession             A0A0K8PVQ4 
_struct_ref_seq.db_align_beg                  157 
_struct_ref_seq.pdbx_db_align_beg_ins_code    ? 
_struct_ref_seq.db_align_end                  244 
_struct_ref_seq.pdbx_db_align_end_ins_code    ? 
_struct_ref_seq.pdbx_auth_seq_align_beg       2 
_struct_ref_seq.pdbx_auth_seq_align_end       89 
# 
_struct_ref_seq_dif.align_id                     1 
_struct_ref_seq_dif.pdbx_pdb_id_code             8P2A 
_struct_ref_seq_dif.mon_id                       MET 
_struct_ref_seq_dif.pdbx_pdb_strand_id           A 
_struct_ref_seq_dif.seq_num                      1 
_struct_ref_seq_dif.pdbx_pdb_ins_code            ? 
_struct_ref_seq_dif.pdbx_seq_db_name             UNP 
_struct_ref_seq_dif.pdbx_seq_db_accession_code   A0A0K8PVQ4 
_struct_ref_seq_dif.db_mon_id                    ? 
_struct_ref_seq_dif.pdbx_seq_db_seq_num          ? 
_struct_ref_seq_dif.details                      'initiating methionine' 
_struct_ref_seq_dif.pdbx_auth_seq_num            1 
_struct_ref_seq_dif.pdbx_ordinal                 1 
# 
_pdbx_struct_assembly.id                   1 
_pdbx_struct_assembly.details              author_and_software_defined_assembly 
_pdbx_struct_assembly.method_details       PISA 
_pdbx_struct_assembly.oligomeric_details   monomeric 
_pdbx_struct_assembly.oligomeric_count     1 
# 
loop_
_pdbx_struct_assembly_prop.biol_id 
_pdbx_struct_assembly_prop.type 
_pdbx_struct_assembly_prop.value 
_pdbx_struct_assembly_prop.details 
1 'ABSA (A^2)' 630  ? 
1 MORE         0    ? 
1 'SSA (A^2)'  4830 ? 
# 
_pdbx_struct_assembly_gen.assembly_id       1 
_pdbx_struct_assembly_gen.oper_expression   1 
_pdbx_struct_assembly_gen.asym_id_list      A,B,C 
# 
_pdbx_struct_assembly_auth_evidence.id                     1 
_pdbx_struct_assembly_auth_evidence.assembly_id            1 
_pdbx_struct_assembly_auth_evidence.experimental_support   'gel filtration' 
_pdbx_struct_assembly_auth_evidence.details                ? 
# 
_pdbx_struct_oper_list.id                   1 
_pdbx_struct_oper_list.type                 'identity operation' 
_pdbx_struct_oper_list.name                 1_555 
_pdbx_struct_oper_list.symmetry_operation   x,y,z 
_pdbx_struct_oper_list.matrix[1][1]         1.0000000000 
_pdbx_struct_oper_list.matrix[1][2]         0.0000000000 
_pdbx_struct_oper_list.matrix[1][3]         0.0000000000 
_pdbx_struct_oper_list.vector[1]            0.0000000000 
_pdbx_struct_oper_list.matrix[2][1]         0.0000000000 
_pdbx_struct_oper_list.matrix[2][2]         1.0000000000 
_pdbx_struct_oper_list.matrix[2][3]         0.0000000000 
_pdbx_struct_oper_list.vector[2]            0.0000000000 
_pdbx_struct_oper_list.matrix[3][1]         0.0000000000 
_pdbx_struct_oper_list.matrix[3][2]         0.0000000000 
_pdbx_struct_oper_list.matrix[3][3]         1.0000000000 
_pdbx_struct_oper_list.vector[3]            0.0000000000 
# 
loop_
_struct_conf.conf_type_id 
_struct_conf.id 
_struct_conf.pdbx_PDB_helix_id 
_struct_conf.beg_label_comp_id 
_struct_conf.beg_label_asym_id 
_struct_conf.beg_label_seq_id 
_struct_conf.pdbx_beg_PDB_ins_code 
_struct_conf.end_label_comp_id 
_struct_conf.end_label_asym_id 
_struct_conf.end_label_seq_id 
_struct_conf.pdbx_end_PDB_ins_code 
_struct_conf.beg_auth_comp_id 
_struct_conf.beg_auth_asym_id 
_struct_conf.beg_auth_seq_id 
_struct_conf.end_auth_comp_id 
_struct_conf.end_auth_asym_id 
_struct_conf.end_auth_seq_id 
_struct_conf.pdbx_PDB_helix_class 
_struct_conf.details 
_struct_conf.pdbx_PDB_helix_length 
HELX_P HELX_P1 AA1 GLY A 40 ? GLY A 61 ? GLY A 40 GLY A 61 1 ? 22 
HELX_P HELX_P2 AA2 ALA A 71 ? LYS A 88 ? ALA A 71 LYS A 88 1 ? 18 
# 
_struct_conf_type.id          HELX_P 
_struct_conf_type.criteria    ? 
_struct_conf_type.reference   ? 
# 
_struct_conn.id                            covale1 
_struct_conn.conn_type_id                  covale 
_struct_conn.pdbx_leaving_atom_flag        none 
_struct_conn.pdbx_PDB_id                   ? 
_struct_conn.ptnr1_label_asym_id           A 
_struct_conn.ptnr1_label_comp_id           THR 
_struct_conn.ptnr1_label_seq_id            72 
_struct_conn.ptnr1_label_atom_id           OG1 
_struct_conn.pdbx_ptnr1_label_alt_id       ? 
_struct_conn.pdbx_ptnr1_PDB_ins_code       ? 
_struct_conn.pdbx_ptnr1_standard_comp_id   ? 
_struct_conn.ptnr1_symmetry                1_555 
_struct_conn.ptnr2_label_asym_id           B 
_struct_conn.ptnr2_label_comp_id           FMN 
_struct_conn.ptnr2_label_seq_id            . 
_struct_conn.ptnr2_label_atom_id           P 
_struct_conn.pdbx_ptnr2_label_alt_id       ? 
_struct_conn.pdbx_ptnr2_PDB_ins_code       ? 
_struct_conn.ptnr1_auth_asym_id            A 
_struct_conn.ptnr1_auth_comp_id            THR 
_struct_conn.ptnr1_auth_seq_id             72 
_struct_conn.ptnr2_auth_asym_id            A 
_struct_conn.ptnr2_auth_comp_id            FMN 
_struct_conn.ptnr2_auth_seq_id             101 
_struct_conn.ptnr2_symmetry                1_555 
_struct_conn.pdbx_ptnr3_label_atom_id      ? 
_struct_conn.pdbx_ptnr3_label_seq_id       ? 
_struct_conn.pdbx_ptnr3_label_comp_id      ? 
_struct_conn.pdbx_ptnr3_label_asym_id      ? 
_struct_conn.pdbx_ptnr3_label_alt_id       ? 
_struct_conn.pdbx_ptnr3_PDB_ins_code       ? 
_struct_conn.details                       ? 
_struct_conn.pdbx_dist_value               1.589 
_struct_conn.pdbx_value_order              ? 
_struct_conn.pdbx_role                     ? 
# 
_struct_conn_type.id          covale 
_struct_conn_type.criteria    ? 
_struct_conn_type.reference   ? 
# 
_pdbx_modification_feature.ordinal                            1 
_pdbx_modification_feature.label_comp_id                      FMN 
_pdbx_modification_feature.label_asym_id                      B 
_pdbx_modification_feature.label_seq_id                       . 
_pdbx_modification_feature.label_alt_id                       ? 
_pdbx_modification_feature.modified_residue_label_comp_id     THR 
_pdbx_modification_feature.modified_residue_label_asym_id     A 
_pdbx_modification_feature.modified_residue_label_seq_id      72 
_pdbx_modification_feature.modified_residue_label_alt_id      ? 
_pdbx_modification_feature.auth_comp_id                       FMN 
_pdbx_modification_feature.auth_asym_id                       A 
_pdbx_modification_feature.auth_seq_id                        101 
_pdbx_modification_feature.PDB_ins_code                       ? 
_pdbx_modification_feature.symmetry                           1_555 
_pdbx_modification_feature.modified_residue_auth_comp_id      THR 
_pdbx_modification_feature.modified_residue_auth_asym_id      A 
_pdbx_modification_feature.modified_residue_auth_seq_id       72 
_pdbx_modification_feature.modified_residue_PDB_ins_code      ? 
_pdbx_modification_feature.modified_residue_symmetry          1_555 
_pdbx_modification_feature.comp_id_linking_atom               P 
_pdbx_modification_feature.modified_residue_id_linking_atom   OG1 
_pdbx_modification_feature.modified_residue_id                THR 
_pdbx_modification_feature.ref_pcm_id                         2 
_pdbx_modification_feature.ref_comp_id                        FMN 
_pdbx_modification_feature.type                               None 
_pdbx_modification_feature.category                           Flavin 
# 
_struct_sheet.id               AA1 
_struct_sheet.type             ? 
_struct_sheet.number_strands   3 
_struct_sheet.details          ? 
# 
loop_
_struct_sheet_order.sheet_id 
_struct_sheet_order.range_id_1 
_struct_sheet_order.range_id_2 
_struct_sheet_order.offset 
_struct_sheet_order.sense 
AA1 1 2 ? anti-parallel 
AA1 2 3 ? anti-parallel 
# 
loop_
_struct_sheet_range.sheet_id 
_struct_sheet_range.id 
_struct_sheet_range.beg_label_comp_id 
_struct_sheet_range.beg_label_asym_id 
_struct_sheet_range.beg_label_seq_id 
_struct_sheet_range.pdbx_beg_PDB_ins_code 
_struct_sheet_range.end_label_comp_id 
_struct_sheet_range.end_label_asym_id 
_struct_sheet_range.end_label_seq_id 
_struct_sheet_range.pdbx_end_PDB_ins_code 
_struct_sheet_range.beg_auth_comp_id 
_struct_sheet_range.beg_auth_asym_id 
_struct_sheet_range.beg_auth_seq_id 
_struct_sheet_range.end_auth_comp_id 
_struct_sheet_range.end_auth_asym_id 
_struct_sheet_range.end_auth_seq_id 
AA1 1 ALA A 2  ? THR A 6  ? ALA A 2  THR A 6  
AA1 2 GLN A 18 ? ALA A 24 ? GLN A 18 ALA A 24 
AA1 3 LYS A 27 ? GLN A 35 ? LYS A 27 GLN A 35 
# 
loop_
_pdbx_struct_sheet_hbond.sheet_id 
_pdbx_struct_sheet_hbond.range_id_1 
_pdbx_struct_sheet_hbond.range_id_2 
_pdbx_struct_sheet_hbond.range_1_label_atom_id 
_pdbx_struct_sheet_hbond.range_1_label_comp_id 
_pdbx_struct_sheet_hbond.range_1_label_asym_id 
_pdbx_struct_sheet_hbond.range_1_label_seq_id 
_pdbx_struct_sheet_hbond.range_1_PDB_ins_code 
_pdbx_struct_sheet_hbond.range_1_auth_atom_id 
_pdbx_struct_sheet_hbond.range_1_auth_comp_id 
_pdbx_struct_sheet_hbond.range_1_auth_asym_id 
_pdbx_struct_sheet_hbond.range_1_auth_seq_id 
_pdbx_struct_sheet_hbond.range_2_label_atom_id 
_pdbx_struct_sheet_hbond.range_2_label_comp_id 
_pdbx_struct_sheet_hbond.range_2_label_asym_id 
_pdbx_struct_sheet_hbond.range_2_label_seq_id 
_pdbx_struct_sheet_hbond.range_2_PDB_ins_code 
_pdbx_struct_sheet_hbond.range_2_auth_atom_id 
_pdbx_struct_sheet_hbond.range_2_auth_comp_id 
_pdbx_struct_sheet_hbond.range_2_auth_asym_id 
_pdbx_struct_sheet_hbond.range_2_auth_seq_id 
AA1 1 2 N GLN A 3  ? N GLN A 3  O VAL A 23 ? O VAL A 23 
AA1 2 3 N ARG A 20 ? N ARG A 20 O GLU A 32 ? O GLU A 32 
# 
_pdbx_entry_details.entry_id                   8P2A 
_pdbx_entry_details.has_ligand_of_interest     Y 
_pdbx_entry_details.compound_details           ? 
_pdbx_entry_details.source_details             ? 
_pdbx_entry_details.nonpolymer_details         ? 
_pdbx_entry_details.sequence_details           ? 
_pdbx_entry_details.has_protein_modification   Y 
# 
_pdbx_validate_torsion.id              1 
_pdbx_validate_torsion.PDB_model_num   1 
_pdbx_validate_torsion.auth_comp_id    ALA 
_pdbx_validate_torsion.auth_asym_id    A 
_pdbx_validate_torsion.auth_seq_id     71 
_pdbx_validate_torsion.PDB_ins_code    ? 
_pdbx_validate_torsion.label_alt_id    ? 
_pdbx_validate_torsion.phi             -143.74 
_pdbx_validate_torsion.psi             43.84 
# 
_pdbx_validate_planes.id              1 
_pdbx_validate_planes.PDB_model_num   1 
_pdbx_validate_planes.auth_comp_id    ARG 
_pdbx_validate_planes.auth_asym_id    A 
_pdbx_validate_planes.auth_seq_id     41 
_pdbx_validate_planes.PDB_ins_code    ? 
_pdbx_validate_planes.label_alt_id    ? 
_pdbx_validate_planes.rmsd            0.142 
_pdbx_validate_planes.type            'SIDE CHAIN' 
# 
_pdbx_struct_special_symmetry.id              1 
_pdbx_struct_special_symmetry.PDB_model_num   1 
_pdbx_struct_special_symmetry.auth_asym_id    A 
_pdbx_struct_special_symmetry.auth_comp_id    HOH 
_pdbx_struct_special_symmetry.auth_seq_id     206 
_pdbx_struct_special_symmetry.PDB_ins_code    ? 
_pdbx_struct_special_symmetry.label_asym_id   C 
_pdbx_struct_special_symmetry.label_comp_id   HOH 
_pdbx_struct_special_symmetry.label_seq_id    . 
# 
loop_
_pdbx_refine_tls.id 
_pdbx_refine_tls.pdbx_refine_id 
_pdbx_refine_tls.details 
_pdbx_refine_tls.method 
_pdbx_refine_tls.origin_x 
_pdbx_refine_tls.origin_y 
_pdbx_refine_tls.origin_z 
_pdbx_refine_tls.T[1][1] 
_pdbx_refine_tls.T[1][1]_esd 
_pdbx_refine_tls.T[1][2] 
_pdbx_refine_tls.T[1][2]_esd 
_pdbx_refine_tls.T[1][3] 
_pdbx_refine_tls.T[1][3]_esd 
_pdbx_refine_tls.T[2][2] 
_pdbx_refine_tls.T[2][2]_esd 
_pdbx_refine_tls.T[2][3] 
_pdbx_refine_tls.T[2][3]_esd 
_pdbx_refine_tls.T[3][3] 
_pdbx_refine_tls.T[3][3]_esd 
_pdbx_refine_tls.L[1][1] 
_pdbx_refine_tls.L[1][1]_esd 
_pdbx_refine_tls.L[1][2] 
_pdbx_refine_tls.L[1][2]_esd 
_pdbx_refine_tls.L[1][3] 
_pdbx_refine_tls.L[1][3]_esd 
_pdbx_refine_tls.L[2][2] 
_pdbx_refine_tls.L[2][2]_esd 
_pdbx_refine_tls.L[2][3] 
_pdbx_refine_tls.L[2][3]_esd 
_pdbx_refine_tls.L[3][3] 
_pdbx_refine_tls.L[3][3]_esd 
_pdbx_refine_tls.S[1][1] 
_pdbx_refine_tls.S[1][1]_esd 
_pdbx_refine_tls.S[1][2] 
_pdbx_refine_tls.S[1][2]_esd 
_pdbx_refine_tls.S[1][3] 
_pdbx_refine_tls.S[1][3]_esd 
_pdbx_refine_tls.S[2][1] 
_pdbx_refine_tls.S[2][1]_esd 
_pdbx_refine_tls.S[2][2] 
_pdbx_refine_tls.S[2][2]_esd 
_pdbx_refine_tls.S[2][3] 
_pdbx_refine_tls.S[2][3]_esd 
_pdbx_refine_tls.S[3][1] 
_pdbx_refine_tls.S[3][1]_esd 
_pdbx_refine_tls.S[3][2] 
_pdbx_refine_tls.S[3][2]_esd 
_pdbx_refine_tls.S[3][3] 
_pdbx_refine_tls.S[3][3]_esd 
1 'X-RAY DIFFRACTION' ? refined 5.1718  0.5131  -0.9190 0.1415 ? 0.0094 ? -0.0021 ? 0.2791 ? 0.1579 ? 0.2163 ? 11.0167 ? -6.0175 ? 1.9635  ? 5.2916  ? -1.0647 ? 1.9789  ? 0.1242  ? 0.2128  ? 0.2868  ? -0.0849 ? -0.2867 ? -0.4333 ? -0.0488 ? 0.2827  ? 0.1624 ? 
2 'X-RAY DIFFRACTION' ? refined -4.9166 2.0964  5.2392  0.1120 ? 0.0295 ? -0.0290 ? 0.3150 ? 0.1072 ? 0.1442 ? 9.3565  ? -8.0734 ? 0.1857  ? 16.1089 ? 0.0576  ? 3.0813  ? -0.4067 ? -0.7713 ? -0.1133 ? 0.7294  ? 0.2230  ? 0.4109  ? -0.3589 ? -0.1526 ? 0.1836 ? 
3 'X-RAY DIFFRACTION' ? refined -5.8980 -0.9247 -2.8120 0.1367 ? 0.0546 ? -0.0435 ? 0.2261 ? 0.0894 ? 0.2102 ? 12.4461 ? -4.4575 ? -0.5331 ? 4.5261  ? -0.1469 ? 3.3916  ? 0.2064  ? 0.3019  ? -0.9752 ? -0.3098 ? -0.3649 ? 0.4609  ? 0.3174  ? 0.0624  ? 0.1585 ? 
4 'X-RAY DIFFRACTION' ? refined 7.9138  -4.4454 -8.1674 0.3839 ? 0.3313 ? 0.0301  ? 1.1251 ? 0.0103 ? 0.5457 ? 0.3563  ? -1.4571 ? -2.3891 ? 24.3033 ? 2.0839  ? 20.1963 ? 0.0208  ? -0.0151 ? 0.0400  ? -1.1976 ? -0.3444 ? -1.6929 ? 0.6905  ? 1.2872  ? 0.3237 ? 
# 
loop_
_pdbx_refine_tls_group.id 
_pdbx_refine_tls_group.pdbx_refine_id 
_pdbx_refine_tls_group.refine_tls_id 
_pdbx_refine_tls_group.beg_label_asym_id 
_pdbx_refine_tls_group.beg_label_seq_id 
_pdbx_refine_tls_group.beg_auth_asym_id 
_pdbx_refine_tls_group.beg_auth_seq_id 
_pdbx_refine_tls_group.beg_PDB_ins_code 
_pdbx_refine_tls_group.end_label_asym_id 
_pdbx_refine_tls_group.end_label_seq_id 
_pdbx_refine_tls_group.end_auth_asym_id 
_pdbx_refine_tls_group.end_auth_seq_id 
_pdbx_refine_tls_group.end_PDB_ins_code 
_pdbx_refine_tls_group.selection 
_pdbx_refine_tls_group.selection_details 
1 'X-RAY DIFFRACTION' 1 ? ? A 1  ? ? ? A 36 ? ? ? 
2 'X-RAY DIFFRACTION' 2 ? ? A 37 ? ? ? A 63 ? ? ? 
3 'X-RAY DIFFRACTION' 3 ? ? A 64 ? ? ? A 83 ? ? ? 
4 'X-RAY DIFFRACTION' 4 ? ? A 84 ? ? ? A 89 ? ? ? 
# 
loop_
_chem_comp_atom.comp_id 
_chem_comp_atom.atom_id 
_chem_comp_atom.type_symbol 
_chem_comp_atom.pdbx_aromatic_flag 
_chem_comp_atom.pdbx_stereo_config 
_chem_comp_atom.pdbx_ordinal 
ALA N      N N N 1   
ALA CA     C N S 2   
ALA C      C N N 3   
ALA O      O N N 4   
ALA CB     C N N 5   
ALA OXT    O N N 6   
ALA H      H N N 7   
ALA H2     H N N 8   
ALA HA     H N N 9   
ALA HB1    H N N 10  
ALA HB2    H N N 11  
ALA HB3    H N N 12  
ALA HXT    H N N 13  
ARG N      N N N 14  
ARG CA     C N S 15  
ARG C      C N N 16  
ARG O      O N N 17  
ARG CB     C N N 18  
ARG CG     C N N 19  
ARG CD     C N N 20  
ARG NE     N N N 21  
ARG CZ     C N N 22  
ARG NH1    N N N 23  
ARG NH2    N N N 24  
ARG OXT    O N N 25  
ARG H      H N N 26  
ARG H2     H N N 27  
ARG HA     H N N 28  
ARG HB2    H N N 29  
ARG HB3    H N N 30  
ARG HG2    H N N 31  
ARG HG3    H N N 32  
ARG HD2    H N N 33  
ARG HD3    H N N 34  
ARG HE     H N N 35  
ARG HH11   H N N 36  
ARG HH12   H N N 37  
ARG HH21   H N N 38  
ARG HH22   H N N 39  
ARG HXT    H N N 40  
ASN N      N N N 41  
ASN CA     C N S 42  
ASN C      C N N 43  
ASN O      O N N 44  
ASN CB     C N N 45  
ASN CG     C N N 46  
ASN OD1    O N N 47  
ASN ND2    N N N 48  
ASN OXT    O N N 49  
ASN H      H N N 50  
ASN H2     H N N 51  
ASN HA     H N N 52  
ASN HB2    H N N 53  
ASN HB3    H N N 54  
ASN HD21   H N N 55  
ASN HD22   H N N 56  
ASN HXT    H N N 57  
ASP N      N N N 58  
ASP CA     C N S 59  
ASP C      C N N 60  
ASP O      O N N 61  
ASP CB     C N N 62  
ASP CG     C N N 63  
ASP OD1    O N N 64  
ASP OD2    O N N 65  
ASP OXT    O N N 66  
ASP H      H N N 67  
ASP H2     H N N 68  
ASP HA     H N N 69  
ASP HB2    H N N 70  
ASP HB3    H N N 71  
ASP HD2    H N N 72  
ASP HXT    H N N 73  
FMN N1     N N N 74  
FMN C2     C N N 75  
FMN O2     O N N 76  
FMN N3     N N N 77  
FMN C4     C N N 78  
FMN O4     O N N 79  
FMN C4A    C N N 80  
FMN N5     N N N 81  
FMN C5A    C Y N 82  
FMN C6     C Y N 83  
FMN C7     C Y N 84  
FMN C7M    C N N 85  
FMN C8     C Y N 86  
FMN C8M    C N N 87  
FMN C9     C Y N 88  
FMN C9A    C Y N 89  
FMN N10    N N N 90  
FMN C10    C N N 91  
FMN "C1'"  C N N 92  
FMN "C2'"  C N S 93  
FMN "O2'"  O N N 94  
FMN "C3'"  C N S 95  
FMN "O3'"  O N N 96  
FMN "C4'"  C N R 97  
FMN "O4'"  O N N 98  
FMN "C5'"  C N N 99  
FMN "O5'"  O N N 100 
FMN P      P N N 101 
FMN O1P    O N N 102 
FMN O2P    O N N 103 
FMN O3P    O N N 104 
FMN HN3    H N N 105 
FMN H6     H N N 106 
FMN HM71   H N N 107 
FMN HM72   H N N 108 
FMN HM73   H N N 109 
FMN HM81   H N N 110 
FMN HM82   H N N 111 
FMN HM83   H N N 112 
FMN H9     H N N 113 
FMN "H1'1" H N N 114 
FMN "H1'2" H N N 115 
FMN "H2'"  H N N 116 
FMN "HO2'" H N N 117 
FMN "H3'"  H N N 118 
FMN "HO3'" H N N 119 
FMN "H4'"  H N N 120 
FMN "HO4'" H N N 121 
FMN "H5'1" H N N 122 
FMN "H5'2" H N N 123 
FMN HOP2   H N N 124 
FMN HOP3   H N N 125 
GLN N      N N N 126 
GLN CA     C N S 127 
GLN C      C N N 128 
GLN O      O N N 129 
GLN CB     C N N 130 
GLN CG     C N N 131 
GLN CD     C N N 132 
GLN OE1    O N N 133 
GLN NE2    N N N 134 
GLN OXT    O N N 135 
GLN H      H N N 136 
GLN H2     H N N 137 
GLN HA     H N N 138 
GLN HB2    H N N 139 
GLN HB3    H N N 140 
GLN HG2    H N N 141 
GLN HG3    H N N 142 
GLN HE21   H N N 143 
GLN HE22   H N N 144 
GLN HXT    H N N 145 
GLU N      N N N 146 
GLU CA     C N S 147 
GLU C      C N N 148 
GLU O      O N N 149 
GLU CB     C N N 150 
GLU CG     C N N 151 
GLU CD     C N N 152 
GLU OE1    O N N 153 
GLU OE2    O N N 154 
GLU OXT    O N N 155 
GLU H      H N N 156 
GLU H2     H N N 157 
GLU HA     H N N 158 
GLU HB2    H N N 159 
GLU HB3    H N N 160 
GLU HG2    H N N 161 
GLU HG3    H N N 162 
GLU HE2    H N N 163 
GLU HXT    H N N 164 
GLY N      N N N 165 
GLY CA     C N N 166 
GLY C      C N N 167 
GLY O      O N N 168 
GLY OXT    O N N 169 
GLY H      H N N 170 
GLY H2     H N N 171 
GLY HA2    H N N 172 
GLY HA3    H N N 173 
GLY HXT    H N N 174 
HOH O      O N N 175 
HOH H1     H N N 176 
HOH H2     H N N 177 
ILE N      N N N 178 
ILE CA     C N S 179 
ILE C      C N N 180 
ILE O      O N N 181 
ILE CB     C N S 182 
ILE CG1    C N N 183 
ILE CG2    C N N 184 
ILE CD1    C N N 185 
ILE OXT    O N N 186 
ILE H      H N N 187 
ILE H2     H N N 188 
ILE HA     H N N 189 
ILE HB     H N N 190 
ILE HG12   H N N 191 
ILE HG13   H N N 192 
ILE HG21   H N N 193 
ILE HG22   H N N 194 
ILE HG23   H N N 195 
ILE HD11   H N N 196 
ILE HD12   H N N 197 
ILE HD13   H N N 198 
ILE HXT    H N N 199 
LEU N      N N N 200 
LEU CA     C N S 201 
LEU C      C N N 202 
LEU O      O N N 203 
LEU CB     C N N 204 
LEU CG     C N N 205 
LEU CD1    C N N 206 
LEU CD2    C N N 207 
LEU OXT    O N N 208 
LEU H      H N N 209 
LEU H2     H N N 210 
LEU HA     H N N 211 
LEU HB2    H N N 212 
LEU HB3    H N N 213 
LEU HG     H N N 214 
LEU HD11   H N N 215 
LEU HD12   H N N 216 
LEU HD13   H N N 217 
LEU HD21   H N N 218 
LEU HD22   H N N 219 
LEU HD23   H N N 220 
LEU HXT    H N N 221 
LYS N      N N N 222 
LYS CA     C N S 223 
LYS C      C N N 224 
LYS O      O N N 225 
LYS CB     C N N 226 
LYS CG     C N N 227 
LYS CD     C N N 228 
LYS CE     C N N 229 
LYS NZ     N N N 230 
LYS OXT    O N N 231 
LYS H      H N N 232 
LYS H2     H N N 233 
LYS HA     H N N 234 
LYS HB2    H N N 235 
LYS HB3    H N N 236 
LYS HG2    H N N 237 
LYS HG3    H N N 238 
LYS HD2    H N N 239 
LYS HD3    H N N 240 
LYS HE2    H N N 241 
LYS HE3    H N N 242 
LYS HZ1    H N N 243 
LYS HZ2    H N N 244 
LYS HZ3    H N N 245 
LYS HXT    H N N 246 
MET N      N N N 247 
MET CA     C N S 248 
MET C      C N N 249 
MET O      O N N 250 
MET CB     C N N 251 
MET CG     C N N 252 
MET SD     S N N 253 
MET CE     C N N 254 
MET OXT    O N N 255 
MET H      H N N 256 
MET H2     H N N 257 
MET HA     H N N 258 
MET HB2    H N N 259 
MET HB3    H N N 260 
MET HG2    H N N 261 
MET HG3    H N N 262 
MET HE1    H N N 263 
MET HE2    H N N 264 
MET HE3    H N N 265 
MET HXT    H N N 266 
PRO N      N N N 267 
PRO CA     C N S 268 
PRO C      C N N 269 
PRO O      O N N 270 
PRO CB     C N N 271 
PRO CG     C N N 272 
PRO CD     C N N 273 
PRO OXT    O N N 274 
PRO H      H N N 275 
PRO HA     H N N 276 
PRO HB2    H N N 277 
PRO HB3    H N N 278 
PRO HG2    H N N 279 
PRO HG3    H N N 280 
PRO HD2    H N N 281 
PRO HD3    H N N 282 
PRO HXT    H N N 283 
SER N      N N N 284 
SER CA     C N S 285 
SER C      C N N 286 
SER O      O N N 287 
SER CB     C N N 288 
SER OG     O N N 289 
SER OXT    O N N 290 
SER H      H N N 291 
SER H2     H N N 292 
SER HA     H N N 293 
SER HB2    H N N 294 
SER HB3    H N N 295 
SER HG     H N N 296 
SER HXT    H N N 297 
THR N      N N N 298 
THR CA     C N S 299 
THR C      C N N 300 
THR O      O N N 301 
THR CB     C N R 302 
THR OG1    O N N 303 
THR CG2    C N N 304 
THR OXT    O N N 305 
THR H      H N N 306 
THR H2     H N N 307 
THR HA     H N N 308 
THR HB     H N N 309 
THR HG1    H N N 310 
THR HG21   H N N 311 
THR HG22   H N N 312 
THR HG23   H N N 313 
THR HXT    H N N 314 
TYR N      N N N 315 
TYR CA     C N S 316 
TYR C      C N N 317 
TYR O      O N N 318 
TYR CB     C N N 319 
TYR CG     C Y N 320 
TYR CD1    C Y N 321 
TYR CD2    C Y N 322 
TYR CE1    C Y N 323 
TYR CE2    C Y N 324 
TYR CZ     C Y N 325 
TYR OH     O N N 326 
TYR OXT    O N N 327 
TYR H      H N N 328 
TYR H2     H N N 329 
TYR HA     H N N 330 
TYR HB2    H N N 331 
TYR HB3    H N N 332 
TYR HD1    H N N 333 
TYR HD2    H N N 334 
TYR HE1    H N N 335 
TYR HE2    H N N 336 
TYR HH     H N N 337 
TYR HXT    H N N 338 
VAL N      N N N 339 
VAL CA     C N S 340 
VAL C      C N N 341 
VAL O      O N N 342 
VAL CB     C N N 343 
VAL CG1    C N N 344 
VAL CG2    C N N 345 
VAL OXT    O N N 346 
VAL H      H N N 347 
VAL H2     H N N 348 
VAL HA     H N N 349 
VAL HB     H N N 350 
VAL HG11   H N N 351 
VAL HG12   H N N 352 
VAL HG13   H N N 353 
VAL HG21   H N N 354 
VAL HG22   H N N 355 
VAL HG23   H N N 356 
VAL HXT    H N N 357 
# 
loop_
_chem_comp_bond.comp_id 
_chem_comp_bond.atom_id_1 
_chem_comp_bond.atom_id_2 
_chem_comp_bond.value_order 
_chem_comp_bond.pdbx_aromatic_flag 
_chem_comp_bond.pdbx_stereo_config 
_chem_comp_bond.pdbx_ordinal 
ALA N     CA     sing N N 1   
ALA N     H      sing N N 2   
ALA N     H2     sing N N 3   
ALA CA    C      sing N N 4   
ALA CA    CB     sing N N 5   
ALA CA    HA     sing N N 6   
ALA C     O      doub N N 7   
ALA C     OXT    sing N N 8   
ALA CB    HB1    sing N N 9   
ALA CB    HB2    sing N N 10  
ALA CB    HB3    sing N N 11  
ALA OXT   HXT    sing N N 12  
ARG N     CA     sing N N 13  
ARG N     H      sing N N 14  
ARG N     H2     sing N N 15  
ARG CA    C      sing N N 16  
ARG CA    CB     sing N N 17  
ARG CA    HA     sing N N 18  
ARG C     O      doub N N 19  
ARG C     OXT    sing N N 20  
ARG CB    CG     sing N N 21  
ARG CB    HB2    sing N N 22  
ARG CB    HB3    sing N N 23  
ARG CG    CD     sing N N 24  
ARG CG    HG2    sing N N 25  
ARG CG    HG3    sing N N 26  
ARG CD    NE     sing N N 27  
ARG CD    HD2    sing N N 28  
ARG CD    HD3    sing N N 29  
ARG NE    CZ     sing N N 30  
ARG NE    HE     sing N N 31  
ARG CZ    NH1    sing N N 32  
ARG CZ    NH2    doub N N 33  
ARG NH1   HH11   sing N N 34  
ARG NH1   HH12   sing N N 35  
ARG NH2   HH21   sing N N 36  
ARG NH2   HH22   sing N N 37  
ARG OXT   HXT    sing N N 38  
ASN N     CA     sing N N 39  
ASN N     H      sing N N 40  
ASN N     H2     sing N N 41  
ASN CA    C      sing N N 42  
ASN CA    CB     sing N N 43  
ASN CA    HA     sing N N 44  
ASN C     O      doub N N 45  
ASN C     OXT    sing N N 46  
ASN CB    CG     sing N N 47  
ASN CB    HB2    sing N N 48  
ASN CB    HB3    sing N N 49  
ASN CG    OD1    doub N N 50  
ASN CG    ND2    sing N N 51  
ASN ND2   HD21   sing N N 52  
ASN ND2   HD22   sing N N 53  
ASN OXT   HXT    sing N N 54  
ASP N     CA     sing N N 55  
ASP N     H      sing N N 56  
ASP N     H2     sing N N 57  
ASP CA    C      sing N N 58  
ASP CA    CB     sing N N 59  
ASP CA    HA     sing N N 60  
ASP C     O      doub N N 61  
ASP C     OXT    sing N N 62  
ASP CB    CG     sing N N 63  
ASP CB    HB2    sing N N 64  
ASP CB    HB3    sing N N 65  
ASP CG    OD1    doub N N 66  
ASP CG    OD2    sing N N 67  
ASP OD2   HD2    sing N N 68  
ASP OXT   HXT    sing N N 69  
FMN N1    C2     sing N N 70  
FMN N1    C10    doub N N 71  
FMN C2    O2     doub N N 72  
FMN C2    N3     sing N N 73  
FMN N3    C4     sing N N 74  
FMN N3    HN3    sing N N 75  
FMN C4    O4     doub N N 76  
FMN C4    C4A    sing N N 77  
FMN C4A   N5     doub N N 78  
FMN C4A   C10    sing N N 79  
FMN N5    C5A    sing N N 80  
FMN C5A   C6     doub Y N 81  
FMN C5A   C9A    sing Y N 82  
FMN C6    C7     sing Y N 83  
FMN C6    H6     sing N N 84  
FMN C7    C7M    sing N N 85  
FMN C7    C8     doub Y N 86  
FMN C7M   HM71   sing N N 87  
FMN C7M   HM72   sing N N 88  
FMN C7M   HM73   sing N N 89  
FMN C8    C8M    sing N N 90  
FMN C8    C9     sing Y N 91  
FMN C8M   HM81   sing N N 92  
FMN C8M   HM82   sing N N 93  
FMN C8M   HM83   sing N N 94  
FMN C9    C9A    doub Y N 95  
FMN C9    H9     sing N N 96  
FMN C9A   N10    sing N N 97  
FMN N10   C10    sing N N 98  
FMN N10   "C1'"  sing N N 99  
FMN "C1'" "C2'"  sing N N 100 
FMN "C1'" "H1'1" sing N N 101 
FMN "C1'" "H1'2" sing N N 102 
FMN "C2'" "O2'"  sing N N 103 
FMN "C2'" "C3'"  sing N N 104 
FMN "C2'" "H2'"  sing N N 105 
FMN "O2'" "HO2'" sing N N 106 
FMN "C3'" "O3'"  sing N N 107 
FMN "C3'" "C4'"  sing N N 108 
FMN "C3'" "H3'"  sing N N 109 
FMN "O3'" "HO3'" sing N N 110 
FMN "C4'" "O4'"  sing N N 111 
FMN "C4'" "C5'"  sing N N 112 
FMN "C4'" "H4'"  sing N N 113 
FMN "O4'" "HO4'" sing N N 114 
FMN "C5'" "O5'"  sing N N 115 
FMN "C5'" "H5'1" sing N N 116 
FMN "C5'" "H5'2" sing N N 117 
FMN "O5'" P      sing N N 118 
FMN P     O1P    doub N N 119 
FMN P     O2P    sing N N 120 
FMN P     O3P    sing N N 121 
FMN O2P   HOP2   sing N N 122 
FMN O3P   HOP3   sing N N 123 
GLN N     CA     sing N N 124 
GLN N     H      sing N N 125 
GLN N     H2     sing N N 126 
GLN CA    C      sing N N 127 
GLN CA    CB     sing N N 128 
GLN CA    HA     sing N N 129 
GLN C     O      doub N N 130 
GLN C     OXT    sing N N 131 
GLN CB    CG     sing N N 132 
GLN CB    HB2    sing N N 133 
GLN CB    HB3    sing N N 134 
GLN CG    CD     sing N N 135 
GLN CG    HG2    sing N N 136 
GLN CG    HG3    sing N N 137 
GLN CD    OE1    doub N N 138 
GLN CD    NE2    sing N N 139 
GLN NE2   HE21   sing N N 140 
GLN NE2   HE22   sing N N 141 
GLN OXT   HXT    sing N N 142 
GLU N     CA     sing N N 143 
GLU N     H      sing N N 144 
GLU N     H2     sing N N 145 
GLU CA    C      sing N N 146 
GLU CA    CB     sing N N 147 
GLU CA    HA     sing N N 148 
GLU C     O      doub N N 149 
GLU C     OXT    sing N N 150 
GLU CB    CG     sing N N 151 
GLU CB    HB2    sing N N 152 
GLU CB    HB3    sing N N 153 
GLU CG    CD     sing N N 154 
GLU CG    HG2    sing N N 155 
GLU CG    HG3    sing N N 156 
GLU CD    OE1    doub N N 157 
GLU CD    OE2    sing N N 158 
GLU OE2   HE2    sing N N 159 
GLU OXT   HXT    sing N N 160 
GLY N     CA     sing N N 161 
GLY N     H      sing N N 162 
GLY N     H2     sing N N 163 
GLY CA    C      sing N N 164 
GLY CA    HA2    sing N N 165 
GLY CA    HA3    sing N N 166 
GLY C     O      doub N N 167 
GLY C     OXT    sing N N 168 
GLY OXT   HXT    sing N N 169 
HOH O     H1     sing N N 170 
HOH O     H2     sing N N 171 
ILE N     CA     sing N N 172 
ILE N     H      sing N N 173 
ILE N     H2     sing N N 174 
ILE CA    C      sing N N 175 
ILE CA    CB     sing N N 176 
ILE CA    HA     sing N N 177 
ILE C     O      doub N N 178 
ILE C     OXT    sing N N 179 
ILE CB    CG1    sing N N 180 
ILE CB    CG2    sing N N 181 
ILE CB    HB     sing N N 182 
ILE CG1   CD1    sing N N 183 
ILE CG1   HG12   sing N N 184 
ILE CG1   HG13   sing N N 185 
ILE CG2   HG21   sing N N 186 
ILE CG2   HG22   sing N N 187 
ILE CG2   HG23   sing N N 188 
ILE CD1   HD11   sing N N 189 
ILE CD1   HD12   sing N N 190 
ILE CD1   HD13   sing N N 191 
ILE OXT   HXT    sing N N 192 
LEU N     CA     sing N N 193 
LEU N     H      sing N N 194 
LEU N     H2     sing N N 195 
LEU CA    C      sing N N 196 
LEU CA    CB     sing N N 197 
LEU CA    HA     sing N N 198 
LEU C     O      doub N N 199 
LEU C     OXT    sing N N 200 
LEU CB    CG     sing N N 201 
LEU CB    HB2    sing N N 202 
LEU CB    HB3    sing N N 203 
LEU CG    CD1    sing N N 204 
LEU CG    CD2    sing N N 205 
LEU CG    HG     sing N N 206 
LEU CD1   HD11   sing N N 207 
LEU CD1   HD12   sing N N 208 
LEU CD1   HD13   sing N N 209 
LEU CD2   HD21   sing N N 210 
LEU CD2   HD22   sing N N 211 
LEU CD2   HD23   sing N N 212 
LEU OXT   HXT    sing N N 213 
LYS N     CA     sing N N 214 
LYS N     H      sing N N 215 
LYS N     H2     sing N N 216 
LYS CA    C      sing N N 217 
LYS CA    CB     sing N N 218 
LYS CA    HA     sing N N 219 
LYS C     O      doub N N 220 
LYS C     OXT    sing N N 221 
LYS CB    CG     sing N N 222 
LYS CB    HB2    sing N N 223 
LYS CB    HB3    sing N N 224 
LYS CG    CD     sing N N 225 
LYS CG    HG2    sing N N 226 
LYS CG    HG3    sing N N 227 
LYS CD    CE     sing N N 228 
LYS CD    HD2    sing N N 229 
LYS CD    HD3    sing N N 230 
LYS CE    NZ     sing N N 231 
LYS CE    HE2    sing N N 232 
LYS CE    HE3    sing N N 233 
LYS NZ    HZ1    sing N N 234 
LYS NZ    HZ2    sing N N 235 
LYS NZ    HZ3    sing N N 236 
LYS OXT   HXT    sing N N 237 
MET N     CA     sing N N 238 
MET N     H      sing N N 239 
MET N     H2     sing N N 240 
MET CA    C      sing N N 241 
MET CA    CB     sing N N 242 
MET CA    HA     sing N N 243 
MET C     O      doub N N 244 
MET C     OXT    sing N N 245 
MET CB    CG     sing N N 246 
MET CB    HB2    sing N N 247 
MET CB    HB3    sing N N 248 
MET CG    SD     sing N N 249 
MET CG    HG2    sing N N 250 
MET CG    HG3    sing N N 251 
MET SD    CE     sing N N 252 
MET CE    HE1    sing N N 253 
MET CE    HE2    sing N N 254 
MET CE    HE3    sing N N 255 
MET OXT   HXT    sing N N 256 
PRO N     CA     sing N N 257 
PRO N     CD     sing N N 258 
PRO N     H      sing N N 259 
PRO CA    C      sing N N 260 
PRO CA    CB     sing N N 261 
PRO CA    HA     sing N N 262 
PRO C     O      doub N N 263 
PRO C     OXT    sing N N 264 
PRO CB    CG     sing N N 265 
PRO CB    HB2    sing N N 266 
PRO CB    HB3    sing N N 267 
PRO CG    CD     sing N N 268 
PRO CG    HG2    sing N N 269 
PRO CG    HG3    sing N N 270 
PRO CD    HD2    sing N N 271 
PRO CD    HD3    sing N N 272 
PRO OXT   HXT    sing N N 273 
SER N     CA     sing N N 274 
SER N     H      sing N N 275 
SER N     H2     sing N N 276 
SER CA    C      sing N N 277 
SER CA    CB     sing N N 278 
SER CA    HA     sing N N 279 
SER C     O      doub N N 280 
SER C     OXT    sing N N 281 
SER CB    OG     sing N N 282 
SER CB    HB2    sing N N 283 
SER CB    HB3    sing N N 284 
SER OG    HG     sing N N 285 
SER OXT   HXT    sing N N 286 
THR N     CA     sing N N 287 
THR N     H      sing N N 288 
THR N     H2     sing N N 289 
THR CA    C      sing N N 290 
THR CA    CB     sing N N 291 
THR CA    HA     sing N N 292 
THR C     O      doub N N 293 
THR C     OXT    sing N N 294 
THR CB    OG1    sing N N 295 
THR CB    CG2    sing N N 296 
THR CB    HB     sing N N 297 
THR OG1   HG1    sing N N 298 
THR CG2   HG21   sing N N 299 
THR CG2   HG22   sing N N 300 
THR CG2   HG23   sing N N 301 
THR OXT   HXT    sing N N 302 
TYR N     CA     sing N N 303 
TYR N     H      sing N N 304 
TYR N     H2     sing N N 305 
TYR CA    C      sing N N 306 
TYR CA    CB     sing N N 307 
TYR CA    HA     sing N N 308 
TYR C     O      doub N N 309 
TYR C     OXT    sing N N 310 
TYR CB    CG     sing N N 311 
TYR CB    HB2    sing N N 312 
TYR CB    HB3    sing N N 313 
TYR CG    CD1    doub Y N 314 
TYR CG    CD2    sing Y N 315 
TYR CD1   CE1    sing Y N 316 
TYR CD1   HD1    sing N N 317 
TYR CD2   CE2    doub Y N 318 
TYR CD2   HD2    sing N N 319 
TYR CE1   CZ     doub Y N 320 
TYR CE1   HE1    sing N N 321 
TYR CE2   CZ     sing Y N 322 
TYR CE2   HE2    sing N N 323 
TYR CZ    OH     sing N N 324 
TYR OH    HH     sing N N 325 
TYR OXT   HXT    sing N N 326 
VAL N     CA     sing N N 327 
VAL N     H      sing N N 328 
VAL N     H2     sing N N 329 
VAL CA    C      sing N N 330 
VAL CA    CB     sing N N 331 
VAL CA    HA     sing N N 332 
VAL C     O      doub N N 333 
VAL C     OXT    sing N N 334 
VAL CB    CG1    sing N N 335 
VAL CB    CG2    sing N N 336 
VAL CB    HB     sing N N 337 
VAL CG1   HG11   sing N N 338 
VAL CG1   HG12   sing N N 339 
VAL CG1   HG13   sing N N 340 
VAL CG2   HG21   sing N N 341 
VAL CG2   HG22   sing N N 342 
VAL CG2   HG23   sing N N 343 
VAL OXT   HXT    sing N N 344 
# 
_pdbx_audit_support.funding_organization   'Not funded' 
_pdbx_audit_support.country                ? 
_pdbx_audit_support.grant_number           ? 
_pdbx_audit_support.ordinal                1 
# 
_pdbx_initial_refinement_model.id               1 
_pdbx_initial_refinement_model.entity_id_list   ? 
_pdbx_initial_refinement_model.type             'in silico model' 
_pdbx_initial_refinement_model.source_name      AlphaFold 
_pdbx_initial_refinement_model.accession_code   ? 
_pdbx_initial_refinement_model.details          ? 
# 
_atom_sites.entry_id                    8P2A 
_atom_sites.Cartn_transf_matrix[1][1]   ? 
_atom_sites.Cartn_transf_matrix[1][2]   ? 
_atom_sites.Cartn_transf_matrix[1][3]   ? 
_atom_sites.Cartn_transf_matrix[2][1]   ? 
_atom_sites.Cartn_transf_matrix[2][2]   ? 
_atom_sites.Cartn_transf_matrix[2][3]   ? 
_atom_sites.Cartn_transf_matrix[3][1]   ? 
_atom_sites.Cartn_transf_matrix[3][2]   ? 
_atom_sites.Cartn_transf_matrix[3][3]   ? 
_atom_sites.Cartn_transf_vector[1]      ? 
_atom_sites.Cartn_transf_vector[2]      ? 
_atom_sites.Cartn_transf_vector[3]      ? 
_atom_sites.fract_transf_matrix[1][1]   0.02368778 
_atom_sites.fract_transf_matrix[1][2]   -0.00540726 
_atom_sites.fract_transf_matrix[1][3]   -0.03726998 
_atom_sites.fract_transf_matrix[2][1]   -0.01116737 
_atom_sites.fract_transf_matrix[2][2]   -0.03180332 
_atom_sites.fract_transf_matrix[2][3]   -0.02903789 
_atom_sites.fract_transf_matrix[3][1]   -0.00164424 
_atom_sites.fract_transf_matrix[3][2]   0.00176537 
_atom_sites.fract_transf_matrix[3][3]   -0.00130116 
_atom_sites.fract_transf_vector[1]      -0.011274 
_atom_sites.fract_transf_vector[2]      -0.442900 
_atom_sites.fract_transf_vector[3]      0.035089 
_atom_sites.solution_primary            ? 
_atom_sites.solution_secondary          ? 
_atom_sites.solution_hydrogens          ? 
_atom_sites.special_details             ? 
# 
loop_
_atom_type.symbol 
C 
N 
O 
P 
S 
# 
loop_
_atom_site.group_PDB 
_atom_site.id 
_atom_site.type_symbol 
_atom_site.label_atom_id 
_atom_site.label_alt_id 
_atom_site.label_comp_id 
_atom_site.label_asym_id 
_atom_site.label_entity_id 
_atom_site.label_seq_id 
_atom_site.pdbx_PDB_ins_code 
_atom_site.Cartn_x 
_atom_site.Cartn_y 
_atom_site.Cartn_z 
_atom_site.occupancy 
_atom_site.B_iso_or_equiv 
_atom_site.pdbx_formal_charge 
_atom_site.auth_seq_id 
_atom_site.auth_comp_id 
_atom_site.auth_asym_id 
_atom_site.auth_atom_id 
_atom_site.pdbx_PDB_model_num 
ATOM   1   N N     . MET A 1 1  ? 18.017  -13.776 0.232   1.00 52.17 ? 1   MET A N     1 
ATOM   2   C CA    . MET A 1 1  ? 18.161  -12.370 -0.204  1.00 49.70 ? 1   MET A CA    1 
ATOM   3   C C     . MET A 1 1  ? 16.983  -11.593 0.373   1.00 45.84 ? 1   MET A C     1 
ATOM   4   O O     . MET A 1 1  ? 15.838  -12.032 0.254   1.00 45.50 ? 1   MET A O     1 
ATOM   5   C CB    . MET A 1 1  ? 18.196  -12.315 -1.734  1.00 53.30 ? 1   MET A CB    1 
ATOM   6   C CG    . MET A 1 1  ? 18.589  -10.951 -2.304  1.00 54.64 ? 1   MET A CG    1 
ATOM   7   S SD    . MET A 1 1  ? 17.160  -9.946  -2.668  1.00 56.93 ? 1   MET A SD    1 
ATOM   8   C CE    . MET A 1 1  ? 16.505  -10.861 -4.063  1.00 59.75 ? 1   MET A CE    1 
ATOM   9   N N     . ALA A 1 2  ? 17.283  -10.496 1.083   1.00 43.19 ? 2   ALA A N     1 
ATOM   10  C CA    . ALA A 1 2  ? 16.283  -9.555  1.559   1.00 41.01 ? 2   ALA A CA    1 
ATOM   11  C C     . ALA A 1 2  ? 16.480  -8.214  0.860   1.00 41.63 ? 2   ALA A C     1 
ATOM   12  O O     . ALA A 1 2  ? 17.612  -7.783  0.654   1.00 41.80 ? 2   ALA A O     1 
ATOM   13  C CB    . ALA A 1 2  ? 16.377  -9.364  3.041   1.00 41.05 ? 2   ALA A CB    1 
ATOM   14  N N     . GLN A 1 3  ? 15.373  -7.537  0.532   1.00 39.44 ? 3   GLN A N     1 
ATOM   15  C CA    . GLN A 1 3  ? 15.505  -6.249  -0.127  1.00 40.76 ? 3   GLN A CA    1 
ATOM   16  C C     . GLN A 1 3  ? 14.267  -5.395  0.165   1.00 39.42 ? 3   GLN A C     1 
ATOM   17  O O     . GLN A 1 3  ? 13.176  -5.936  0.318   1.00 36.43 ? 3   GLN A O     1 
ATOM   18  C CB    . GLN A 1 3  ? 15.682  -6.448  -1.639  1.00 42.50 ? 3   GLN A CB    1 
ATOM   19  C CG    . GLN A 1 3  ? 14.396  -6.818  -2.385  1.00 41.55 ? 3   GLN A CG    1 
ATOM   20  C CD    . GLN A 1 3  ? 14.626  -6.971  -3.867  1.00 44.36 ? 3   GLN A CD    1 
ATOM   21  O OE1   . GLN A 1 3  ? 15.110  -6.047  -4.517  1.00 46.31 ? 3   GLN A OE1   1 
ATOM   22  N NE2   . GLN A 1 3  ? 14.296  -8.133  -4.414  1.00 45.10 ? 3   GLN A NE2   1 
ATOM   23  N N     . THR A 1 4  ? 14.462  -4.070  0.224   1.00 40.67 ? 4   THR A N     1 
ATOM   24  C CA    . THR A 1 4  ? 13.386  -3.111  0.371   1.00 40.74 ? 4   THR A CA    1 
ATOM   25  C C     . THR A 1 4  ? 13.212  -2.428  -0.981  1.00 40.91 ? 4   THR A C     1 
ATOM   26  O O     . THR A 1 4  ? 14.206  -2.051  -1.596  1.00 40.42 ? 4   THR A O     1 
ATOM   27  C CB    . THR A 1 4  ? 13.653  -2.160  1.551   1.00 44.08 ? 4   THR A CB    1 
ATOM   28  O OG1   . THR A 1 4  ? 12.705  -1.098  1.480   1.00 51.27 ? 4   THR A OG1   1 
ATOM   29  C CG2   . THR A 1 4  ? 15.025  -1.520  1.577   1.00 49.37 ? 4   THR A CG2   1 
ATOM   30  N N     . VAL A 1 5  ? 11.946  -2.298  -1.431  1.00 41.18 ? 5   VAL A N     1 
ATOM   31  C CA    . VAL A 1 5  ? 11.615  -1.720  -2.725  1.00 42.09 ? 5   VAL A CA    1 
ATOM   32  C C     . VAL A 1 5  ? 10.429  -0.783  -2.511  1.00 39.51 ? 5   VAL A C     1 
ATOM   33  O O     . VAL A 1 5  ? 9.493   -1.143  -1.805  1.00 34.73 ? 5   VAL A O     1 
ATOM   34  C CB    . VAL A 1 5  ? 11.314  -2.779  -3.822  1.00 44.71 ? 5   VAL A CB    1 
ATOM   35  C CG1   . VAL A 1 5  ? 12.563  -3.399  -4.427  1.00 50.76 ? 5   VAL A CG1   1 
ATOM   36  C CG2   . VAL A 1 5  ? 10.423  -3.892  -3.346  1.00 43.85 ? 5   VAL A CG2   1 
ATOM   37  N N     . THR A 1 6  ? 10.497  0.393   -3.158  1.00 41.74 ? 6   THR A N     1 
ATOM   38  C CA    . THR A 1 6  ? 9.485   1.431   -3.049  1.00 42.42 ? 6   THR A CA    1 
ATOM   39  C C     . THR A 1 6  ? 8.751   1.465   -4.372  1.00 42.69 ? 6   THR A C     1 
ATOM   40  O O     . THR A 1 6  ? 9.409   1.503   -5.404  1.00 44.83 ? 6   THR A O     1 
ATOM   41  C CB    . THR A 1 6  ? 10.081  2.822   -2.795  1.00 44.70 ? 6   THR A CB    1 
ATOM   42  O OG1   . THR A 1 6  ? 10.840  2.770   -1.589  1.00 43.77 ? 6   THR A OG1   1 
ATOM   43  C CG2   . THR A 1 6  ? 9.041   3.918   -2.657  1.00 44.59 ? 6   THR A CG2   1 
ATOM   44  N N     . GLY A 1 7  ? 7.410   1.459   -4.312  1.00 40.03 ? 7   GLY A N     1 
ATOM   45  C CA    . GLY A 1 7  ? 6.596   1.393   -5.504  1.00 41.65 ? 7   GLY A CA    1 
ATOM   46  C C     . GLY A 1 7  ? 6.376   2.792   -6.057  1.00 41.00 ? 7   GLY A C     1 
ATOM   47  O O     . GLY A 1 7  ? 6.629   3.782   -5.377  1.00 40.72 ? 7   GLY A O     1 
ATOM   48  N N     . ASP A 1 8  ? 5.959   2.862   -7.309  1.00 44.41 ? 8   ASP A N     1 
ATOM   49  C CA    . ASP A 1 8  ? 5.588   4.143   -7.903  1.00 47.88 ? 8   ASP A CA    1 
ATOM   50  C C     . ASP A 1 8  ? 4.436   4.794   -7.142  1.00 45.38 ? 8   ASP A C     1 
ATOM   51  O O     . ASP A 1 8  ? 3.595   4.104   -6.581  1.00 43.01 ? 8   ASP A O     1 
ATOM   52  C CB    . ASP A 1 8  ? 5.174   3.990   -9.364  1.00 50.00 ? 8   ASP A CB    1 
ATOM   53  C CG    . ASP A 1 8  ? 6.347   3.660   -10.255 1.00 53.39 ? 8   ASP A CG    1 
ATOM   54  O OD1   . ASP A 1 8  ? 7.514   3.712   -9.753  1.00 54.85 ? 8   ASP A OD1   1 
ATOM   55  O OD2   . ASP A 1 8  ? 6.083   3.311   -11.417 1.00 55.40 ? 8   ASP A OD2   1 
ATOM   56  N N     . VAL A 1 9  ? 4.415   6.134   -7.150  1.00 48.02 ? 9   VAL A N     1 
ATOM   57  C CA    . VAL A 1 9  ? 3.360   6.916   -6.520  1.00 47.33 ? 9   VAL A CA    1 
ATOM   58  C C     . VAL A 1 9  ? 2.105   6.795   -7.376  1.00 46.50 ? 9   VAL A C     1 
ATOM   59  O O     . VAL A 1 9  ? 2.171   7.090   -8.556  1.00 50.01 ? 9   VAL A O     1 
ATOM   60  C CB    . VAL A 1 9  ? 3.743   8.408   -6.350  1.00 49.95 ? 9   VAL A CB    1 
ATOM   61  C CG1   . VAL A 1 9  ? 2.631   9.186   -5.654  1.00 47.75 ? 9   VAL A CG1   1 
ATOM   62  C CG2   . VAL A 1 9  ? 5.082   8.603   -5.628  1.00 51.64 ? 9   VAL A CG2   1 
ATOM   63  N N     . ALA A 1 10 ? 0.975   6.380   -6.771  1.00 44.38 ? 10  ALA A N     1 
ATOM   64  C CA    . ALA A 1 10 ? -0.310  6.312   -7.445  1.00 43.54 ? 10  ALA A CA    1 
ATOM   65  C C     . ALA A 1 10 ? -1.118  7.579   -7.154  1.00 42.42 ? 10  ALA A C     1 
ATOM   66  O O     . ALA A 1 10 ? -1.403  7.856   -5.993  1.00 42.80 ? 10  ALA A O     1 
ATOM   67  C CB    . ALA A 1 10 ? -1.037  5.075   -6.985  1.00 41.29 ? 10  ALA A CB    1 
ATOM   68  N N     . GLN A 1 11 ? -1.490  8.356   -8.188  1.00 46.10 ? 11  GLN A N     1 
ATOM   69  C CA    . GLN A 1 11 ? -2.368  9.503   -7.963  1.00 48.15 ? 11  GLN A CA    1 
ATOM   70  C C     . GLN A 1 11 ? -3.789  8.983   -7.760  1.00 46.14 ? 11  GLN A C     1 
ATOM   71  O O     . GLN A 1 11 ? -4.244  8.126   -8.507  1.00 50.99 ? 11  GLN A O     1 
ATOM   72  C CB    . GLN A 1 11 ? -2.395  10.538  -9.099  1.00 53.68 ? 11  GLN A CB    1 
ATOM   73  C CG    . GLN A 1 11 ? -1.075  11.254  -9.335  1.00 58.17 ? 11  GLN A CG    1 
ATOM   74  C CD    . GLN A 1 11 ? -0.375  11.614  -8.047  1.00 58.03 ? 11  GLN A CD    1 
ATOM   75  O OE1   . GLN A 1 11 ? -1.002  12.065  -7.086  1.00 58.08 ? 11  GLN A OE1   1 
ATOM   76  N NE2   . GLN A 1 11 ? 0.931   11.402  -8.012  1.00 59.81 ? 11  GLN A NE2   1 
ATOM   77  N N     . THR A 1 12 ? -4.462  9.451   -6.715  1.00 41.91 ? 12  THR A N     1 
ATOM   78  C CA    . THR A 1 12 ? -5.851  9.091   -6.524  1.00 40.04 ? 12  THR A CA    1 
ATOM   79  C C     . THR A 1 12 ? -6.636  10.396  -6.508  1.00 40.04 ? 12  THR A C     1 
ATOM   80  O O     . THR A 1 12 ? -6.032  11.440  -6.490  1.00 40.28 ? 12  THR A O     1 
ATOM   81  C CB    . THR A 1 12 ? -6.098  8.251   -5.269  1.00 36.20 ? 12  THR A CB    1 
ATOM   82  O OG1   . THR A 1 12 ? -6.131  9.157   -4.168  1.00 38.05 ? 12  THR A OG1   1 
ATOM   83  C CG2   . THR A 1 12 ? -5.078  7.148   -5.046  1.00 34.72 ? 12  THR A CG2   1 
ATOM   84  N N     . GLN A 1 13 ? -7.964  10.319  -6.444  1.00 39.94 ? 13  GLN A N     1 
ATOM   85  C CA    . GLN A 1 13 ? -8.779  11.523  -6.363  1.00 41.98 ? 13  GLN A CA    1 
ATOM   86  C C     . GLN A 1 13 ? -8.621  12.211  -5.009  1.00 41.10 ? 13  GLN A C     1 
ATOM   87  O O     . GLN A 1 13 ? -9.080  13.334  -4.855  1.00 39.25 ? 13  GLN A O     1 
ATOM   88  C CB    . GLN A 1 13 ? -10.236 11.160  -6.655  1.00 43.42 ? 13  GLN A CB    1 
ATOM   89  C CG    . GLN A 1 13 ? -10.367 10.340  -7.937  1.00 46.25 ? 13  GLN A CG    1 
ATOM   90  C CD    . GLN A 1 13 ? -11.384 10.863  -8.913  1.00 48.73 ? 13  GLN A CD    1 
ATOM   91  O OE1   . GLN A 1 13 ? -12.060 11.860  -8.681  1.00 50.34 ? 13  GLN A OE1   1 
ATOM   92  N NE2   . GLN A 1 13 ? -11.513 10.155  -10.018 1.00 55.22 ? 13  GLN A NE2   1 
ATOM   93  N N     . TYR A 1 14 ? -8.030  11.516  -4.012  1.00 37.79 ? 14  TYR A N     1 
ATOM   94  C CA    . TYR A 1 14 ? -7.865  12.078  -2.679  1.00 38.30 ? 14  TYR A CA    1 
ATOM   95  C C     . TYR A 1 14 ? -6.401  12.333  -2.369  1.00 38.90 ? 14  TYR A C     1 
ATOM   96  O O     . TYR A 1 14 ? -6.078  12.698  -1.253  1.00 40.54 ? 14  TYR A O     1 
ATOM   97  C CB    . TYR A 1 14 ? -8.540  11.195  -1.629  1.00 36.74 ? 14  TYR A CB    1 
ATOM   98  C CG    . TYR A 1 14 ? -10.050 11.250  -1.704  1.00 36.02 ? 14  TYR A CG    1 
ATOM   99  C CD1   . TYR A 1 14 ? -10.760 12.348  -1.228  1.00 37.11 ? 14  TYR A CD1   1 
ATOM   100 C CD2   . TYR A 1 14 ? -10.770 10.248  -2.317  1.00 33.83 ? 14  TYR A CD2   1 
ATOM   101 C CE1   . TYR A 1 14 ? -12.140 12.436  -1.324  1.00 35.95 ? 14  TYR A CE1   1 
ATOM   102 C CE2   . TYR A 1 14 ? -12.149 10.329  -2.437  1.00 34.97 ? 14  TYR A CE2   1 
ATOM   103 C CZ    . TYR A 1 14 ? -12.832 11.421  -1.943  1.00 35.22 ? 14  TYR A CZ    1 
ATOM   104 O OH    . TYR A 1 14 ? -14.178 11.422  -2.064  1.00 36.46 ? 14  TYR A OH    1 
ATOM   105 N N     . GLY A 1 15 ? -5.531  12.199  -3.374  1.00 40.48 ? 15  GLY A N     1 
ATOM   106 C CA    . GLY A 1 15 ? -4.121  12.476  -3.195  1.00 41.30 ? 15  GLY A CA    1 
ATOM   107 C C     . GLY A 1 15 ? -3.274  11.232  -3.398  1.00 40.66 ? 15  GLY A C     1 
ATOM   108 O O     . GLY A 1 15 ? -3.799  10.140  -3.668  1.00 39.18 ? 15  GLY A O     1 
ATOM   109 N N     . PRO A 1 16 ? -1.944  11.394  -3.261  1.00 41.57 ? 16  PRO A N     1 
ATOM   110 C CA    . PRO A 1 16 ? -0.977  10.357  -3.614  1.00 42.13 ? 16  PRO A CA    1 
ATOM   111 C C     . PRO A 1 16 ? -0.931  9.241   -2.594  1.00 40.57 ? 16  PRO A C     1 
ATOM   112 O O     . PRO A 1 16 ? -1.028  9.518   -1.393  1.00 44.70 ? 16  PRO A O     1 
ATOM   113 C CB    . PRO A 1 16 ? 0.375   11.075  -3.607  1.00 44.18 ? 16  PRO A CB    1 
ATOM   114 C CG    . PRO A 1 16 ? 0.179   12.203  -2.638  1.00 46.52 ? 16  PRO A CG    1 
ATOM   115 C CD    . PRO A 1 16 ? -1.280  12.621  -2.791  1.00 46.16 ? 16  PRO A CD    1 
ATOM   116 N N     . VAL A 1 17 ? -0.780  8.004   -3.098  1.00 40.42 ? 17  VAL A N     1 
ATOM   117 C CA    . VAL A 1 17 ? -0.461  6.837   -2.280  1.00 36.29 ? 17  VAL A CA    1 
ATOM   118 C C     . VAL A 1 17 ? 0.816   6.176   -2.813  1.00 36.40 ? 17  VAL A C     1 
ATOM   119 O O     . VAL A 1 17 ? 0.941   5.922   -4.007  1.00 37.62 ? 17  VAL A O     1 
ATOM   120 C CB    . VAL A 1 17 ? -1.612  5.811   -2.236  1.00 35.09 ? 17  VAL A CB    1 
ATOM   121 C CG1   . VAL A 1 17 ? -1.371  4.676   -1.226  1.00 35.31 ? 17  VAL A CG1   1 
ATOM   122 C CG2   . VAL A 1 17 ? -2.947  6.474   -1.966  1.00 37.26 ? 17  VAL A CG2   1 
ATOM   123 N N     . GLN A 1 18 ? 1.739   5.822   -1.902  1.00 34.00 ? 18  GLN A N     1 
ATOM   124 C CA    . GLN A 1 18 ? 2.991   5.219   -2.294  1.00 34.67 ? 18  GLN A CA    1 
ATOM   125 C C     . GLN A 1 18 ? 3.430   4.213   -1.226  1.00 34.42 ? 18  GLN A C     1 
ATOM   126 O O     . GLN A 1 18 ? 3.564   4.584   -0.056  1.00 32.40 ? 18  GLN A O     1 
ATOM   127 C CB    . GLN A 1 18 ? 4.090   6.260   -2.472  1.00 37.57 ? 18  GLN A CB    1 
ATOM   128 C CG    . GLN A 1 18 ? 5.341   5.644   -3.124  1.00 39.39 ? 18  GLN A CG    1 
ATOM   129 C CD    . GLN A 1 18 ? 6.525   6.558   -3.302  1.00 42.24 ? 18  GLN A CD    1 
ATOM   130 O OE1   . GLN A 1 18 ? 6.716   7.526   -2.572  1.00 42.92 ? 18  GLN A OE1   1 
ATOM   131 N NE2   . GLN A 1 18 ? 7.370   6.209   -4.262  1.00 45.98 ? 18  GLN A NE2   1 
ATOM   132 N N     . VAL A 1 19 ? 3.652   2.978   -1.688  1.00 33.00 ? 19  VAL A N     1 
ATOM   133 C CA    . VAL A 1 19 ? 3.872   1.838   -0.811  1.00 33.08 ? 19  VAL A CA    1 
ATOM   134 C C     . VAL A 1 19 ? 5.347   1.428   -0.899  1.00 33.89 ? 19  VAL A C     1 
ATOM   135 O O     . VAL A 1 19 ? 5.947   1.465   -1.978  1.00 32.48 ? 19  VAL A O     1 
ATOM   136 C CB    . VAL A 1 19 ? 2.963   0.650   -1.184  1.00 32.40 ? 19  VAL A CB    1 
ATOM   137 C CG1   . VAL A 1 19 ? 3.347   -0.608  -0.416  1.00 33.97 ? 19  VAL A CG1   1 
ATOM   138 C CG2   . VAL A 1 19 ? 1.479   0.950   -1.001  1.00 32.47 ? 19  VAL A CG2   1 
ATOM   139 N N     . ARG A 1 20 ? 5.890   1.030   0.257   1.00 34.76 ? 20  ARG A N     1 
ATOM   140 C CA    . ARG A 1 20 ? 7.208   0.434   0.341   1.00 36.43 ? 20  ARG A CA    1 
ATOM   141 C C     . ARG A 1 20 ? 7.131   -0.864  1.143   1.00 35.10 ? 20  ARG A C     1 
ATOM   142 O O     . ARG A 1 20 ? 6.364   -0.948  2.100   1.00 34.37 ? 20  ARG A O     1 
ATOM   143 C CB    . ARG A 1 20 ? 8.197   1.361   1.048   1.00 40.98 ? 20  ARG A CB    1 
ATOM   144 C CG    . ARG A 1 20 ? 9.568   0.701   1.187   1.00 42.77 ? 20  ARG A CG    1 
ATOM   145 C CD    . ARG A 1 20 ? 10.626  1.695   1.534   1.00 46.05 ? 20  ARG A CD    1 
ATOM   146 N NE    . ARG A 1 20 ? 10.360  2.151   2.880   1.00 48.77 ? 20  ARG A NE    1 
ATOM   147 C CZ    . ARG A 1 20 ? 10.505  3.407   3.291   1.00 52.98 ? 20  ARG A CZ    1 
ATOM   148 N NH1   . ARG A 1 20 ? 10.960  4.325   2.453   1.00 54.30 ? 20  ARG A NH1   1 
ATOM   149 N NH2   . ARG A 1 20 ? 10.195  3.732   4.540   1.00 54.23 ? 20  ARG A NH2   1 
ATOM   150 N N     . ILE A 1 21 ? 7.920   -1.852  0.709   1.00 35.92 ? 21  ILE A N     1 
ATOM   151 C CA    . ILE A 1 21 ? 7.908   -3.197  1.249   1.00 35.68 ? 21  ILE A CA    1 
ATOM   152 C C     . ILE A 1 21 ? 9.325   -3.725  1.382   1.00 35.09 ? 21  ILE A C     1 
ATOM   153 O O     . ILE A 1 21 ? 10.215  -3.376  0.607   1.00 35.05 ? 21  ILE A O     1 
ATOM   154 C CB    . ILE A 1 21 ? 7.088   -4.130  0.341   1.00 36.55 ? 21  ILE A CB    1 
ATOM   155 C CG1   . ILE A 1 21 ? 7.699   -4.207  -1.064  1.00 36.70 ? 21  ILE A CG1   1 
ATOM   156 C CG2   . ILE A 1 21 ? 5.624   -3.695  0.337   1.00 37.24 ? 21  ILE A CG2   1 
ATOM   157 C CD1   . ILE A 1 21 ? 6.998   -5.133  -2.018  1.00 38.38 ? 21  ILE A CD1   1 
ATOM   158 N N     . THR A 1 22 ? 9.495   -4.615  2.351   1.00 35.02 ? 22  THR A N     1 
ATOM   159 C CA    . THR A 1 22 ? 10.634  -5.515  2.352   1.00 35.50 ? 22  THR A CA    1 
ATOM   160 C C     . THR A 1 22 ? 10.152  -6.883  1.886   1.00 36.33 ? 22  THR A C     1 
ATOM   161 O O     . THR A 1 22 ? 9.097   -7.361  2.296   1.00 36.21 ? 22  THR A O     1 
ATOM   162 C CB    . THR A 1 22 ? 11.329  -5.515  3.717   1.00 36.71 ? 22  THR A CB    1 
ATOM   163 O OG1   . THR A 1 22 ? 11.733  -4.173  3.995   1.00 37.27 ? 22  THR A OG1   1 
ATOM   164 C CG2   . THR A 1 22 ? 12.536  -6.430  3.769   1.00 36.32 ? 22  THR A CG2   1 
ATOM   165 N N     . VAL A 1 23 ? 10.885  -7.477  0.946   1.00 38.62 ? 23  VAL A N     1 
ATOM   166 C CA    . VAL A 1 23 ? 10.675  -8.861  0.568   1.00 41.61 ? 23  VAL A CA    1 
ATOM   167 C C     . VAL A 1 23 ? 11.922  -9.625  0.973   1.00 42.45 ? 23  VAL A C     1 
ATOM   168 O O     . VAL A 1 23 ? 13.021  -9.118  0.864   1.00 45.22 ? 23  VAL A O     1 
ATOM   169 C CB    . VAL A 1 23 ? 10.354  -9.067  -0.925  1.00 44.35 ? 23  VAL A CB    1 
ATOM   170 C CG1   . VAL A 1 23 ? 9.106   -8.298  -1.356  1.00 44.52 ? 23  VAL A CG1   1 
ATOM   171 C CG2   . VAL A 1 23 ? 11.522  -8.700  -1.808  1.00 46.15 ? 23  VAL A CG2   1 
ATOM   172 N N     . ALA A 1 24 ? 11.725  -10.837 1.448   1.00 44.57 ? 24  ALA A N     1 
ATOM   173 C CA    . ALA A 1 24 ? 12.812  -11.656 1.949   1.00 48.51 ? 24  ALA A CA    1 
ATOM   174 C C     . ALA A 1 24 ? 12.506  -13.095 1.539   1.00 52.44 ? 24  ALA A C     1 
ATOM   175 O O     . ALA A 1 24 ? 11.403  -13.582 1.779   1.00 54.15 ? 24  ALA A O     1 
ATOM   176 C CB    . ALA A 1 24 ? 12.954  -11.480 3.443   1.00 47.07 ? 24  ALA A CB    1 
ATOM   177 N N     . GLY A 1 25 ? 13.460  -13.730 0.844   1.00 56.38 ? 25  GLY A N     1 
ATOM   178 C CA    . GLY A 1 25 ? 13.172  -14.921 0.069   1.00 60.28 ? 25  GLY A CA    1 
ATOM   179 C C     . GLY A 1 25 ? 11.819  -14.780 -0.604  1.00 61.82 ? 25  GLY A C     1 
ATOM   180 O O     . GLY A 1 25 ? 10.929  -15.587 -0.397  1.00 67.20 ? 25  GLY A O     1 
ATOM   181 N N     . GLY A 1 26 ? 11.622  -13.660 -1.293  1.00 63.20 ? 26  GLY A N     1 
ATOM   182 C CA    . GLY A 1 26 ? 10.436  -13.487 -2.098  1.00 62.83 ? 26  GLY A CA    1 
ATOM   183 C C     . GLY A 1 26 ? 9.203   -13.008 -1.338  1.00 63.13 ? 26  GLY A C     1 
ATOM   184 O O     . GLY A 1 26 ? 8.379   -12.355 -1.972  1.00 65.78 ? 26  GLY A O     1 
ATOM   185 N N     . LYS A 1 27 ? 9.018   -13.345 -0.042  1.00 60.37 ? 27  LYS A N     1 
ATOM   186 C CA    . LYS A 1 27 ? 7.756   -13.057 0.648   1.00 58.31 ? 27  LYS A CA    1 
ATOM   187 C C     . LYS A 1 27 ? 7.739   -11.638 1.244   1.00 52.29 ? 27  LYS A C     1 
ATOM   188 O O     . LYS A 1 27 ? 8.758   -11.112 1.665   1.00 49.56 ? 27  LYS A O     1 
ATOM   189 C CB    . LYS A 1 27 ? 7.457   -14.096 1.742   1.00 62.90 ? 27  LYS A CB    1 
ATOM   190 C CG    . LYS A 1 27 ? 7.999   -13.776 3.134   1.00 64.66 ? 27  LYS A CG    1 
ATOM   191 C CD    . LYS A 1 27 ? 7.263   -14.445 4.281   1.00 69.63 ? 27  LYS A CD    1 
ATOM   192 C CE    . LYS A 1 27 ? 7.139   -15.945 4.124   1.00 74.63 ? 27  LYS A CE    1 
ATOM   193 N NZ    . LYS A 1 27 ? 6.010   -16.320 3.236   1.00 78.34 ? 27  LYS A NZ    1 
ATOM   194 N N     . ILE A 1 28 ? 6.571   -11.008 1.373   1.00 48.91 ? 28  ILE A N     1 
ATOM   195 C CA    . ILE A 1 28 ? 6.558   -9.676  1.969   1.00 46.52 ? 28  ILE A CA    1 
ATOM   196 C C     . ILE A 1 28 ? 6.657   -9.786  3.492   1.00 45.99 ? 28  ILE A C     1 
ATOM   197 O O     . ILE A 1 28 ? 5.816   -10.410 4.114   1.00 48.50 ? 28  ILE A O     1 
ATOM   198 C CB    . ILE A 1 28 ? 5.344   -8.819  1.546   1.00 43.05 ? 28  ILE A CB    1 
ATOM   199 C CG1   . ILE A 1 28 ? 5.199   -8.721  0.028   1.00 44.82 ? 28  ILE A CG1   1 
ATOM   200 C CG2   . ILE A 1 28 ? 5.459   -7.428  2.151   1.00 39.90 ? 28  ILE A CG2   1 
ATOM   201 C CD1   . ILE A 1 28 ? 3.880   -8.065  -0.434  1.00 44.52 ? 28  ILE A CD1   1 
ATOM   202 N N     . THR A 1 29 ? 7.687   -9.149  4.074   1.00 44.22 ? 29  THR A N     1 
ATOM   203 C CA    . THR A 1 29 ? 7.942   -9.143  5.510   1.00 43.08 ? 29  THR A CA    1 
ATOM   204 C C     . THR A 1 29 ? 7.772   -7.741  6.094   1.00 41.31 ? 29  THR A C     1 
ATOM   205 O O     . THR A 1 29 ? 7.900   -7.555  7.296   1.00 41.76 ? 29  THR A O     1 
ATOM   206 C CB    . THR A 1 29 ? 9.366   -9.621  5.868   1.00 44.25 ? 29  THR A CB    1 
ATOM   207 O OG1   . THR A 1 29 ? 10.320  -8.857  5.129   1.00 41.52 ? 29  THR A OG1   1 
ATOM   208 C CG2   . THR A 1 29 ? 9.614   -11.088 5.598   1.00 45.91 ? 29  THR A CG2   1 
ATOM   209 N N     . LYS A 1 30 ? 7.518   -6.712  5.268   1.00 38.23 ? 30  LYS A N     1 
ATOM   210 C CA    . LYS A 1 30 ? 7.266   -5.389  5.815   1.00 37.14 ? 30  LYS A CA    1 
ATOM   211 C C     . LYS A 1 30 ? 6.514   -4.541  4.780   1.00 35.74 ? 30  LYS A C     1 
ATOM   212 O O     . LYS A 1 30 ? 6.808   -4.634  3.607   1.00 34.22 ? 30  LYS A O     1 
ATOM   213 C CB    . LYS A 1 30 ? 8.560   -4.675  6.189   1.00 36.12 ? 30  LYS A CB    1 
ATOM   214 C CG    . LYS A 1 30 ? 8.408   -3.277  6.759   1.00 37.15 ? 30  LYS A CG    1 
ATOM   215 C CD    . LYS A 1 30 ? 9.686   -2.685  7.250   1.00 39.11 ? 30  LYS A CD    1 
ATOM   216 C CE    . LYS A 1 30 ? 10.200  -3.390  8.486   1.00 41.90 ? 30  LYS A CE    1 
ATOM   217 N NZ    . LYS A 1 30 ? 11.633  -3.133  8.695   1.00 43.98 ? 30  LYS A NZ    1 
ATOM   218 N N     . ALA A 1 31 ? 5.514   -3.789  5.238   1.00 35.36 ? 31  ALA A N     1 
ATOM   219 C CA    . ALA A 1 31 ? 4.728   -2.951  4.346   1.00 35.31 ? 31  ALA A CA    1 
ATOM   220 C C     . ALA A 1 31 ? 4.355   -1.657  5.049   1.00 35.95 ? 31  ALA A C     1 
ATOM   221 O O     . ALA A 1 31 ? 4.028   -1.645  6.220   1.00 34.41 ? 31  ALA A O     1 
ATOM   222 C CB    . ALA A 1 31 ? 3.490   -3.670  3.881   1.00 35.69 ? 31  ALA A CB    1 
ATOM   223 N N     . GLU A 1 32 ? 4.411   -0.559  4.292   1.00 36.18 ? 32  GLU A N     1 
ATOM   224 C CA    . GLU A 1 32 ? 4.084   0.749   4.814   1.00 37.42 ? 32  GLU A CA    1 
ATOM   225 C C     . GLU A 1 32 ? 3.662   1.588   3.621   1.00 36.33 ? 32  GLU A C     1 
ATOM   226 O O     . GLU A 1 32 ? 4.038   1.279   2.496   1.00 35.13 ? 32  GLU A O     1 
ATOM   227 C CB    . GLU A 1 32 ? 5.273   1.356   5.553   1.00 41.41 ? 32  GLU A CB    1 
ATOM   228 C CG    . GLU A 1 32 ? 6.521   1.491   4.699   1.00 42.67 ? 32  GLU A CG    1 
ATOM   229 C CD    . GLU A 1 32 ? 7.779   1.084   5.447   1.00 50.86 ? 32  GLU A CD    1 
ATOM   230 O OE1   . GLU A 1 32 ? 8.058   1.792   6.442   1.00 54.40 ? 32  GLU A OE1   1 
ATOM   231 O OE2   . GLU A 1 32 ? 8.444   0.029   5.052   1.00 47.51 ? 32  GLU A OE2   1 
ATOM   232 N N     . ALA A 1 33 ? 2.833   2.590   3.900   1.00 38.67 ? 33  ALA A N     1 
ATOM   233 C CA    . ALA A 1 33 ? 2.560   3.673   2.971   1.00 40.07 ? 33  ALA A CA    1 
ATOM   234 C C     . ALA A 1 33 ? 3.578   4.780   3.238   1.00 43.77 ? 33  ALA A C     1 
ATOM   235 O O     . ALA A 1 33 ? 3.567   5.430   4.281   1.00 48.27 ? 33  ALA A O     1 
ATOM   236 C CB    . ALA A 1 33 ? 1.135   4.176   3.122   1.00 38.80 ? 33  ALA A CB    1 
ATOM   237 N N     . VAL A 1 34 ? 4.497   4.956   2.292   1.00 45.16 ? 34  VAL A N     1 
ATOM   238 C CA    . VAL A 1 34 ? 5.385   6.107   2.245   1.00 49.04 ? 34  VAL A CA    1 
ATOM   239 C C     . VAL A 1 34 ? 4.573   7.399   2.005   1.00 50.20 ? 34  VAL A C     1 
ATOM   240 O O     . VAL A 1 34 ? 4.938   8.443   2.549   1.00 52.50 ? 34  VAL A O     1 
ATOM   241 C CB    . VAL A 1 34 ? 6.449   5.840   1.157   1.00 49.95 ? 34  VAL A CB    1 
ATOM   242 C CG1   . VAL A 1 34 ? 7.257   7.076   0.803   1.00 53.52 ? 34  VAL A CG1   1 
ATOM   243 C CG2   . VAL A 1 34 ? 7.340   4.661   1.554   1.00 52.52 ? 34  VAL A CG2   1 
ATOM   244 N N     . GLN A 1 35 ? 3.497   7.336   1.190   1.00 45.00 ? 35  GLN A N     1 
ATOM   245 C CA    . GLN A 1 35 ? 2.571   8.458   0.991   1.00 46.33 ? 35  GLN A CA    1 
ATOM   246 C C     . GLN A 1 35 ? 1.125   7.970   1.072   1.00 43.98 ? 35  GLN A C     1 
ATOM   247 O O     . GLN A 1 35 ? 0.843   6.849   0.628   1.00 38.10 ? 35  GLN A O     1 
ATOM   248 C CB    . GLN A 1 35 ? 2.810   9.159   -0.355  1.00 46.68 ? 35  GLN A CB    1 
ATOM   249 C CG    . GLN A 1 35 ? 4.228   9.696   -0.473  1.00 49.46 ? 35  GLN A CG    1 
ATOM   250 C CD    . GLN A 1 35 ? 4.396   10.781  -1.501  1.00 53.53 ? 35  GLN A CD    1 
ATOM   251 O OE1   . GLN A 1 35 ? 3.649   11.759  -1.538  1.00 53.05 ? 35  GLN A OE1   1 
ATOM   252 N NE2   . GLN A 1 35 ? 5.394   10.606  -2.348  1.00 55.44 ? 35  GLN A NE2   1 
ATOM   253 N N     . ALA A 1 36 ? 0.229   8.831   1.619   1.00 45.46 ? 36  ALA A N     1 
ATOM   254 C CA    . ALA A 1 36 ? -1.198  8.536   1.761   1.00 43.73 ? 36  ALA A CA    1 
ATOM   255 C C     . ALA A 1 36 ? -2.025  9.824   1.806   1.00 47.01 ? 36  ALA A C     1 
ATOM   256 O O     . ALA A 1 36 ? -1.548  10.850  2.279   1.00 49.07 ? 36  ALA A O     1 
ATOM   257 C CB    . ALA A 1 36 ? -1.447  7.716   3.003   1.00 43.54 ? 36  ALA A CB    1 
ATOM   258 N N     . PRO A 1 37 ? -3.299  9.845   1.339   1.00 46.91 ? 37  PRO A N     1 
ATOM   259 C CA    . PRO A 1 37 ? -4.148  11.031  1.547   1.00 50.91 ? 37  PRO A CA    1 
ATOM   260 C C     . PRO A 1 37 ? -4.206  11.561  2.998   1.00 53.08 ? 37  PRO A C     1 
ATOM   261 O O     . PRO A 1 37 ? -4.253  10.807  3.982   1.00 49.19 ? 37  PRO A O     1 
ATOM   262 C CB    . PRO A 1 37 ? -5.507  10.578  0.972   1.00 47.69 ? 37  PRO A CB    1 
ATOM   263 C CG    . PRO A 1 37 ? -5.122  9.600   -0.127  1.00 47.65 ? 37  PRO A CG    1 
ATOM   264 C CD    . PRO A 1 37 ? -3.926  8.853   0.453   1.00 43.60 ? 37  PRO A CD    1 
ATOM   265 N N     . LYS A 1 38 ? -4.156  12.902  3.091   1.00 56.14 ? 38  LYS A N     1 
ATOM   266 C CA    . LYS A 1 38 ? -4.127  13.670  4.324   1.00 59.04 ? 38  LYS A CA    1 
ATOM   267 C C     . LYS A 1 38 ? -5.065  14.875  4.188   1.00 61.42 ? 38  LYS A C     1 
ATOM   268 O O     . LYS A 1 38 ? -5.464  15.256  3.086   1.00 58.56 ? 38  LYS A O     1 
ATOM   269 C CB    . LYS A 1 38 ? -2.699  14.148  4.632   1.00 65.34 ? 38  LYS A CB    1 
ATOM   270 C CG    . LYS A 1 38 ? -1.671  13.077  5.005   1.00 65.30 ? 38  LYS A CG    1 
ATOM   271 C CD    . LYS A 1 38 ? -2.216  11.956  5.908   1.00 65.24 ? 38  LYS A CD    1 
ATOM   272 C CE    . LYS A 1 38 ? -1.196  11.338  6.839   1.00 68.28 ? 38  LYS A CE    1 
ATOM   273 N NZ    . LYS A 1 38 ? -0.291  10.400  6.135   1.00 67.73 ? 38  LYS A NZ    1 
ATOM   274 N N     . GLY A 1 39 ? -5.398  15.486  5.330   1.00 63.71 ? 39  GLY A N     1 
ATOM   275 C CA    . GLY A 1 39 ? -6.235  16.676  5.374   1.00 65.99 ? 39  GLY A CA    1 
ATOM   276 C C     . GLY A 1 39 ? -7.712  16.299  5.324   1.00 64.69 ? 39  GLY A C     1 
ATOM   277 O O     . GLY A 1 39 ? -8.101  15.425  4.538   1.00 63.55 ? 39  GLY A O     1 
ATOM   278 N N     . GLY A 1 40 ? -8.516  16.933  6.187   1.00 63.76 ? 40  GLY A N     1 
ATOM   279 C CA    . GLY A 1 40 ? -9.938  16.632  6.254   1.00 62.07 ? 40  GLY A CA    1 
ATOM   280 C C     . GLY A 1 40 ? -10.175 15.146  6.512   1.00 58.35 ? 40  GLY A C     1 
ATOM   281 O O     . GLY A 1 40 ? -9.296  14.478  7.072   1.00 54.80 ? 40  GLY A O     1 
ATOM   282 N N     . ARG A 1 41 ? -11.324 14.625  6.041   1.00 56.55 ? 41  ARG A N     1 
ATOM   283 C CA    . ARG A 1 41 ? -11.737 13.281  6.414   1.00 56.74 ? 41  ARG A CA    1 
ATOM   284 C C     . ARG A 1 41 ? -10.797 12.231  5.833   1.00 51.13 ? 41  ARG A C     1 
ATOM   285 O O     . ARG A 1 41 ? -10.859 11.088  6.270   1.00 51.46 ? 41  ARG A O     1 
ATOM   286 C CB    . ARG A 1 41 ? -13.159 12.889  5.996   1.00 60.33 ? 41  ARG A CB    1 
ATOM   287 C CG    . ARG A 1 41 ? -13.653 11.669  6.774   1.00 65.69 ? 41  ARG A CG    1 
ATOM   288 C CD    . ARG A 1 41 ? -14.675 10.762  6.112   1.00 68.59 ? 41  ARG A CD    1 
ATOM   289 N NE    . ARG A 1 41 ? -15.926 11.479  5.886   1.00 74.42 ? 41  ARG A NE    1 
ATOM   290 C CZ    . ARG A 1 41 ? -16.603 12.132  6.833   1.00 83.28 ? 41  ARG A CZ    1 
ATOM   291 N NH1   . ARG A 1 41 ? -16.556 11.728  8.093   1.00 88.13 ? 41  ARG A NH1   1 
ATOM   292 N NH2   . ARG A 1 41 ? -17.342 13.185  6.519   1.00 87.36 ? 41  ARG A NH2   1 
ATOM   293 N N     . SER A 1 42 ? -9.952  12.619  4.865   1.00 48.18 ? 42  SER A N     1 
ATOM   294 C CA    . SER A 1 42 ? -8.965  11.736  4.277   1.00 45.70 ? 42  SER A CA    1 
ATOM   295 C C     . SER A 1 42 ? -7.979  11.241  5.332   1.00 47.07 ? 42  SER A C     1 
ATOM   296 O O     . SER A 1 42 ? -7.438  10.151  5.190   1.00 43.00 ? 42  SER A O     1 
ATOM   297 C CB    . SER A 1 42 ? -8.243  12.386  3.120   1.00 45.62 ? 42  SER A CB    1 
ATOM   298 O OG    . SER A 1 42 ? -9.139  12.658  2.050   1.00 44.52 ? 42  SER A OG    1 
ATOM   299 N N     . ASP A 1 43 ? -7.730  12.030  6.385   1.00 52.60 ? 43  ASP A N     1 
ATOM   300 C CA    . ASP A 1 43 ? -6.887  11.546  7.475   1.00 56.59 ? 43  ASP A CA    1 
ATOM   301 C C     . ASP A 1 43 ? -7.532  10.338  8.153   1.00 57.76 ? 43  ASP A C     1 
ATOM   302 O O     . ASP A 1 43 ? -6.887  9.288   8.311   1.00 53.71 ? 43  ASP A O     1 
ATOM   303 C CB    . ASP A 1 43 ? -6.594  12.619  8.519   1.00 64.35 ? 43  ASP A CB    1 
ATOM   304 C CG    . ASP A 1 43 ? -5.520  13.616  8.114   1.00 67.71 ? 43  ASP A CG    1 
ATOM   305 O OD1   . ASP A 1 43 ? -4.437  13.172  7.654   1.00 63.57 ? 43  ASP A OD1   1 
ATOM   306 O OD2   . ASP A 1 43 ? -5.765  14.838  8.297   1.00 72.72 ? 43  ASP A OD2   1 
ATOM   307 N N     . GLN A 1 44 ? -8.804  10.525  8.543   1.00 58.66 ? 44  GLN A N     1 
ATOM   308 C CA    . GLN A 1 44 ? -9.623  9.487   9.146   1.00 60.17 ? 44  GLN A CA    1 
ATOM   309 C C     . GLN A 1 44 ? -9.572  8.229   8.282   1.00 55.58 ? 44  GLN A C     1 
ATOM   310 O O     . GLN A 1 44 ? -9.222  7.155   8.764   1.00 53.70 ? 44  GLN A O     1 
ATOM   311 C CB    . GLN A 1 44 ? -11.043 10.021  9.275   1.00 63.79 ? 44  GLN A CB    1 
ATOM   312 C CG    . GLN A 1 44 ? -11.764 9.601   10.533  1.00 69.18 ? 44  GLN A CG    1 
ATOM   313 C CD    . GLN A 1 44 ? -12.993 10.469  10.675  1.00 74.51 ? 44  GLN A CD    1 
ATOM   314 O OE1   . GLN A 1 44 ? -13.314 11.262  9.791   1.00 73.44 ? 44  GLN A OE1   1 
ATOM   315 N NE2   . GLN A 1 44 ? -13.684 10.348  11.800  1.00 80.68 ? 44  GLN A NE2   1 
ATOM   316 N N     . ILE A 1 45 ? -9.864  8.394   6.986   1.00 52.91 ? 45  ILE A N     1 
ATOM   317 C CA    . ILE A 1 45 ? -9.866  7.282   6.038   1.00 49.39 ? 45  ILE A CA    1 
ATOM   318 C C     . ILE A 1 45 ? -8.475  6.628   5.925   1.00 46.69 ? 45  ILE A C     1 
ATOM   319 O O     . ILE A 1 45 ? -8.364  5.403   5.845   1.00 43.83 ? 45  ILE A O     1 
ATOM   320 C CB    . ILE A 1 45 ? -10.405 7.735   4.660   1.00 48.33 ? 45  ILE A CB    1 
ATOM   321 C CG1   . ILE A 1 45 ? -11.757 8.467   4.726   1.00 52.05 ? 45  ILE A CG1   1 
ATOM   322 C CG2   . ILE A 1 45 ? -10.461 6.541   3.719   1.00 46.96 ? 45  ILE A CG2   1 
ATOM   323 C CD1   . ILE A 1 45 ? -12.838 7.750   5.508   1.00 56.17 ? 45  ILE A CD1   1 
ATOM   324 N N     . THR A 1 46 ? -7.400  7.432   5.892   1.00 46.94 ? 46  THR A N     1 
ATOM   325 C CA    . THR A 1 46 ? -6.042  6.916   5.786   1.00 47.87 ? 46  THR A CA    1 
ATOM   326 C C     . THR A 1 46 ? -5.725  6.069   7.020   1.00 48.98 ? 46  THR A C     1 
ATOM   327 O O     . THR A 1 46 ? -5.389  4.897   6.909   1.00 45.83 ? 46  THR A O     1 
ATOM   328 C CB    . THR A 1 46 ? -5.031  8.061   5.594   1.00 48.39 ? 46  THR A CB    1 
ATOM   329 O OG1   . THR A 1 46 ? -5.120  8.473   4.233   1.00 50.44 ? 46  THR A OG1   1 
ATOM   330 C CG2   . THR A 1 46 ? -3.591  7.671   5.857   1.00 47.52 ? 46  THR A CG2   1 
ATOM   331 N N     . SER A 1 47 ? -5.825  6.712   8.185   1.00 55.55 ? 47  SER A N     1 
ATOM   332 C CA    . SER A 1 47 ? -5.768  6.088   9.496   1.00 59.69 ? 47  SER A CA    1 
ATOM   333 C C     . SER A 1 47 ? -6.555  4.772   9.507   1.00 59.47 ? 47  SER A C     1 
ATOM   334 O O     . SER A 1 47 ? -6.012  3.718   9.854   1.00 59.99 ? 47  SER A O     1 
ATOM   335 C CB    . SER A 1 47 ? -6.274  7.080   10.513  1.00 64.73 ? 47  SER A CB    1 
ATOM   336 O OG    . SER A 1 47 ? -6.109  6.609   11.838  1.00 75.01 ? 47  SER A OG    1 
ATOM   337 N N     . ALA A 1 48 ? -7.826  4.820   9.095   1.00 55.83 ? 48  ALA A N     1 
ATOM   338 C CA    . ALA A 1 48 ? -8.661  3.626   9.069   1.00 56.91 ? 48  ALA A CA    1 
ATOM   339 C C     . ALA A 1 48 ? -8.012  2.553   8.194   1.00 51.96 ? 48  ALA A C     1 
ATOM   340 O O     . ALA A 1 48 ? -7.798  1.429   8.647   1.00 60.09 ? 48  ALA A O     1 
ATOM   341 C CB    . ALA A 1 48 ? -10.068 3.952   8.606   1.00 59.87 ? 48  ALA A CB    1 
ATOM   342 N N     . SER A 1 49 ? -7.608  2.922   6.979   1.00 43.97 ? 49  SER A N     1 
ATOM   343 C CA    . SER A 1 49 ? -7.473  1.971   5.884   1.00 41.53 ? 49  SER A CA    1 
ATOM   344 C C     . SER A 1 49 ? -6.040  1.457   5.720   1.00 41.36 ? 49  SER A C     1 
ATOM   345 O O     . SER A 1 49 ? -5.858  0.254   5.552   1.00 38.18 ? 49  SER A O     1 
ATOM   346 C CB    . SER A 1 49 ? -7.984  2.566   4.592   1.00 42.18 ? 49  SER A CB    1 
ATOM   347 O OG    . SER A 1 49 ? -7.167  3.645   4.172   1.00 39.39 ? 49  SER A OG    1 
ATOM   348 N N     . VAL A 1 50 ? -5.027  2.329   5.784   1.00 41.81 ? 50  VAL A N     1 
ATOM   349 C CA    . VAL A 1 50 ? -3.719  1.897   5.320   1.00 42.51 ? 50  VAL A CA    1 
ATOM   350 C C     . VAL A 1 50 ? -3.144  0.871   6.299   1.00 41.76 ? 50  VAL A C     1 
ATOM   351 O O     . VAL A 1 50 ? -2.636  -0.127  5.825   1.00 37.96 ? 50  VAL A O     1 
ATOM   352 C CB    . VAL A 1 50 ? -2.737  3.033   4.970   1.00 45.64 ? 50  VAL A CB    1 
ATOM   353 C CG1   . VAL A 1 50 ? -3.361  3.993   3.959   1.00 46.24 ? 50  VAL A CG1   1 
ATOM   354 C CG2   . VAL A 1 50 ? -2.179  3.783   6.160   1.00 50.88 ? 50  VAL A CG2   1 
ATOM   355 N N     . PRO A 1 51 ? -3.263  1.016   7.639   1.00 42.79 ? 51  PRO A N     1 
ATOM   356 C CA    . PRO A 1 51 ? -2.773  -0.028  8.552   1.00 46.25 ? 51  PRO A CA    1 
ATOM   357 C C     . PRO A 1 51 ? -3.371  -1.401  8.225   1.00 45.83 ? 51  PRO A C     1 
ATOM   358 O O     . PRO A 1 51 ? -2.703  -2.427  8.329   1.00 42.55 ? 51  PRO A O     1 
ATOM   359 C CB    . PRO A 1 51 ? -3.166  0.518   9.925   1.00 49.73 ? 51  PRO A CB    1 
ATOM   360 C CG    . PRO A 1 51 ? -3.133  2.016   9.725   1.00 50.54 ? 51  PRO A CG    1 
ATOM   361 C CD    . PRO A 1 51 ? -3.772  2.193   8.363   1.00 45.42 ? 51  PRO A CD    1 
ATOM   362 N N     . ARG A 1 52 ? -4.609  -1.404  7.721   1.00 45.29 ? 52  ARG A N     1 
ATOM   363 C CA    . ARG A 1 52 ? -5.307  -2.634  7.382   1.00 45.62 ? 52  ARG A CA    1 
ATOM   364 C C     . ARG A 1 52 ? -4.742  -3.217  6.093   1.00 40.15 ? 52  ARG A C     1 
ATOM   365 O O     . ARG A 1 52 ? -4.482  -4.420  6.027   1.00 39.91 ? 52  ARG A O     1 
ATOM   366 C CB    . ARG A 1 52 ? -6.818  -2.411  7.292   1.00 49.04 ? 52  ARG A CB    1 
ATOM   367 C CG    . ARG A 1 52 ? -7.503  -2.423  8.649   1.00 58.26 ? 52  ARG A CG    1 
ATOM   368 C CD    . ARG A 1 52 ? -8.885  -3.052  8.616   1.00 64.37 ? 52  ARG A CD    1 
ATOM   369 N NE    . ARG A 1 52 ? -9.850  -2.235  7.889   1.00 69.16 ? 52  ARG A NE    1 
ATOM   370 C CZ    . ARG A 1 52 ? -10.177 -0.981  8.230   1.00 74.92 ? 52  ARG A CZ    1 
ATOM   371 N NH1   . ARG A 1 52 ? -9.562  -0.394  9.242   1.00 85.60 ? 52  ARG A NH1   1 
ATOM   372 N NH2   . ARG A 1 52 ? -11.125 -0.311  7.594   1.00 70.86 ? 52  ARG A NH2   1 
ATOM   373 N N     . LEU A 1 53 ? -4.499  -2.340  5.109   1.00 35.25 ? 53  LEU A N     1 
ATOM   374 C CA    . LEU A 1 53 ? -3.837  -2.691  3.861   1.00 32.32 ? 53  LEU A CA    1 
ATOM   375 C C     . LEU A 1 53 ? -2.417  -3.244  4.083   1.00 31.91 ? 53  LEU A C     1 
ATOM   376 O O     . LEU A 1 53 ? -2.047  -4.205  3.409   1.00 34.90 ? 53  LEU A O     1 
ATOM   377 C CB    . LEU A 1 53 ? -3.792  -1.447  2.968   1.00 32.42 ? 53  LEU A CB    1 
ATOM   378 C CG    . LEU A 1 53 ? -5.156  -0.998  2.422   1.00 32.12 ? 53  LEU A CG    1 
ATOM   379 C CD1   . LEU A 1 53 ? -5.045  0.385   1.820   1.00 31.71 ? 53  LEU A CD1   1 
ATOM   380 C CD2   . LEU A 1 53 ? -5.674  -1.983  1.399   1.00 32.29 ? 53  LEU A CD2   1 
ATOM   381 N N     . ASN A 1 54 ? -1.626  -2.560  4.911   1.00 31.06 ? 54  ASN A N     1 
ATOM   382 C CA    . ASN A 1 54 ? -0.289  -2.979  5.343   1.00 34.68 ? 54  ASN A CA    1 
ATOM   383 C C     . ASN A 1 54 ? -0.323  -4.397  5.899   1.00 36.83 ? 54  ASN A C     1 
ATOM   384 O O     . ASN A 1 54 ? 0.475   -5.235  5.496   1.00 39.61 ? 54  ASN A O     1 
ATOM   385 C CB    . ASN A 1 54 ? 0.321   -2.023  6.381   1.00 34.11 ? 54  ASN A CB    1 
ATOM   386 C CG    . ASN A 1 54 ? 0.763   -0.703  5.806   1.00 35.03 ? 54  ASN A CG    1 
ATOM   387 O OD1   . ASN A 1 54 ? 1.050   -0.598  4.610   1.00 36.19 ? 54  ASN A OD1   1 
ATOM   388 N ND2   . ASN A 1 54 ? 0.838   0.314   6.642   1.00 36.66 ? 54  ASN A ND2   1 
ATOM   389 N N     . GLN A 1 55 ? -1.238  -4.633  6.846   1.00 40.95 ? 55  GLN A N     1 
ATOM   390 C CA    . GLN A 1 55 ? -1.398  -5.932  7.471   1.00 44.27 ? 55  GLN A CA    1 
ATOM   391 C C     . GLN A 1 55 ? -1.747  -6.953  6.393   1.00 45.47 ? 55  GLN A C     1 
ATOM   392 O O     . GLN A 1 55 ? -1.194  -8.048  6.403   1.00 40.39 ? 55  GLN A O     1 
ATOM   393 C CB    . GLN A 1 55 ? -2.441  -5.860  8.585   1.00 47.15 ? 55  GLN A CB    1 
ATOM   394 C CG    . GLN A 1 55 ? -1.905  -5.186  9.830   1.00 50.75 ? 55  GLN A CG    1 
ATOM   395 C CD    . GLN A 1 55 ? -2.781  -5.368  11.047  1.00 57.40 ? 55  GLN A CD    1 
ATOM   396 O OE1   . GLN A 1 55 ? -3.322  -4.402  11.560  1.00 60.46 ? 55  GLN A OE1   1 
ATOM   397 N NE2   . GLN A 1 55 ? -2.906  -6.585  11.556  1.00 60.08 ? 55  GLN A NE2   1 
ATOM   398 N N     . ALA A 1 56 ? -2.646  -6.581  5.460   1.00 42.07 ? 56  ALA A N     1 
ATOM   399 C CA    . ALA A 1 56 ? -3.115  -7.520  4.447   1.00 42.60 ? 56  ALA A CA    1 
ATOM   400 C C     . ALA A 1 56 ? -2.040  -7.786  3.375   1.00 41.45 ? 56  ALA A C     1 
ATOM   401 O O     . ALA A 1 56 ? -1.998  -8.875  2.790   1.00 45.66 ? 56  ALA A O     1 
ATOM   402 C CB    . ALA A 1 56 ? -4.417  -7.011  3.863   1.00 42.96 ? 56  ALA A CB    1 
ATOM   403 N N     . ALA A 1 57 ? -1.166  -6.805  3.117   1.00 36.84 ? 57  ALA A N     1 
ATOM   404 C CA    . ALA A 1 57 ? -0.020  -6.990  2.237   1.00 36.74 ? 57  ALA A CA    1 
ATOM   405 C C     . ALA A 1 57 ? 0.989   -7.980  2.856   1.00 37.15 ? 57  ALA A C     1 
ATOM   406 O O     . ALA A 1 57 ? 1.606   -8.747  2.136   1.00 37.37 ? 57  ALA A O     1 
ATOM   407 C CB    . ALA A 1 57 ? 0.653   -5.670  1.969   1.00 35.44 ? 57  ALA A CB    1 
ATOM   408 N N     . VAL A 1 58 ? 1.188   -7.915  4.178   1.00 39.24 ? 58  VAL A N     1 
ATOM   409 C CA    . VAL A 1 58 ? 2.176   -8.750  4.849   1.00 40.25 ? 58  VAL A CA    1 
ATOM   410 C C     . VAL A 1 58 ? 1.599   -10.161 4.953   1.00 42.97 ? 58  VAL A C     1 
ATOM   411 O O     . VAL A 1 58 ? 2.330   -11.134 4.853   1.00 40.63 ? 58  VAL A O     1 
ATOM   412 C CB    . VAL A 1 58 ? 2.601   -8.169  6.219   1.00 40.52 ? 58  VAL A CB    1 
ATOM   413 C CG1   . VAL A 1 58 ? 3.455   -9.135  7.024   1.00 42.10 ? 58  VAL A CG1   1 
ATOM   414 C CG2   . VAL A 1 58 ? 3.323   -6.850  6.091   1.00 39.90 ? 58  VAL A CG2   1 
ATOM   415 N N     . ALA A 1 59 ? 0.271   -10.283 5.099   1.00 44.60 ? 59  ALA A N     1 
ATOM   416 C CA    . ALA A 1 59 ? -0.351  -11.601 5.180   1.00 48.56 ? 59  ALA A CA    1 
ATOM   417 C C     . ALA A 1 59 ? -0.463  -12.236 3.787   1.00 49.88 ? 59  ALA A C     1 
ATOM   418 O O     . ALA A 1 59 ? -0.246  -13.450 3.669   1.00 49.58 ? 59  ALA A O     1 
ATOM   419 C CB    . ALA A 1 59 ? -1.680  -11.537 5.907   1.00 48.44 ? 59  ALA A CB    1 
ATOM   420 N N     . ALA A 1 60 ? -0.746  -11.421 2.746   1.00 45.66 ? 60  ALA A N     1 
ATOM   421 C CA    . ALA A 1 60 ? -0.983  -11.896 1.384   1.00 47.34 ? 60  ALA A CA    1 
ATOM   422 C C     . ALA A 1 60 ? 0.295   -12.345 0.682   1.00 48.25 ? 60  ALA A C     1 
ATOM   423 O O     . ALA A 1 60 ? 0.283   -13.321 -0.065  1.00 52.81 ? 60  ALA A O     1 
ATOM   424 C CB    . ALA A 1 60 ? -1.635  -10.802 0.555   1.00 47.42 ? 60  ALA A CB    1 
ATOM   425 N N     . GLY A 1 61 ? 1.380   -11.597 0.878   1.00 45.38 ? 61  GLY A N     1 
ATOM   426 C CA    . GLY A 1 61 ? 2.587   -11.758 0.081   1.00 47.13 ? 61  GLY A CA    1 
ATOM   427 C C     . GLY A 1 61 ? 2.392   -11.369 -1.387  1.00 49.05 ? 61  GLY A C     1 
ATOM   428 O O     . GLY A 1 61 ? 3.126   -11.852 -2.241  1.00 53.34 ? 61  GLY A O     1 
ATOM   429 N N     . SER A 1 62 ? 1.401   -10.510 -1.668  1.00 47.25 ? 62  SER A N     1 
ATOM   430 C CA    . SER A 1 62 ? 1.016   -10.146 -3.020  1.00 50.27 ? 62  SER A CA    1 
ATOM   431 C C     . SER A 1 62 ? 0.090   -8.931  -2.965  1.00 49.84 ? 62  SER A C     1 
ATOM   432 O O     . SER A 1 62 ? -0.286  -8.477  -1.885  1.00 49.10 ? 62  SER A O     1 
ATOM   433 C CB    . SER A 1 62 ? 0.357   -11.303 -3.755  1.00 54.76 ? 62  SER A CB    1 
ATOM   434 O OG    . SER A 1 62 ? -1.021  -11.425 -3.415  1.00 54.41 ? 62  SER A OG    1 
ATOM   435 N N     . ALA A 1 63 ? -0.251  -8.408  -4.148  1.00 50.42 ? 63  ALA A N     1 
ATOM   436 C CA    . ALA A 1 63 ? -1.144  -7.269  -4.285  1.00 51.07 ? 63  ALA A CA    1 
ATOM   437 C C     . ALA A 1 63 ? -2.593  -7.722  -4.509  1.00 53.86 ? 63  ALA A C     1 
ATOM   438 O O     . ALA A 1 63 ? -3.489  -6.886  -4.633  1.00 53.07 ? 63  ALA A O     1 
ATOM   439 C CB    . ALA A 1 63 ? -0.629  -6.395  -5.409  1.00 53.52 ? 63  ALA A CB    1 
ATOM   440 N N     . GLU A 1 64 ? -2.815  -9.045  -4.583  1.00 60.82 ? 64  GLU A N     1 
ATOM   441 C CA    . GLU A 1 64 ? -4.149  -9.606  -4.481  1.00 65.34 ? 64  GLU A CA    1 
ATOM   442 C C     . GLU A 1 64 ? -4.605  -9.517  -3.022  1.00 63.32 ? 64  GLU A C     1 
ATOM   443 O O     . GLU A 1 64 ? -4.435  -10.470 -2.257  1.00 68.84 ? 64  GLU A O     1 
ATOM   444 C CB    . GLU A 1 64 ? -4.178  -11.069 -4.938  1.00 73.43 ? 64  GLU A CB    1 
ATOM   445 C CG    . GLU A 1 64 ? -3.677  -11.323 -6.350  1.00 77.60 ? 64  GLU A CG    1 
ATOM   446 C CD    . GLU A 1 64 ? -3.811  -12.769 -6.822  1.00 86.17 ? 64  GLU A CD    1 
ATOM   447 O OE1   . GLU A 1 64 ? -4.680  -13.495 -6.300  1.00 90.82 ? 64  GLU A OE1   1 
ATOM   448 O OE2   . GLU A 1 64 ? -3.029  -13.187 -7.701  1.00 90.13 ? 64  GLU A OE2   1 
ATOM   449 N N     . ILE A 1 65 ? -5.110  -8.339  -2.639  1.00 55.46 ? 65  ILE A N     1 
ATOM   450 C CA    . ILE A 1 65 ? -5.635  -8.037  -1.313  1.00 54.06 ? 65  ILE A CA    1 
ATOM   451 C C     . ILE A 1 65 ? -6.977  -7.323  -1.499  1.00 52.69 ? 65  ILE A C     1 
ATOM   452 O O     . ILE A 1 65 ? -7.178  -6.722  -2.551  1.00 48.38 ? 65  ILE A O     1 
ATOM   453 C CB    . ILE A 1 65 ? -4.638  -7.156  -0.519  1.00 51.68 ? 65  ILE A CB    1 
ATOM   454 C CG1   . ILE A 1 65 ? -4.324  -5.833  -1.218  1.00 49.22 ? 65  ILE A CG1   1 
ATOM   455 C CG2   . ILE A 1 65 ? -3.365  -7.921  -0.188  1.00 53.85 ? 65  ILE A CG2   1 
ATOM   456 C CD1   . ILE A 1 65 ? -3.595  -4.847  -0.348  1.00 46.99 ? 65  ILE A CD1   1 
ATOM   457 N N     . ASP A 1 66 ? -7.852  -7.322  -0.482  1.00 52.75 ? 66  ASP A N     1 
ATOM   458 C CA    . ASP A 1 66 ? -9.194  -6.764  -0.631  1.00 57.93 ? 66  ASP A CA    1 
ATOM   459 C C     . ASP A 1 66 ? -9.171  -5.250  -0.367  1.00 51.29 ? 66  ASP A C     1 
ATOM   460 O O     . ASP A 1 66 ? -8.488  -4.776  0.525   1.00 51.14 ? 66  ASP A O     1 
ATOM   461 C CB    . ASP A 1 66 ? -10.181 -7.586  0.217   1.00 64.76 ? 66  ASP A CB    1 
ATOM   462 C CG    . ASP A 1 66 ? -11.650 -7.382  -0.146  1.00 68.26 ? 66  ASP A CG    1 
ATOM   463 O OD1   . ASP A 1 66 ? -11.960 -6.315  -0.703  1.00 69.03 ? 66  ASP A OD1   1 
ATOM   464 O OD2   . ASP A 1 66 ? -12.486 -8.303  0.109   1.00 75.30 ? 66  ASP A OD2   1 
ATOM   465 N N     . ALA A 1 67 ? -9.882  -4.457  -1.183  1.00 52.85 ? 67  ALA A N     1 
ATOM   466 C CA    . ALA A 1 67 ? -10.074 -3.029  -0.928  1.00 45.60 ? 67  ALA A CA    1 
ATOM   467 C C     . ALA A 1 67 ? -10.730 -2.851  0.442   1.00 44.56 ? 67  ALA A C     1 
ATOM   468 O O     . ALA A 1 67 ? -11.594 -3.630  0.796   1.00 47.57 ? 67  ALA A O     1 
ATOM   469 C CB    . ALA A 1 67 ? -10.945 -2.416  -2.019  1.00 45.36 ? 67  ALA A CB    1 
ATOM   470 N N     . VAL A 1 68 ? -10.311 -1.855  1.225   1.00 40.84 ? 68  VAL A N     1 
ATOM   471 C CA    . VAL A 1 68 ? -11.022 -1.489  2.444   1.00 39.63 ? 68  VAL A CA    1 
ATOM   472 C C     . VAL A 1 68 ? -12.275 -0.731  2.023   1.00 39.48 ? 68  VAL A C     1 
ATOM   473 O O     . VAL A 1 68 ? -12.128 0.244   1.298   1.00 34.91 ? 68  VAL A O     1 
ATOM   474 C CB    . VAL A 1 68 ? -10.144 -0.621  3.376   1.00 37.97 ? 68  VAL A CB    1 
ATOM   475 C CG1   . VAL A 1 68 ? -10.890 -0.128  4.607   1.00 40.21 ? 68  VAL A CG1   1 
ATOM   476 C CG2   . VAL A 1 68 ? -8.872  -1.349  3.791   1.00 38.69 ? 68  VAL A CG2   1 
ATOM   477 N N     . SER A 1 69 ? -13.466 -1.193  2.462   1.00 41.76 ? 69  SER A N     1 
ATOM   478 C CA    . SER A 1 69 ? -14.731 -0.526  2.194   1.00 42.44 ? 69  SER A CA    1 
ATOM   479 C C     . SER A 1 69 ? -14.729 0.872   2.791   1.00 39.81 ? 69  SER A C     1 
ATOM   480 O O     . SER A 1 69 ? -14.343 1.046   3.949   1.00 38.40 ? 69  SER A O     1 
ATOM   481 C CB    . SER A 1 69 ? -15.903 -1.275  2.758   1.00 48.73 ? 69  SER A CB    1 
ATOM   482 O OG    . SER A 1 69 ? -15.988 -2.571  2.214   1.00 54.82 ? 69  SER A OG    1 
ATOM   483 N N     . GLY A 1 70 ? -15.203 1.848   1.997   1.00 38.31 ? 70  GLY A N     1 
ATOM   484 C CA    . GLY A 1 70 ? -15.249 3.241   2.402   1.00 37.83 ? 70  GLY A CA    1 
ATOM   485 C C     . GLY A 1 70 ? -13.937 3.968   2.145   1.00 36.22 ? 70  GLY A C     1 
ATOM   486 O O     . GLY A 1 70 ? -13.795 5.148   2.471   1.00 39.25 ? 70  GLY A O     1 
ATOM   487 N N     . ALA A 1 71 ? -12.961 3.243   1.586   1.00 36.51 ? 71  ALA A N     1 
ATOM   488 C CA    . ALA A 1 71 ? -11.632 3.765   1.332   1.00 32.37 ? 71  ALA A CA    1 
ATOM   489 C C     . ALA A 1 71 ? -11.143 3.160   0.024   1.00 33.31 ? 71  ALA A C     1 
ATOM   490 O O     . ALA A 1 71 ? -9.991  2.726   -0.087  1.00 31.47 ? 71  ALA A O     1 
ATOM   491 C CB    . ALA A 1 71 ? -10.715 3.444   2.491   1.00 34.30 ? 71  ALA A CB    1 
ATOM   492 N N     . THR A 1 72 ? -12.034 3.130   -0.974  1.00 33.53 ? 72  THR A N     1 
ATOM   493 C CA    . THR A 1 72 ? -11.786 2.391   -2.206  1.00 36.15 ? 72  THR A CA    1 
ATOM   494 C C     . THR A 1 72 ? -10.738 3.067   -3.078  1.00 33.50 ? 72  THR A C     1 
ATOM   495 O O     . THR A 1 72 ? -9.989  2.360   -3.742  1.00 34.90 ? 72  THR A O     1 
ATOM   496 C CB    . THR A 1 72 ? -13.047 2.197   -3.048  1.00 40.83 ? 72  THR A CB    1 
ATOM   497 O OG1   . THR A 1 72 ? -13.962 1.390   -2.327  1.00 46.20 ? 72  THR A OG1   1 
ATOM   498 C CG2   . THR A 1 72 ? -12.779 1.471   -4.344  1.00 45.07 ? 72  THR A CG2   1 
ATOM   499 N N     . TYR A 1 73 ? -10.708 4.413   -3.089  1.00 32.42 ? 73  TYR A N     1 
ATOM   500 C CA    . TYR A 1 73 ? -9.705  5.189   -3.816  1.00 32.39 ? 73  TYR A CA    1 
ATOM   501 C C     . TYR A 1 73 ? -8.280  4.945   -3.273  1.00 30.57 ? 73  TYR A C     1 
ATOM   502 O O     . TYR A 1 73 ? -7.327  4.734   -4.039  1.00 28.95 ? 73  TYR A O     1 
ATOM   503 C CB    . TYR A 1 73 ? -10.071 6.678   -3.767  1.00 33.31 ? 73  TYR A CB    1 
ATOM   504 C CG    . TYR A 1 73 ? -11.354 6.949   -4.498  1.00 33.61 ? 73  TYR A CG    1 
ATOM   505 C CD1   . TYR A 1 73 ? -11.347 7.181   -5.861  1.00 38.46 ? 73  TYR A CD1   1 
ATOM   506 C CD2   . TYR A 1 73 ? -12.570 6.783   -3.880  1.00 34.45 ? 73  TYR A CD2   1 
ATOM   507 C CE1   . TYR A 1 73 ? -12.512 7.393   -6.567  1.00 37.18 ? 73  TYR A CE1   1 
ATOM   508 C CE2   . TYR A 1 73 ? -13.758 6.971   -4.566  1.00 37.60 ? 73  TYR A CE2   1 
ATOM   509 C CZ    . TYR A 1 73 ? -13.723 7.268   -5.914  1.00 39.22 ? 73  TYR A CZ    1 
ATOM   510 O OH    . TYR A 1 73 ? -14.905 7.448   -6.575  1.00 40.93 ? 73  TYR A OH    1 
ATOM   511 N N     . THR A 1 74 ? -8.144  5.108   -1.957  1.00 30.88 ? 74  THR A N     1 
ATOM   512 C CA    . THR A 1 74 ? -6.908  4.858   -1.246  1.00 32.33 ? 74  THR A CA    1 
ATOM   513 C C     . THR A 1 74 ? -6.462  3.407   -1.411  1.00 32.71 ? 74  THR A C     1 
ATOM   514 O O     . THR A 1 74 ? -5.264  3.164   -1.563  1.00 36.38 ? 74  THR A O     1 
ATOM   515 C CB    . THR A 1 74 ? -7.054  5.199   0.233   1.00 32.51 ? 74  THR A CB    1 
ATOM   516 O OG1   . THR A 1 74 ? -7.192  6.610   0.383   1.00 30.10 ? 74  THR A OG1   1 
ATOM   517 C CG2   . THR A 1 74 ? -5.873  4.716   1.058   1.00 31.84 ? 74  THR A CG2   1 
ATOM   518 N N     . SER A 1 75 ? -7.422  2.460   -1.377  1.00 33.51 ? 75  SER A N     1 
ATOM   519 C CA    . SER A 1 75 ? -7.116  1.039   -1.514  1.00 32.31 ? 75  SER A CA    1 
ATOM   520 C C     . SER A 1 75 ? -6.596  0.750   -2.919  1.00 31.83 ? 75  SER A C     1 
ATOM   521 O O     . SER A 1 75 ? -5.634  0.009   -3.046  1.00 29.90 ? 75  SER A O     1 
ATOM   522 C CB    . SER A 1 75 ? -8.284  0.150   -1.203  1.00 32.99 ? 75  SER A CB    1 
ATOM   523 O OG    . SER A 1 75 ? -8.824  0.413   0.091   1.00 32.91 ? 75  SER A OG    1 
ATOM   524 N N     . ALA A 1 76 ? -7.234  1.335   -3.955  1.00 29.65 ? 76  ALA A N     1 
ATOM   525 C CA    . ALA A 1 76 ? -6.858  1.132   -5.341  1.00 31.36 ? 76  ALA A CA    1 
ATOM   526 C C     . ALA A 1 76 ? -5.459  1.716   -5.570  1.00 32.06 ? 76  ALA A C     1 
ATOM   527 O O     . ALA A 1 76 ? -4.616  1.089   -6.236  1.00 34.17 ? 76  ALA A O     1 
ATOM   528 C CB    . ALA A 1 76 ? -7.895  1.738   -6.271  1.00 34.88 ? 76  ALA A CB    1 
ATOM   529 N N     . GLY A 1 77 ? -5.166  2.867   -4.947  1.00 31.17 ? 77  GLY A N     1 
ATOM   530 C CA    . GLY A 1 77 ? -3.857  3.500   -5.052  1.00 31.89 ? 77  GLY A CA    1 
ATOM   531 C C     . GLY A 1 77 ? -2.798  2.682   -4.302  1.00 31.95 ? 77  GLY A C     1 
ATOM   532 O O     . GLY A 1 77 ? -1.673  2.541   -4.767  1.00 33.47 ? 77  GLY A O     1 
ATOM   533 N N     . TYR A 1 78 ? -3.200  2.053   -3.206  1.00 33.19 ? 78  TYR A N     1 
ATOM   534 C CA    . TYR A 1 78 ? -2.288  1.235   -2.406  1.00 32.04 ? 78  TYR A CA    1 
ATOM   535 C C     . TYR A 1 78 ? -1.879  -0.007  -3.191  1.00 33.66 ? 78  TYR A C     1 
ATOM   536 O O     . TYR A 1 78 ? -0.717  -0.378  -3.224  1.00 36.66 ? 78  TYR A O     1 
ATOM   537 C CB    . TYR A 1 78 ? -2.916  0.873   -1.065  1.00 31.30 ? 78  TYR A CB    1 
ATOM   538 C CG    . TYR A 1 78 ? -1.981  0.144   -0.130  1.00 30.71 ? 78  TYR A CG    1 
ATOM   539 C CD1   . TYR A 1 78 ? -1.691  -1.199  -0.282  1.00 30.73 ? 78  TYR A CD1   1 
ATOM   540 C CD2   . TYR A 1 78 ? -1.342  0.829   0.888   1.00 31.56 ? 78  TYR A CD2   1 
ATOM   541 C CE1   . TYR A 1 78 ? -0.797  -1.846  0.575   1.00 32.80 ? 78  TYR A CE1   1 
ATOM   542 C CE2   . TYR A 1 78 ? -0.466  0.195   1.756   1.00 32.03 ? 78  TYR A CE2   1 
ATOM   543 C CZ    . TYR A 1 78 ? -0.191  -1.150  1.600   1.00 32.64 ? 78  TYR A CZ    1 
ATOM   544 O OH    . TYR A 1 78 ? 0.693   -1.752  2.483   1.00 36.34 ? 78  TYR A OH    1 
ATOM   545 N N     . LYS A 1 79 ? -2.837  -0.662  -3.834  1.00 36.26 ? 79  LYS A N     1 
ATOM   546 C CA    . LYS A 1 79 ? -2.536  -1.878  -4.560  1.00 39.35 ? 79  LYS A CA    1 
ATOM   547 C C     . LYS A 1 79 ? -1.715  -1.618  -5.813  1.00 40.35 ? 79  LYS A C     1 
ATOM   548 O O     . LYS A 1 79 ? -0.952  -2.498  -6.231  1.00 40.47 ? 79  LYS A O     1 
ATOM   549 C CB    . LYS A 1 79 ? -3.810  -2.577  -5.017  1.00 41.73 ? 79  LYS A CB    1 
ATOM   550 C CG    . LYS A 1 79 ? -4.700  -3.054  -3.897  1.00 43.86 ? 79  LYS A CG    1 
ATOM   551 C CD    . LYS A 1 79 ? -5.838  -3.825  -4.438  1.00 48.07 ? 79  LYS A CD    1 
ATOM   552 C CE    . LYS A 1 79 ? -6.916  -3.950  -3.396  1.00 49.56 ? 79  LYS A CE    1 
ATOM   553 N NZ    . LYS A 1 79 ? -7.980  -4.829  -3.910  1.00 54.34 ? 79  LYS A NZ    1 
ATOM   554 N N     . LYS A 1 80 ? -1.970  -0.483  -6.485  1.00 38.82 ? 80  LYS A N     1 
ATOM   555 C CA    . LYS A 1 80 ? -1.189  -0.176  -7.667  1.00 40.80 ? 80  LYS A CA    1 
ATOM   556 C C     . LYS A 1 80 ? 0.270   0.069   -7.273  1.00 38.84 ? 80  LYS A C     1 
ATOM   557 O O     . LYS A 1 80 ? 1.193   -0.385  -7.939  1.00 41.67 ? 80  LYS A O     1 
ATOM   558 C CB    . LYS A 1 80 ? -1.779  1.028   -8.393  1.00 42.65 ? 80  LYS A CB    1 
ATOM   559 C CG    . LYS A 1 80 ? -0.858  1.646   -9.420  1.00 46.16 ? 80  LYS A CG    1 
ATOM   560 C CD    . LYS A 1 80 ? -1.590  2.732   -10.153 1.00 51.26 ? 80  LYS A CD    1 
ATOM   561 C CE    . LYS A 1 80 ? -0.711  3.410   -11.172 1.00 55.18 ? 80  LYS A CE    1 
ATOM   562 N NZ    . LYS A 1 80 ? -1.549  4.208   -12.079 1.00 60.06 ? 80  LYS A NZ    1 
ATOM   563 N N     . SER A 1 81 ? 0.472   0.816   -6.188  1.00 35.96 ? 81  SER A N     1 
ATOM   564 C CA    . SER A 1 81 ? 1.804   1.123   -5.719  1.00 36.53 ? 81  SER A CA    1 
ATOM   565 C C     . SER A 1 81 ? 2.487   -0.150  -5.211  1.00 36.25 ? 81  SER A C     1 
ATOM   566 O O     . SER A 1 81 ? 3.658   -0.341  -5.436  1.00 37.71 ? 81  SER A O     1 
ATOM   567 C CB    . SER A 1 81 ? 1.750   2.172   -4.650  1.00 35.08 ? 81  SER A CB    1 
ATOM   568 O OG    . SER A 1 81 ? 3.062   2.611   -4.370  1.00 37.63 ? 81  SER A OG    1 
ATOM   569 N N     . LEU A 1 82 ? 1.738   -1.022  -4.534  1.00 35.35 ? 82  LEU A N     1 
ATOM   570 C CA    . LEU A 1 82 ? 2.305   -2.250  -3.981  1.00 35.50 ? 82  LEU A CA    1 
ATOM   571 C C     . LEU A 1 82 ? 2.690   -3.188  -5.139  1.00 39.02 ? 82  LEU A C     1 
ATOM   572 O O     . LEU A 1 82 ? 3.740   -3.831  -5.100  1.00 35.93 ? 82  LEU A O     1 
ATOM   573 C CB    . LEU A 1 82 ? 1.243   -2.845  -3.053  1.00 34.80 ? 82  LEU A CB    1 
ATOM   574 C CG    . LEU A 1 82 ? 1.458   -4.285  -2.603  1.00 37.03 ? 82  LEU A CG    1 
ATOM   575 C CD1   . LEU A 1 82 ? 2.799   -4.419  -1.911  1.00 36.92 ? 82  LEU A CD1   1 
ATOM   576 C CD2   . LEU A 1 82 ? 0.321   -4.697  -1.693  1.00 37.96 ? 82  LEU A CD2   1 
ATOM   577 N N     . GLN A 1 83 ? 1.850   -3.218  -6.209  1.00 38.08 ? 83  GLN A N     1 
ATOM   578 C CA    . GLN A 1 83 ? 2.096   -4.067  -7.371  1.00 42.63 ? 83  GLN A CA    1 
ATOM   579 C C     . GLN A 1 83 ? 3.369   -3.609  -8.088  1.00 42.70 ? 83  GLN A C     1 
ATOM   580 O O     . GLN A 1 83 ? 4.213   -4.438  -8.499  1.00 45.85 ? 83  GLN A O     1 
ATOM   581 C CB    . GLN A 1 83 ? 0.931   -4.041  -8.367  1.00 46.88 ? 83  GLN A CB    1 
ATOM   582 C CG    . GLN A 1 83 ? 1.173   -4.876  -9.602  1.00 51.38 ? 83  GLN A CG    1 
ATOM   583 C CD    . GLN A 1 83 ? 1.451   -6.308  -9.237  1.00 56.93 ? 83  GLN A CD    1 
ATOM   584 O OE1   . GLN A 1 83 ? 0.560   -7.147  -9.286  1.00 62.26 ? 83  GLN A OE1   1 
ATOM   585 N NE2   . GLN A 1 83 ? 2.682   -6.604  -8.846  1.00 56.73 ? 83  GLN A NE2   1 
ATOM   586 N N     . SER A 1 84 ? 3.481   -2.269  -8.191  1.00 60.68 ? 84  SER A N     1 
ATOM   587 C CA    . SER A 1 84 ? 4.667   -1.588  -8.678  1.00 59.16 ? 84  SER A CA    1 
ATOM   588 C C     . SER A 1 84 ? 5.926   -2.023  -7.900  1.00 57.89 ? 84  SER A C     1 
ATOM   589 O O     . SER A 1 84 ? 6.956   -2.268  -8.519  1.00 59.38 ? 84  SER A O     1 
ATOM   590 C CB    . SER A 1 84 ? 4.434   -0.113  -8.612  1.00 59.03 ? 84  SER A CB    1 
ATOM   591 O OG    . SER A 1 84 ? 5.551   0.612   -9.069  1.00 60.91 ? 84  SER A OG    1 
ATOM   592 N N     . ALA A 1 85 ? 5.846   -2.101  -6.556  1.00 55.73 ? 85  ALA A N     1 
ATOM   593 C CA    . ALA A 1 85 ? 6.979   -2.536  -5.722  1.00 56.99 ? 85  ALA A CA    1 
ATOM   594 C C     . ALA A 1 85 ? 7.409   -3.966  -6.075  1.00 58.17 ? 85  ALA A C     1 
ATOM   595 O O     . ALA A 1 85 ? 8.589   -4.231  -6.307  1.00 61.54 ? 85  ALA A O     1 
ATOM   596 C CB    . ALA A 1 85 ? 6.635   -2.403  -4.260  1.00 56.10 ? 85  ALA A CB    1 
ATOM   597 N N     . LEU A 1 86 ? 6.428   -4.874  -6.133  1.00 56.67 ? 86  LEU A N     1 
ATOM   598 C CA    . LEU A 1 86 ? 6.662   -6.286  -6.393  1.00 58.85 ? 86  LEU A CA    1 
ATOM   599 C C     . LEU A 1 86 ? 7.331   -6.460  -7.757  1.00 61.63 ? 86  LEU A C     1 
ATOM   600 O O     . LEU A 1 86 ? 8.284   -7.229  -7.884  1.00 65.25 ? 86  LEU A O     1 
ATOM   601 C CB    . LEU A 1 86 ? 5.326   -7.036  -6.281  1.00 57.74 ? 86  LEU A CB    1 
ATOM   602 C CG    . LEU A 1 86 ? 4.720   -7.076  -4.872  1.00 57.12 ? 86  LEU A CG    1 
ATOM   603 C CD1   . LEU A 1 86 ? 3.313   -7.677  -4.861  1.00 57.93 ? 86  LEU A CD1   1 
ATOM   604 C CD2   . LEU A 1 86 ? 5.632   -7.849  -3.918  1.00 59.63 ? 86  LEU A CD2   1 
ATOM   605 N N     . ASP A 1 87 ? 6.878   -5.677  -8.743  1.00 61.56 ? 87  ASP A N     1 
ATOM   606 C CA    . ASP A 1 87 ? 7.379   -5.722  -10.110 1.00 65.63 ? 87  ASP A CA    1 
ATOM   607 C C     . ASP A 1 87 ? 8.848   -5.298  -10.194 1.00 70.12 ? 87  ASP A C     1 
ATOM   608 O O     . ASP A 1 87 ? 9.601   -5.835  -11.009 1.00 74.70 ? 87  ASP A O     1 
ATOM   609 C CB    . ASP A 1 87 ? 6.599   -4.779  -11.031 1.00 65.37 ? 87  ASP A CB    1 
ATOM   610 C CG    . ASP A 1 87 ? 5.146   -5.149  -11.267 1.00 64.68 ? 87  ASP A CG    1 
ATOM   611 O OD1   . ASP A 1 87 ? 4.783   -6.298  -10.974 1.00 65.24 ? 87  ASP A OD1   1 
ATOM   612 O OD2   . ASP A 1 87 ? 4.394   -4.276  -11.747 1.00 64.92 ? 87  ASP A OD2   1 
ATOM   613 N N     . LYS A 1 88 ? 9.238   -4.300  -9.384  1.00 70.33 ? 88  LYS A N     1 
ATOM   614 C CA    . LYS A 1 88 ? 10.638  -3.921  -9.278  1.00 76.50 ? 88  LYS A CA    1 
ATOM   615 C C     . LYS A 1 88 ? 11.456  -5.108  -8.781  1.00 80.52 ? 88  LYS A C     1 
ATOM   616 O O     . LYS A 1 88 ? 12.675  -5.043  -8.777  1.00 87.47 ? 88  LYS A O     1 
ATOM   617 C CB    . LYS A 1 88 ? 10.816  -2.728  -8.336  1.00 76.72 ? 88  LYS A CB    1 
ATOM   618 C CG    . LYS A 1 88 ? 10.563  -1.378  -8.982  1.00 77.24 ? 88  LYS A CG    1 
ATOM   619 C CD    . LYS A 1 88 ? 10.253  -0.273  -7.993  1.00 75.96 ? 88  LYS A CD    1 
ATOM   620 C CE    . LYS A 1 88 ? 9.770   0.999   -8.662  1.00 76.72 ? 88  LYS A CE    1 
ATOM   621 N NZ    . LYS A 1 88 ? 8.697   0.725   -9.656  1.00 74.48 ? 88  LYS A NZ    1 
ATOM   622 N N     . ALA A 1 89 ? 10.779  -6.183  -8.365  1.00 77.87 ? 89  ALA A N     1 
ATOM   623 C CA    . ALA A 1 89 ? 11.415  -7.459  -8.073  1.00 82.76 ? 89  ALA A CA    1 
ATOM   624 C C     . ALA A 1 89 ? 11.456  -7.645  -6.552  1.00 82.62 ? 89  ALA A C     1 
ATOM   625 O O     . ALA A 1 89 ? 12.069  -8.638  -6.146  1.00 88.57 ? 89  ALA A O     1 
ATOM   626 C CB    . ALA A 1 89 ? 12.801  -7.578  -8.688  1.00 91.28 ? 89  ALA A CB    1 
ATOM   627 O OXT   . ALA A 1 89 ? 10.869  -6.801  -5.834  1.00 77.86 ? 89  ALA A OXT   1 
HETATM 628 N N1    . FMN B 2 .  ? -12.140 7.516   0.278   1.00 32.07 ? 101 FMN A N1    1 
HETATM 629 C C2    . FMN B 2 .  ? -10.860 7.103   0.123   1.00 30.50 ? 101 FMN A C2    1 
HETATM 630 O O2    . FMN B 2 .  ? -10.635 6.061   -0.434  1.00 28.45 ? 101 FMN A O2    1 
HETATM 631 N N3    . FMN B 2 .  ? -9.782  7.902   0.375   1.00 32.77 ? 101 FMN A N3    1 
HETATM 632 C C4    . FMN B 2 .  ? -9.919  9.143   0.949   1.00 34.35 ? 101 FMN A C4    1 
HETATM 633 O O4    . FMN B 2 .  ? -8.916  9.803   1.223   1.00 31.64 ? 101 FMN A O4    1 
HETATM 634 C C4A   . FMN B 2 .  ? -11.272 9.622   1.151   1.00 32.52 ? 101 FMN A C4A   1 
HETATM 635 N N5    . FMN B 2 .  ? -11.454 10.822  1.627   1.00 34.10 ? 101 FMN A N5    1 
HETATM 636 C C5A   . FMN B 2 .  ? -12.747 11.247  1.770   1.00 34.35 ? 101 FMN A C5A   1 
HETATM 637 C C6    . FMN B 2 .  ? -12.963 12.551  2.241   1.00 38.23 ? 101 FMN A C6    1 
HETATM 638 C C7    . FMN B 2 .  ? -14.230 13.078  2.326   1.00 37.01 ? 101 FMN A C7    1 
HETATM 639 C C7M   . FMN B 2 .  ? -14.417 14.492  2.792   1.00 37.12 ? 101 FMN A C7M   1 
HETATM 640 C C8    . FMN B 2 .  ? -15.347 12.263  2.007   1.00 34.08 ? 101 FMN A C8    1 
HETATM 641 C C8M   . FMN B 2 .  ? -16.762 12.770  2.160   1.00 36.23 ? 101 FMN A C8M   1 
HETATM 642 C C9    . FMN B 2 .  ? -15.138 10.976  1.594   1.00 33.05 ? 101 FMN A C9    1 
HETATM 643 C C9A   . FMN B 2 .  ? -13.853 10.447  1.443   1.00 32.26 ? 101 FMN A C9A   1 
HETATM 644 N N10   . FMN B 2 .  ? -13.610 9.164   0.971   1.00 32.39 ? 101 FMN A N10   1 
HETATM 645 C C10   . FMN B 2 .  ? -12.327 8.729   0.761   1.00 31.66 ? 101 FMN A C10   1 
HETATM 646 C "C1'" . FMN B 2 .  ? -14.699 8.247   0.610   1.00 33.89 ? 101 FMN A "C1'" 1 
HETATM 647 C "C2'" . FMN B 2 .  ? -14.973 8.214   -0.839  1.00 34.37 ? 101 FMN A "C2'" 1 
HETATM 648 O "O2'" . FMN B 2 .  ? -15.685 9.398   -1.154  1.00 35.91 ? 101 FMN A "O2'" 1 
HETATM 649 C "C3'" . FMN B 2 .  ? -15.779 6.963   -1.176  1.00 36.00 ? 101 FMN A "C3'" 1 
HETATM 650 O "O3'" . FMN B 2 .  ? -17.021 7.097   -0.539  1.00 32.92 ? 101 FMN A "O3'" 1 
HETATM 651 C "C4'" . FMN B 2 .  ? -15.144 5.624   -0.762  1.00 34.18 ? 101 FMN A "C4'" 1 
HETATM 652 O "O4'" . FMN B 2 .  ? -13.752 5.546   -1.055  1.00 32.02 ? 101 FMN A "O4'" 1 
HETATM 653 C "C5'" . FMN B 2 .  ? -15.713 4.479   -1.549  1.00 38.81 ? 101 FMN A "C5'" 1 
HETATM 654 O "O5'" . FMN B 2 .  ? -15.342 3.237   -0.911  1.00 37.07 ? 101 FMN A "O5'" 1 
HETATM 655 P P     . FMN B 2 .  ? -15.376 1.896   -1.807  1.00 42.99 ? 101 FMN A P     1 
HETATM 656 O O1P   . FMN B 2 .  ? -15.908 0.770   -0.913  1.00 41.10 ? 101 FMN A O1P   1 
HETATM 657 O O2P   . FMN B 2 .  ? -16.155 2.227   -3.097  1.00 34.82 ? 101 FMN A O2P   1 
HETATM 658 O O     . HOH C 3 .  ? -7.394  7.777   2.387   1.00 33.53 ? 201 HOH A O     1 
HETATM 659 O O     . HOH C 3 .  ? 10.842  -17.345 1.326   1.00 45.59 ? 202 HOH A O     1 
HETATM 660 O O     . HOH C 3 .  ? -11.171 14.648  -4.741  1.00 44.24 ? 203 HOH A O     1 
HETATM 661 O O     . HOH C 3 .  ? 10.264  -7.214  -12.997 1.00 42.45 ? 204 HOH A O     1 
HETATM 662 O O     . HOH C 3 .  ? -15.648 6.380   3.663   1.00 48.21 ? 205 HOH A O     1 
HETATM 663 O O     . HOH C 3 .  ? -18.188 9.849   -0.731  0.50 32.68 ? 206 HOH A O     1 
HETATM 664 O O     . HOH C 3 .  ? -13.331 0.715   6.505   1.00 39.67 ? 207 HOH A O     1 
HETATM 665 O O     . HOH C 3 .  ? -7.530  5.565   -6.619  1.00 41.22 ? 208 HOH A O     1 
HETATM 666 O O     . HOH C 3 .  ? -0.484  -8.843  8.911   1.00 39.10 ? 209 HOH A O     1 
HETATM 667 O O     . HOH C 3 .  ? 10.895  -1.594  3.610   1.00 36.24 ? 210 HOH A O     1 
HETATM 668 O O     . HOH C 3 .  ? 15.816  -3.249  -3.466  1.00 41.24 ? 211 HOH A O     1 
HETATM 669 O O     . HOH C 3 .  ? -7.776  16.118  1.823   1.00 55.16 ? 212 HOH A O     1 
HETATM 670 O O     . HOH C 3 .  ? 3.518   11.434  -9.173  1.00 43.18 ? 213 HOH A O     1 
HETATM 671 O O     . HOH C 3 .  ? 13.311  -3.893  6.428   1.00 34.26 ? 214 HOH A O     1 
HETATM 672 O O     . HOH C 3 .  ? -1.330  7.085   -10.884 1.00 38.29 ? 215 HOH A O     1 
HETATM 673 O O     . HOH C 3 .  ? 1.363   5.302   -10.843 1.00 49.86 ? 216 HOH A O     1 
HETATM 674 O O     . HOH C 3 .  ? -5.982  16.467  0.284   1.00 45.83 ? 217 HOH A O     1 
HETATM 675 O O     . HOH C 3 .  ? -8.645  7.541   -7.700  1.00 38.63 ? 218 HOH A O     1 
HETATM 676 O O     . HOH C 3 .  ? -5.595  10.097  11.332  1.00 48.35 ? 219 HOH A O     1 
HETATM 677 O O     . HOH C 3 .  ? -18.515 9.503   1.649   1.00 48.10 ? 220 HOH A O     1 
HETATM 678 O O     . HOH C 3 .  ? 12.949  4.692   -4.148  1.00 56.20 ? 221 HOH A O     1 
HETATM 679 O O     . HOH C 3 .  ? -6.756  16.219  -6.720  1.00 56.92 ? 222 HOH A O     1 
HETATM 680 O O     . HOH C 3 .  ? -3.949  13.863  -10.025 1.00 50.63 ? 223 HOH A O     1 
# 
loop_
_atom_site_anisotrop.id 
_atom_site_anisotrop.type_symbol 
_atom_site_anisotrop.pdbx_label_atom_id 
_atom_site_anisotrop.pdbx_label_alt_id 
_atom_site_anisotrop.pdbx_label_comp_id 
_atom_site_anisotrop.pdbx_label_asym_id 
_atom_site_anisotrop.pdbx_label_seq_id 
_atom_site_anisotrop.pdbx_PDB_ins_code 
_atom_site_anisotrop.U[1][1] 
_atom_site_anisotrop.U[2][2] 
_atom_site_anisotrop.U[3][3] 
_atom_site_anisotrop.U[1][2] 
_atom_site_anisotrop.U[1][3] 
_atom_site_anisotrop.U[2][3] 
_atom_site_anisotrop.pdbx_auth_seq_id 
_atom_site_anisotrop.pdbx_auth_comp_id 
_atom_site_anisotrop.pdbx_auth_asym_id 
_atom_site_anisotrop.pdbx_auth_atom_id 
1   N N   . MET A 1  ? 0.4699 0.7250 0.7873 0.1591  -0.0385 0.1716  1  MET A N   
2   C CA  . MET A 1  ? 0.4399 0.7217 0.7267 0.1501  -0.0227 0.1768  1  MET A CA  
3   C C   . MET A 1  ? 0.4047 0.6642 0.6729 0.1248  -0.0235 0.1833  1  MET A C   
4   O O   . MET A 1  ? 0.4102 0.6397 0.6789 0.1241  -0.0307 0.1724  1  MET A O   
5   C CB  . MET A 1  ? 0.4848 0.7865 0.7538 0.1791  -0.0143 0.1559  1  MET A CB  
6   C CG  . MET A 1  ? 0.4943 0.8345 0.7474 0.1762  0.0081  0.1746  1  MET A CG  
7   S SD  . MET A 1  ? 0.5406 0.8614 0.7611 0.1623  0.0114  0.1705  1  MET A SD  
8   C CE  . MET A 1  ? 0.5859 0.9048 0.7798 0.2072  0.0024  0.1301  1  MET A CE  
9   N N   . ALA A 2  ? 0.3684 0.6429 0.6299 0.1057  -0.0199 0.1993  2  ALA A N   
10  C CA  . ALA A 2  ? 0.3524 0.6129 0.5931 0.0867  -0.0207 0.2016  2  ALA A CA  
11  C C   . ALA A 2  ? 0.3551 0.6338 0.5927 0.0796  -0.0105 0.2029  2  ALA A C   
12  O O   . ALA A 2  ? 0.3386 0.6471 0.6023 0.0811  -0.0053 0.2131  2  ALA A O   
13  C CB  . ALA A 2  ? 0.3523 0.6160 0.5915 0.0779  -0.0312 0.2137  2  ALA A CB  
14  N N   . GLN A 3  ? 0.3400 0.6026 0.5558 0.0716  -0.0072 0.1974  3  GLN A N   
15  C CA  . GLN A 3  ? 0.3493 0.6285 0.5709 0.0657  0.0037  0.2056  3  GLN A CA  
16  C C   . GLN A 3  ? 0.3469 0.6027 0.5479 0.0505  -0.0005 0.2000  3  GLN A C   
17  O O   . GLN A 3  ? 0.3251 0.5566 0.5024 0.0515  -0.0048 0.1890  3  GLN A O   
18  C CB  . GLN A 3  ? 0.3671 0.6676 0.5801 0.0904  0.0213  0.2072  3  GLN A CB  
19  C CG  . GLN A 3  ? 0.3745 0.6539 0.5502 0.1038  0.0195  0.1862  3  GLN A CG  
20  C CD  . GLN A 3  ? 0.4056 0.7166 0.5631 0.1403  0.0331  0.1827  3  GLN A CD  
21  O OE1 . GLN A 3  ? 0.4169 0.7633 0.5794 0.1479  0.0540  0.2089  3  GLN A OE1 
22  N NE2 . GLN A 3  ? 0.4229 0.7257 0.5650 0.1677  0.0205  0.1517  3  GLN A NE2 
23  N N   . THR A 4  ? 0.3526 0.6170 0.5755 0.0374  -0.0002 0.2087  4  THR A N   
24  C CA  . THR A 4  ? 0.3646 0.6098 0.5735 0.0258  -0.0040 0.2027  4  THR A CA  
25  C C   . THR A 4  ? 0.3617 0.6180 0.5746 0.0321  0.0152  0.2175  4  THR A C   
26  O O   . THR A 4  ? 0.3328 0.6192 0.5838 0.0370  0.0283  0.2406  4  THR A O   
27  C CB  . THR A 4  ? 0.3986 0.6423 0.6338 0.0118  -0.0250 0.1956  4  THR A CB  
28  O OG1 . THR A 4  ? 0.4969 0.7244 0.7267 0.0034  -0.0276 0.1900  4  THR A OG1 
29  C CG2 . THR A 4  ? 0.4354 0.7032 0.7374 0.0056  -0.0314 0.2066  4  THR A CG2 
30  N N   . VAL A 5  ? 0.3832 0.6212 0.5601 0.0351  0.0181  0.2082  5  VAL A N   
31  C CA  . VAL A 5  ? 0.3930 0.6449 0.5613 0.0488  0.0356  0.2218  5  VAL A CA  
32  C C   . VAL A 5  ? 0.3721 0.5995 0.5297 0.0354  0.0295  0.2155  5  VAL A C   
33  O O   . VAL A 5  ? 0.3283 0.5300 0.4613 0.0281  0.0163  0.1939  5  VAL A O   
34  C CB  . VAL A 5  ? 0.4358 0.6986 0.5642 0.0804  0.0424  0.2091  5  VAL A CB  
35  C CG1 . VAL A 5  ? 0.4965 0.7965 0.6356 0.1041  0.0548  0.2208  5  VAL A CG1 
36  C CG2 . VAL A 5  ? 0.4427 0.6738 0.5497 0.0793  0.0238  0.1775  5  VAL A CG2 
37  N N   . THR A 6  ? 0.3876 0.6278 0.5704 0.0351  0.0417  0.2402  6  THR A N   
38  C CA  . THR A 6  ? 0.4036 0.6225 0.5857 0.0242  0.0363  0.2376  6  THR A CA  
39  C C   . THR A 6  ? 0.4151 0.6467 0.5602 0.0483  0.0530  0.2467  6  THR A C   
40  O O   . THR A 6  ? 0.4277 0.6964 0.5791 0.0710  0.0743  0.2753  6  THR A O   
41  C CB  . THR A 6  ? 0.4073 0.6289 0.6621 0.0073  0.0337  0.2604  6  THR A CB  
42  O OG1 . THR A 6  ? 0.3858 0.6011 0.6761 -0.0083 0.0115  0.2442  6  THR A OG1 
43  C CG2 . THR A 6  ? 0.4126 0.6093 0.6723 -0.0020 0.0250  0.2545  6  THR A CG2 
44  N N   . GLY A 7  ? 0.4020 0.6088 0.5102 0.0475  0.0431  0.2236  7  GLY A N   
45  C CA  . GLY A 7  ? 0.4318 0.6502 0.5005 0.0742  0.0512  0.2222  7  GLY A CA  
46  C C   . GLY A 7  ? 0.4141 0.6413 0.5024 0.0758  0.0644  0.2543  7  GLY A C   
47  O O   . GLY A 7  ? 0.3986 0.6115 0.5370 0.0510  0.0608  0.2682  7  GLY A O   
48  N N   . ASP A 8  ? 0.4598 0.7137 0.5140 0.1094  0.0775  0.2657  8  ASP A N   
49  C CA  . ASP A 8  ? 0.4950 0.7588 0.5655 0.1156  0.0917  0.3010  8  ASP A CA  
50  C C   . ASP A 8  ? 0.4765 0.6958 0.5519 0.0890  0.0725  0.2785  8  ASP A C   
51  O O   . ASP A 8  ? 0.4655 0.6588 0.5098 0.0808  0.0530  0.2365  8  ASP A O   
52  C CB  . ASP A 8  ? 0.5261 0.8316 0.5422 0.1660  0.1061  0.3117  8  ASP A CB  
53  C CG  . ASP A 8  ? 0.5505 0.9150 0.5631 0.2034  0.1325  0.3470  8  ASP A CG  
54  O OD1 . ASP A 8  ? 0.5484 0.9194 0.6161 0.1834  0.1426  0.3714  8  ASP A OD1 
55  O OD2 . ASP A 8  ? 0.5813 0.9883 0.5356 0.2561  0.1405  0.3459  8  ASP A OD2 
56  N N   . VAL A 9  ? 0.4954 0.7098 0.6193 0.0783  0.0792  0.3106  9  VAL A N   
57  C CA  . VAL A 9  ? 0.4964 0.6732 0.6287 0.0593  0.0619  0.2914  9  VAL A CA  
58  C C   . VAL A 9  ? 0.5035 0.6862 0.5773 0.0847  0.0630  0.2809  9  VAL A C   
59  O O   . VAL A 9  ? 0.5406 0.7576 0.6019 0.1156  0.0825  0.3147  9  VAL A O   
60  C CB  . VAL A 9  ? 0.5045 0.6724 0.7210 0.0434  0.0641  0.3268  9  VAL A CB  
61  C CG1 . VAL A 9  ? 0.4880 0.6167 0.7096 0.0287  0.0422  0.2986  9  VAL A CG1 
62  C CG2 . VAL A 9  ? 0.5005 0.6679 0.7937 0.0215  0.0582  0.3375  9  VAL A CG2 
63  N N   . ALA A 10 ? 0.4963 0.6510 0.5390 0.0751  0.0428  0.2373  10 ALA A N   
64  C CA  . ALA A 10 ? 0.4990 0.6555 0.5000 0.0953  0.0372  0.2212  10 ALA A CA  
65  C C   . ALA A 10 ? 0.4845 0.6189 0.5085 0.0836  0.0331  0.2283  10 ALA A C   
66  O O   . ALA A 10 ? 0.4919 0.5974 0.5370 0.0584  0.0195  0.2081  10 ALA A O   
67  C CB  . ALA A 10 ? 0.4835 0.6268 0.4586 0.0915  0.0183  0.1759  10 ALA A CB  
68  N N   . GLN A 11 ? 0.5270 0.6788 0.5458 0.1070  0.0444  0.2569  11 GLN A N   
69  C CA  . GLN A 11 ? 0.5531 0.6819 0.5944 0.0987  0.0381  0.2605  11 GLN A CA  
70  C C   . GLN A 11 ? 0.5456 0.6619 0.5458 0.1013  0.0198  0.2161  11 GLN A C   
71  O O   . GLN A 11 ? 0.6145 0.7509 0.5720 0.1253  0.0155  0.1991  11 GLN A O   
72  C CB  . GLN A 11 ? 0.6106 0.7628 0.6663 0.1243  0.0569  0.3117  11 GLN A CB  
73  C CG  . GLN A 11 ? 0.6394 0.8078 0.7630 0.1213  0.0788  0.3705  11 GLN A CG  
74  C CD  . GLN A 11 ? 0.6259 0.7584 0.8205 0.0806  0.0638  0.3576  11 GLN A CD  
75  O OE1 . GLN A 11 ? 0.6339 0.7278 0.8452 0.0597  0.0402  0.3222  11 GLN A OE1 
76  N NE2 . GLN A 11 ? 0.6291 0.7791 0.8643 0.0742  0.0751  0.3829  11 GLN A NE2 
77  N N   . THR A 12 ? 0.4956 0.5818 0.5150 0.0795  0.0066  0.1947  12 THR A N   
78  C CA  . THR A 12 ? 0.4821 0.5621 0.4771 0.0825  -0.0066 0.1624  12 THR A CA  
79  C C   . THR A 12 ? 0.4809 0.5465 0.4938 0.0840  -0.0096 0.1698  12 THR A C   
80  O O   . THR A 12 ? 0.4745 0.5303 0.5257 0.0791  -0.0046 0.1959  12 THR A O   
81  C CB  . THR A 12 ? 0.4364 0.5056 0.4333 0.0632  -0.0160 0.1322  12 THR A CB  
82  O OG1 . THR A 12 ? 0.4583 0.5087 0.4789 0.0493  -0.0208 0.1276  12 THR A OG1 
83  C CG2 . THR A 12 ? 0.4160 0.4931 0.4102 0.0571  -0.0128 0.1306  12 THR A CG2 
84  N N   . GLN A 13 ? 0.4854 0.5488 0.4831 0.0895  -0.0198 0.1467  13 GLN A N   
85  C CA  . GLN A 13 ? 0.5104 0.5598 0.5250 0.0925  -0.0242 0.1499  13 GLN A CA  
86  C C   . GLN A 13 ? 0.4965 0.5213 0.5438 0.0738  -0.0322 0.1361  13 GLN A C   
87  O O   . GLN A 13 ? 0.4703 0.4789 0.5422 0.0767  -0.0390 0.1366  13 GLN A O   
88  C CB  . GLN A 13 ? 0.5325 0.5914 0.5257 0.1052  -0.0338 0.1272  13 GLN A CB  
89  C CG  . GLN A 13 ? 0.5699 0.6563 0.5312 0.1302  -0.0362 0.1263  13 GLN A CG  
90  C CD  . GLN A 13 ? 0.6020 0.7017 0.5479 0.1578  -0.0433 0.1280  13 GLN A CD  
91  O OE1 . GLN A 13 ? 0.6215 0.7079 0.5833 0.1560  -0.0443 0.1336  13 GLN A OE1 
92  N NE2 . GLN A 13 ? 0.6852 0.8137 0.5990 0.1883  -0.0518 0.1187  13 GLN A NE2 
93  N N   . TYR A 14 ? 0.4553 0.4795 0.5010 0.0601  -0.0344 0.1198  14 TYR A N   
94  C CA  . TYR A 14 ? 0.4597 0.4698 0.5258 0.0531  -0.0466 0.0987  14 TYR A CA  
95  C C   . TYR A 14 ? 0.4589 0.4598 0.5593 0.0419  -0.0510 0.1067  14 TYR A C   
96  O O   . TYR A 14 ? 0.4768 0.4692 0.5944 0.0405  -0.0673 0.0825  14 TYR A O   
97  C CB  . TYR A 14 ? 0.4438 0.4697 0.4823 0.0550  -0.0467 0.0746  14 TYR A CB  
98  C CG  . TYR A 14 ? 0.4354 0.4703 0.4630 0.0658  -0.0456 0.0661  14 TYR A CG  
99  C CD1 . TYR A 14 ? 0.4488 0.4755 0.4857 0.0769  -0.0551 0.0513  14 TYR A CD1 
100 C CD2 . TYR A 14 ? 0.4053 0.4569 0.4230 0.0668  -0.0389 0.0705  14 TYR A CD2 
101 C CE1 . TYR A 14 ? 0.4321 0.4702 0.4635 0.0878  -0.0532 0.0456  14 TYR A CE1 
102 C CE2 . TYR A 14 ? 0.4153 0.4769 0.4366 0.0759  -0.0404 0.0636  14 TYR A CE2 
103 C CZ  . TYR A 14 ? 0.4187 0.4752 0.4444 0.0859  -0.0451 0.0538  14 TYR A CZ  
104 O OH  . TYR A 14 ? 0.4272 0.4981 0.4599 0.0953  -0.0450 0.0489  14 TYR A OH  
105 N N   . GLY A 15 ? 0.4722 0.4797 0.5860 0.0393  -0.0381 0.1402  15 GLY A N   
106 C CA  . GLY A 15 ? 0.4682 0.4709 0.6300 0.0280  -0.0403 0.1550  15 GLY A CA  
107 C C   . GLY A 15 ? 0.4618 0.4855 0.5974 0.0246  -0.0274 0.1637  15 GLY A C   
108 O O   . GLY A 15 ? 0.4554 0.4937 0.5396 0.0313  -0.0197 0.1552  15 GLY A O   
109 N N   . PRO A 16 ? 0.4577 0.4822 0.6398 0.0147  -0.0280 0.1794  16 PRO A N   
110 C CA  . PRO A 16 ? 0.4624 0.5089 0.6293 0.0140  -0.0138 0.1944  16 PRO A CA  
111 C C   . PRO A 16 ? 0.4544 0.5031 0.5840 0.0087  -0.0223 0.1614  16 PRO A C   
112 O O   . PRO A 16 ? 0.5079 0.5450 0.6453 0.0043  -0.0410 0.1331  16 PRO A O   
113 C CB  . PRO A 16 ? 0.4617 0.5081 0.7089 0.0033  -0.0150 0.2218  16 PRO A CB  
114 C CG  . PRO A 16 ? 0.4831 0.4996 0.7851 -0.0059 -0.0441 0.1957  16 PRO A CG  
115 C CD  . PRO A 16 ? 0.4946 0.4992 0.7601 0.0046  -0.0458 0.1824  16 PRO A CD  
116 N N   . VAL A 17 ? 0.4592 0.5257 0.5507 0.0148  -0.0095 0.1658  17 VAL A N   
117 C CA  . VAL A 17 ? 0.4119 0.4838 0.4832 0.0100  -0.0133 0.1478  17 VAL A CA  
118 C C   . VAL A 17 ? 0.4046 0.4935 0.4846 0.0111  -0.0028 0.1665  17 VAL A C   
119 O O   . VAL A 17 ? 0.4188 0.5242 0.4863 0.0255  0.0108  0.1846  17 VAL A O   
120 C CB  . VAL A 17 ? 0.4081 0.4832 0.4419 0.0163  -0.0125 0.1315  17 VAL A CB  
121 C CG1 . VAL A 17 ? 0.4111 0.4923 0.4381 0.0118  -0.0146 0.1218  17 VAL A CG1 
122 C CG2 . VAL A 17 ? 0.4409 0.5068 0.4681 0.0191  -0.0180 0.1194  17 VAL A CG2 
123 N N   . GLN A 18 ? 0.3687 0.4588 0.4643 0.0018  -0.0101 0.1599  18 GLN A N   
124 C CA  . GLN A 18 ? 0.3670 0.4745 0.4760 0.0027  -0.0009 0.1768  18 GLN A CA  
125 C C   . GLN A 18 ? 0.3669 0.4761 0.4647 -0.0020 -0.0097 0.1595  18 GLN A C   
126 O O   . GLN A 18 ? 0.3396 0.4428 0.4487 -0.0076 -0.0257 0.1438  18 GLN A O   
127 C CB  . GLN A 18 ? 0.3804 0.4932 0.5538 -0.0046 0.0002  0.2021  18 GLN A CB  
128 C CG  . GLN A 18 ? 0.3891 0.5298 0.5778 0.0015  0.0167  0.2285  18 GLN A CG  
129 C CD  . GLN A 18 ? 0.3931 0.5465 0.6653 -0.0065 0.0210  0.2626  18 GLN A CD  
130 O OE1 . GLN A 18 ? 0.3874 0.5226 0.7209 -0.0222 0.0004  0.2552  18 GLN A OE1 
131 N NE2 . GLN A 18 ? 0.4252 0.6137 0.7080 0.0073  0.0459  0.2995  18 GLN A NE2 
132 N N   . VAL A 19 ? 0.3521 0.4725 0.4291 0.0059  -0.0010 0.1617  19 VAL A N   
133 C CA  . VAL A 19 ? 0.3557 0.4778 0.4234 0.0044  -0.0062 0.1514  19 VAL A CA  
134 C C   . VAL A 19 ? 0.3542 0.4912 0.4422 0.0046  -0.0032 0.1627  19 VAL A C   
135 O O   . VAL A 19 ? 0.3287 0.4804 0.4250 0.0129  0.0088  0.1783  19 VAL A O   
136 C CB  . VAL A 19 ? 0.3545 0.4736 0.4030 0.0126  -0.0043 0.1429  19 VAL A CB  
137 C CG1 . VAL A 19 ? 0.3709 0.4933 0.4266 0.0121  -0.0068 0.1428  19 VAL A CG1 
138 C CG2 . VAL A 19 ? 0.3620 0.4706 0.4010 0.0119  -0.0073 0.1340  19 VAL A CG2 
139 N N   . ARG A 20 ? 0.3625 0.5021 0.4562 0.0002  -0.0130 0.1564  20 ARG A N   
140 C CA  . ARG A 20 ? 0.3724 0.5269 0.4848 0.0011  -0.0125 0.1642  20 ARG A CA  
141 C C   . ARG A 20 ? 0.3608 0.5165 0.4564 0.0062  -0.0154 0.1596  20 ARG A C   
142 O O   . ARG A 20 ? 0.3580 0.5103 0.4376 0.0079  -0.0207 0.1543  20 ARG A O   
143 C CB  . ARG A 20 ? 0.4147 0.5755 0.5668 -0.0069 -0.0270 0.1629  20 ARG A CB  
144 C CG  . ARG A 20 ? 0.4233 0.6025 0.5992 -0.0055 -0.0275 0.1710  20 ARG A CG  
145 C CD  . ARG A 20 ? 0.4411 0.6292 0.6795 -0.0141 -0.0431 0.1720  20 ARG A CD  
146 N NE  . ARG A 20 ? 0.4798 0.6609 0.7125 -0.0117 -0.0718 0.1424  20 ARG A NE  
147 C CZ  . ARG A 20 ? 0.5191 0.6938 0.8001 -0.0164 -0.0965 0.1258  20 ARG A CZ  
148 N NH1 . ARG A 20 ? 0.5128 0.6854 0.8650 -0.0296 -0.0925 0.1457  20 ARG A NH1 
149 N NH2 . ARG A 20 ? 0.5412 0.7153 0.8040 -0.0035 -0.1260 0.0906  20 ARG A NH2 
150 N N   . ILE A 21 ? 0.3656 0.5301 0.4692 0.0121  -0.0101 0.1658  21 ILE A N   
151 C CA  . ILE A 21 ? 0.3633 0.5270 0.4654 0.0178  -0.0117 0.1672  21 ILE A CA  
152 C C   . ILE A 21 ? 0.3448 0.5239 0.4645 0.0217  -0.0130 0.1735  21 ILE A C   
153 O O   . ILE A 21 ? 0.3352 0.5272 0.4693 0.0234  -0.0078 0.1777  21 ILE A O   
154 C CB  . ILE A 21 ? 0.3781 0.5297 0.4810 0.0257  -0.0089 0.1604  21 ILE A CB  
155 C CG1 . ILE A 21 ? 0.3772 0.5389 0.4782 0.0394  -0.0042 0.1542  21 ILE A CG1 
156 C CG2 . ILE A 21 ? 0.3943 0.5329 0.4878 0.0215  -0.0093 0.1551  21 ILE A CG2 
157 C CD1 . ILE A 21 ? 0.4011 0.5545 0.5027 0.0564  -0.0112 0.1345  21 ILE A CD1 
158 N N   . THR A 22 ? 0.3420 0.5243 0.4642 0.0260  -0.0176 0.1795  22 THR A N   
159 C CA  . THR A 22 ? 0.3386 0.5318 0.4786 0.0329  -0.0184 0.1854  22 THR A CA  
160 C C   . THR A 22 ? 0.3493 0.5284 0.5025 0.0412  -0.0162 0.1854  22 THR A C   
161 O O   . THR A 22 ? 0.3497 0.5163 0.5100 0.0402  -0.0164 0.1916  22 THR A O   
162 C CB  . THR A 22 ? 0.3482 0.5585 0.4883 0.0365  -0.0285 0.1922  22 THR A CB  
163 O OG1 . THR A 22 ? 0.3512 0.5708 0.4941 0.0303  -0.0393 0.1811  22 THR A OG1 
164 C CG2 . THR A 22 ? 0.3322 0.5551 0.4929 0.0442  -0.0302 0.1993  22 THR A CG2 
165 N N   . VAL A 23 ? 0.3729 0.5562 0.5383 0.0521  -0.0157 0.1775  23 VAL A N   
166 C CA  . VAL A 23 ? 0.4067 0.5761 0.5983 0.0645  -0.0224 0.1695  23 VAL A CA  
167 C C   . VAL A 23 ? 0.4067 0.5887 0.6173 0.0723  -0.0243 0.1785  23 VAL A C   
168 O O   . VAL A 23 ? 0.4371 0.6416 0.6394 0.0741  -0.0195 0.1815  23 VAL A O   
169 C CB  . VAL A 23 ? 0.4439 0.6097 0.6313 0.0823  -0.0268 0.1419  23 VAL A CB  
170 C CG1 . VAL A 23 ? 0.4558 0.6115 0.6244 0.0767  -0.0266 0.1328  23 VAL A CG1 
171 C CG2 . VAL A 23 ? 0.4628 0.6587 0.6321 0.0993  -0.0175 0.1389  23 VAL A CG2 
172 N N   . ALA A 24 ? 0.4265 0.5943 0.6727 0.0769  -0.0314 0.1864  24 ALA A N   
173 C CA  . ALA A 24 ? 0.4658 0.6434 0.7338 0.0855  -0.0341 0.1985  24 ALA A CA  
174 C C   . ALA A 24 ? 0.5055 0.6591 0.8279 0.0981  -0.0469 0.1895  24 ALA A C   
175 O O   . ALA A 24 ? 0.5217 0.6536 0.8820 0.0924  -0.0516 0.1978  24 ALA A O   
176 C CB  . ALA A 24 ? 0.4454 0.6370 0.7059 0.0795  -0.0302 0.2297  24 ALA A CB  
177 N N   . GLY A 25 ? 0.5494 0.7084 0.8841 0.1171  -0.0542 0.1704  25 GLY A N   
178 C CA  . GLY A 25 ? 0.5899 0.7255 0.9751 0.1362  -0.0746 0.1419  25 GLY A CA  
179 C C   . GLY A 25 ? 0.6133 0.7276 1.0080 0.1348  -0.0859 0.1175  25 GLY A C   
180 O O   . GLY A 25 ? 0.6687 0.7542 1.1306 0.1305  -0.1012 0.1187  25 GLY A O   
181 N N   . GLY A 26 ? 0.6452 0.7759 0.9800 0.1359  -0.0766 0.1031  26 GLY A N   
182 C CA  . GLY A 26 ? 0.6449 0.7613 0.9808 0.1413  -0.0896 0.0739  26 GLY A CA  
183 C C   . GLY A 26 ? 0.6501 0.7505 0.9980 0.1128  -0.0833 0.0982  26 GLY A C   
184 O O   . GLY A 26 ? 0.6920 0.7913 1.0158 0.1138  -0.0858 0.0799  26 GLY A O   
185 N N   . LYS A 27 ? 0.6054 0.6990 0.9896 0.0934  -0.0746 0.1398  27 LYS A N   
186 C CA  . LYS A 27 ? 0.5751 0.6606 0.9800 0.0745  -0.0674 0.1650  27 LYS A CA  
187 C C   . LYS A 27 ? 0.5160 0.6234 0.8473 0.0615  -0.0455 0.1836  27 LYS A C   
188 O O   . LYS A 27 ? 0.4888 0.6164 0.7777 0.0616  -0.0358 0.1930  27 LYS A O   
189 C CB  . LYS A 27 ? 0.6096 0.6875 1.0929 0.0684  -0.0644 0.2093  27 LYS A CB  
190 C CG  . LYS A 27 ? 0.6339 0.7398 1.0828 0.0646  -0.0404 0.2585  27 LYS A CG  
191 C CD  . LYS A 27 ? 0.6732 0.7861 1.1861 0.0625  -0.0270 0.3166  27 LYS A CD  
192 C CE  . LYS A 27 ? 0.7064 0.7941 1.3352 0.0661  -0.0417 0.3292  27 LYS A CE  
193 N NZ  . LYS A 27 ? 0.7376 0.7945 1.4445 0.0592  -0.0633 0.3012  27 LYS A NZ  
194 N N   . ILE A 28 ? 0.4762 0.5806 0.8014 0.0511  -0.0406 0.1884  28 ILE A N   
195 C CA  . ILE A 28 ? 0.4606 0.5838 0.7231 0.0427  -0.0251 0.2001  28 ILE A CA  
196 C C   . ILE A 28 ? 0.4473 0.5903 0.7098 0.0429  -0.0121 0.2412  28 ILE A C   
197 O O   . ILE A 28 ? 0.4638 0.6082 0.7707 0.0434  -0.0055 0.2717  28 ILE A O   
198 C CB  . ILE A 28 ? 0.4242 0.5410 0.6706 0.0359  -0.0244 0.1877  28 ILE A CB  
199 C CG1 . ILE A 28 ? 0.4528 0.5579 0.6922 0.0447  -0.0380 0.1482  28 ILE A CG1 
200 C CG2 . ILE A 28 ? 0.3981 0.5315 0.5863 0.0301  -0.0133 0.1942  28 ILE A CG2 
201 C CD1 . ILE A 28 ? 0.4534 0.5511 0.6870 0.0408  -0.0409 0.1358  28 ILE A CD1 
202 N N   . THR A 29 ? 0.4333 0.5971 0.6499 0.0466  -0.0094 0.2432  29 THR A N   
203 C CA  . THR A 29 ? 0.4149 0.6070 0.6152 0.0576  -0.0022 0.2738  29 THR A CA  
204 C C   . THR A 29 ? 0.4050 0.6154 0.5493 0.0602  -0.0028 0.2627  29 THR A C   
205 O O   . THR A 29 ? 0.4093 0.6500 0.5275 0.0780  -0.0012 0.2788  29 THR A O   
206 C CB  . THR A 29 ? 0.4253 0.6308 0.6251 0.0668  -0.0079 0.2781  29 THR A CB  
207 O OG1 . THR A 29 ? 0.3986 0.6022 0.5767 0.0600  -0.0172 0.2460  29 THR A OG1 
208 C CG2 . THR A 29 ? 0.4313 0.6227 0.6902 0.0704  -0.0089 0.2933  29 THR A CG2 
209 N N   . LYS A 30 ? 0.3770 0.5726 0.5033 0.0477  -0.0078 0.2335  30 LYS A N   
210 C CA  . LYS A 30 ? 0.3718 0.5797 0.4596 0.0507  -0.0127 0.2203  30 LYS A CA  
211 C C   . LYS A 30 ? 0.3625 0.5483 0.4473 0.0363  -0.0125 0.2003  30 LYS A C   
212 O O   . LYS A 30 ? 0.3440 0.5138 0.4426 0.0273  -0.0128 0.1894  30 LYS A O   
213 C CB  . LYS A 30 ? 0.3586 0.5806 0.4333 0.0545  -0.0290 0.2024  30 LYS A CB  
214 C CG  . LYS A 30 ? 0.3766 0.6078 0.4269 0.0603  -0.0442 0.1789  30 LYS A CG  
215 C CD  . LYS A 30 ? 0.3938 0.6402 0.4520 0.0662  -0.0680 0.1586  30 LYS A CD  
216 C CE  . LYS A 30 ? 0.4247 0.7042 0.4631 0.0936  -0.0749 0.1687  30 LYS A CE  
217 N NZ  . LYS A 30 ? 0.4393 0.7306 0.5013 0.0954  -0.0989 0.1501  30 LYS A NZ  
218 N N   . ALA A 31 ? 0.3629 0.5534 0.4272 0.0401  -0.0107 0.1979  31 ALA A N   
219 C CA  . ALA A 31 ? 0.3697 0.5412 0.4308 0.0289  -0.0107 0.1817  31 ALA A CA  
220 C C   . ALA A 31 ? 0.3840 0.5645 0.4176 0.0360  -0.0188 0.1673  31 ALA A C   
221 O O   . ALA A 31 ? 0.3634 0.5681 0.3759 0.0552  -0.0185 0.1737  31 ALA A O   
222 C CB  . ALA A 31 ? 0.3708 0.5315 0.4540 0.0256  -0.0011 0.1925  31 ALA A CB  
223 N N   . GLU A 32 ? 0.3914 0.5552 0.4280 0.0252  -0.0262 0.1486  32 GLU A N   
224 C CA  . GLU A 32 ? 0.4106 0.5760 0.4351 0.0313  -0.0396 0.1287  32 GLU A CA  
225 C C   . GLU A 32 ? 0.3998 0.5420 0.4386 0.0167  -0.0374 0.1233  32 GLU A C   
226 O O   . GLU A 32 ? 0.3824 0.5159 0.4365 0.0068  -0.0287 0.1330  32 GLU A O   
227 C CB  . GLU A 32 ? 0.4544 0.6309 0.4881 0.0385  -0.0630 0.1100  32 GLU A CB  
228 C CG  . GLU A 32 ? 0.4594 0.6265 0.5354 0.0210  -0.0665 0.1130  32 GLU A CG  
229 C CD  . GLU A 32 ? 0.5530 0.7392 0.6405 0.0289  -0.0808 0.1091  32 GLU A CD  
230 O OE1 . GLU A 32 ? 0.5933 0.7914 0.6823 0.0437  -0.1080 0.0828  32 GLU A OE1 
231 O OE2 . GLU A 32 ? 0.5065 0.6975 0.6010 0.0245  -0.0679 0.1283  32 GLU A OE2 
232 N N   . ALA A 33 ? 0.4339 0.5715 0.4638 0.0217  -0.0446 0.1091  33 ALA A N   
233 C CA  . ALA A 33 ? 0.4520 0.5697 0.5009 0.0115  -0.0469 0.1044  33 ALA A CA  
234 C C   . ALA A 33 ? 0.4873 0.6003 0.5756 0.0084  -0.0693 0.0898  33 ALA A C   
235 O O   . ALA A 33 ? 0.5428 0.6603 0.6311 0.0216  -0.0924 0.0632  33 ALA A O   
236 C CB  . ALA A 33 ? 0.4439 0.5574 0.4731 0.0188  -0.0452 0.0964  33 ALA A CB  
237 N N   . VAL A 34 ? 0.4926 0.6012 0.6219 -0.0050 -0.0638 0.1075  34 VAL A N   
238 C CA  . VAL A 34 ? 0.5214 0.6238 0.7183 -0.0130 -0.0821 0.1046  34 VAL A CA  
239 C C   . VAL A 34 ? 0.5348 0.6172 0.7555 -0.0142 -0.0908 0.0975  34 VAL A C   
240 O O   . VAL A 34 ? 0.5486 0.6209 0.8252 -0.0145 -0.1201 0.0763  34 VAL A O   
241 C CB  . VAL A 34 ? 0.5163 0.6291 0.7524 -0.0233 -0.0632 0.1399  34 VAL A CB  
242 C CG1 . VAL A 34 ? 0.5315 0.6408 0.8610 -0.0343 -0.0731 0.1551  34 VAL A CG1 
243 C CG2 . VAL A 34 ? 0.5480 0.6789 0.7688 -0.0205 -0.0610 0.1406  34 VAL A CG2 
244 N N   . GLN A 35 ? 0.4822 0.5585 0.6690 -0.0131 -0.0699 0.1118  35 GLN A N   
245 C CA  . GLN A 35 ? 0.5005 0.5589 0.7008 -0.0114 -0.0765 0.1055  35 GLN A CA  
246 C C   . GLN A 35 ? 0.4925 0.5517 0.6267 -0.0012 -0.0658 0.0961  35 GLN A C   
247 O O   . GLN A 35 ? 0.4269 0.4970 0.5235 -0.0003 -0.0467 0.1088  35 GLN A O   
248 C CB  . GLN A 35 ? 0.4902 0.5445 0.7391 -0.0191 -0.0605 0.1444  35 GLN A CB  
249 C CG  . GLN A 35 ? 0.4947 0.5531 0.8316 -0.0301 -0.0674 0.1645  35 GLN A CG  
250 C CD  . GLN A 35 ? 0.5221 0.5778 0.9340 -0.0347 -0.0560 0.2076  35 GLN A CD  
251 O OE1 . GLN A 35 ? 0.5147 0.5499 0.9510 -0.0338 -0.0660 0.2030  35 GLN A OE1 
252 N NE2 . GLN A 35 ? 0.5243 0.6051 0.9769 -0.0365 -0.0324 0.2546  35 GLN A NE2 
253 N N   . ALA A 36 ? 0.5155 0.5643 0.6473 0.0077  -0.0807 0.0729  36 ALA A N   
254 C CA  . ALA A 36 ? 0.5083 0.5620 0.5910 0.0184  -0.0710 0.0661  36 ALA A CA  
255 C C   . ALA A 36 ? 0.5498 0.5872 0.6493 0.0256  -0.0846 0.0500  36 ALA A C   
256 O O   . ALA A 36 ? 0.5657 0.5899 0.7086 0.0286  -0.1105 0.0291  36 ALA A O   
257 C CB  . ALA A 36 ? 0.5119 0.5889 0.5535 0.0336  -0.0719 0.0517  36 ALA A CB  
258 N N   . PRO A 37 ? 0.5608 0.5669 0.6548 0.0210  -0.0553 0.0964  37 PRO A N   
259 C CA  . PRO A 37 ? 0.6224 0.6007 0.7115 0.0331  -0.0666 0.0805  37 PRO A CA  
260 C C   . PRO A 37 ? 0.6432 0.6260 0.7476 0.0305  -0.0965 0.0397  37 PRO A C   
261 O O   . PRO A 37 ? 0.5921 0.6062 0.6707 0.0325  -0.1094 0.0206  37 PRO A O   
262 C CB  . PRO A 37 ? 0.5970 0.5845 0.6305 0.0564  -0.0669 0.0816  37 PRO A CB  
263 C CG  . PRO A 37 ? 0.6054 0.5941 0.6110 0.0618  -0.0518 0.1077  37 PRO A CG  
264 C CD  . PRO A 37 ? 0.5333 0.5498 0.5733 0.0369  -0.0452 0.1103  37 PRO A CD  
265 N N   . LYS A 38 ? 0.6837 0.6250 0.8244 0.0322  -0.1067 0.0276  38 LYS A N   
266 C CA  . LYS A 38 ? 0.7217 0.6471 0.8746 0.0382  -0.1426 -0.0184 38 LYS A CA  
267 C C   . LYS A 38 ? 0.7667 0.6529 0.9142 0.0566  -0.1433 -0.0290 38 LYS A C   
268 O O   . LYS A 38 ? 0.7362 0.6012 0.8875 0.0609  -0.1191 0.0036  38 LYS A O   
269 C CB  . LYS A 38 ? 0.7758 0.6826 1.0242 0.0164  -0.1689 -0.0321 38 LYS A CB  
270 C CG  . LYS A 38 ? 0.7564 0.7007 1.0241 0.0024  -0.1812 -0.0322 38 LYS A CG  
271 C CD  . LYS A 38 ? 0.7778 0.7586 0.9424 0.0227  -0.1903 -0.0479 38 LYS A CD  
272 C CE  . LYS A 38 ? 0.8078 0.8049 0.9818 0.0234  -0.2299 -0.0717 38 LYS A CE  
273 N NZ  . LYS A 38 ? 0.7720 0.8013 1.0002 -0.0011 -0.2088 -0.0355 38 LYS A NZ  
274 N N   . GLY A 39 ? 0.8075 0.6774 0.9357 0.0753  -0.1732 -0.0762 39 GLY A N   
275 C CA  . GLY A 39 ? 0.8500 0.6797 0.9775 0.0963  -0.1777 -0.0941 39 GLY A CA  
276 C C   . GLY A 39 ? 0.8451 0.7032 0.9098 0.1231  -0.1530 -0.0871 39 GLY A C   
277 O O   . GLY A 39 ? 0.8225 0.7156 0.8763 0.1178  -0.1295 -0.0529 39 GLY A O   
278 N N   . GLY A 40 ? 0.8492 0.6914 0.8821 0.1551  -0.1605 -0.1231 40 GLY A N   
279 C CA  . GLY A 40 ? 0.8274 0.7009 0.8302 0.1827  -0.1320 -0.1171 40 GLY A CA  
280 C C   . GLY A 40 ? 0.7692 0.7026 0.7455 0.1804  -0.1062 -0.0976 40 GLY A C   
281 O O   . GLY A 40 ? 0.7301 0.6729 0.6791 0.1704  -0.1137 -0.1012 40 GLY A O   
282 N N   . ARG A 41 ? 0.7251 0.6973 0.7261 0.1893  -0.0805 -0.0767 41 ARG A N   
283 C CA  . ARG A 41 ? 0.7094 0.7352 0.7110 0.1906  -0.0504 -0.0592 41 ARG A CA  
284 C C   . ARG A 41 ? 0.6309 0.6751 0.6367 0.1569  -0.0588 -0.0365 41 ARG A C   
285 O O   . ARG A 41 ? 0.6242 0.7038 0.6272 0.1552  -0.0368 -0.0227 41 ARG A O   
286 C CB  . ARG A 41 ? 0.7187 0.7858 0.7878 0.2035  -0.0275 -0.0451 41 ARG A CB  
287 C CG  . ARG A 41 ? 0.7645 0.8792 0.8524 0.2115  0.0177  -0.0276 41 ARG A CG  
288 C CD  . ARG A 41 ? 0.7471 0.9134 0.9457 0.2048  0.0297  -0.0081 41 ARG A CD  
289 N NE  . ARG A 41 ? 0.7930 0.9694 1.0651 0.2288  0.0324  -0.0179 41 ARG A NE  
290 C CZ  . ARG A 41 ? 0.9079 1.0808 1.1755 0.2639  0.0721  -0.0255 41 ARG A CZ  
291 N NH1 . ARG A 41 ? 0.9842 1.1609 1.2036 0.2857  0.1286  -0.0142 41 ARG A NH1 
292 N NH2 . ARG A 41 ? 0.9521 1.1127 1.2545 0.2849  0.0579  -0.0428 41 ARG A NH2 
293 N N   . SER A 42 ? 0.5996 0.6163 0.6147 0.1348  -0.0827 -0.0286 42 SER A N   
294 C CA  . SER A 42 ? 0.5638 0.5918 0.5808 0.1084  -0.0859 -0.0073 42 SER A CA  
295 C C   . SER A 42 ? 0.5874 0.6226 0.5785 0.1005  -0.0894 -0.0171 42 SER A C   
296 O O   . SER A 42 ? 0.5271 0.5875 0.5192 0.0853  -0.0838 0.0000  42 SER A O   
297 C CB  . SER A 42 ? 0.5716 0.5605 0.6013 0.0965  -0.0954 0.0095  42 SER A CB  
298 O OG  . SER A 42 ? 0.5615 0.5384 0.5916 0.1143  -0.0972 0.0217  42 SER A OG  
299 N N   . ASP A 43 ? 0.6756 0.6837 0.6392 0.1163  -0.1055 -0.0485 43 ASP A N   
300 C CA  . ASP A 43 ? 0.7397 0.7488 0.6618 0.1225  -0.1209 -0.0648 43 ASP A CA  
301 C C   . ASP A 43 ? 0.7580 0.8028 0.6341 0.1422  -0.0856 -0.0472 43 ASP A C   
302 O O   . ASP A 43 ? 0.7030 0.7680 0.5694 0.1324  -0.0837 -0.0311 43 ASP A O   
303 C CB  . ASP A 43 ? 0.8651 0.8284 0.7515 0.1490  -0.1569 -0.1127 43 ASP A CB  
304 C CG  . ASP A 43 ? 0.8956 0.8218 0.8552 0.1243  -0.1999 -0.1322 43 ASP A CG  
305 O OD1 . ASP A 43 ? 0.8204 0.7595 0.8356 0.0934  -0.2102 -0.1162 43 ASP A OD1 
306 O OD2 . ASP A 43 ? 0.9692 0.8522 0.9418 0.1376  -0.2200 -0.1630 43 ASP A OD2 
307 N N   . GLN A 44 ? 0.7724 0.8228 0.6335 0.1716  -0.0527 -0.0470 44 GLN A N   
308 C CA  . GLN A 44 ? 0.7858 0.8682 0.6323 0.1931  -0.0017 -0.0208 44 GLN A CA  
309 C C   . GLN A 44 ? 0.6916 0.8152 0.6049 0.1588  0.0099  0.0135  44 GLN A C   
310 O O   . GLN A 44 ? 0.6698 0.8076 0.5630 0.1604  0.0278  0.0340  44 GLN A O   
311 C CB  . GLN A 44 ? 0.8205 0.9095 0.6937 0.2204  0.0346  -0.0210 44 GLN A CB  
312 C CG  . GLN A 44 ? 0.9052 0.9974 0.7260 0.2694  0.0949  -0.0064 44 GLN A CG  
313 C CD  . GLN A 44 ? 0.9638 1.0540 0.8134 0.3001  0.1249  -0.0159 44 GLN A CD  
314 O OE1 . GLN A 44 ? 0.9290 1.0191 0.8424 0.2814  0.0950  -0.0319 44 GLN A OE1 
315 N NE2 . GLN A 44 ? 1.0615 1.1455 0.8585 0.3544  0.1887  -0.0031 44 GLN A NE2 
316 N N   . ILE A 45 ? 0.6311 0.7651 0.6142 0.1337  -0.0058 0.0170  45 ILE A N   
317 C CA  . ILE A 45 ? 0.5581 0.7208 0.5978 0.1089  -0.0064 0.0385  45 ILE A CA  
318 C C   . ILE A 45 ? 0.5350 0.6932 0.5459 0.0878  -0.0226 0.0461  45 ILE A C   
319 O O   . ILE A 45 ? 0.4837 0.6649 0.5167 0.0783  -0.0103 0.0648  45 ILE A O   
320 C CB  . ILE A 45 ? 0.5304 0.6883 0.6176 0.1023  -0.0312 0.0332  45 ILE A CB  
321 C CG1 . ILE A 45 ? 0.5615 0.7251 0.6912 0.1251  -0.0234 0.0225  45 ILE A CG1 
322 C CG2 . ILE A 45 ? 0.4908 0.6698 0.6237 0.0880  -0.0414 0.0448  45 ILE A CG2 
323 C CD1 . ILE A 45 ? 0.5786 0.7825 0.7729 0.1394  0.0196  0.0344  45 ILE A CD1 
324 N N   . THR A 46 ? 0.5581 0.6869 0.5387 0.0801  -0.0501 0.0316  46 THR A N   
325 C CA  . THR A 46 ? 0.5710 0.6993 0.5484 0.0613  -0.0653 0.0379  46 THR A CA  
326 C C   . THR A 46 ? 0.5953 0.7352 0.5305 0.0759  -0.0581 0.0410  46 THR A C   
327 O O   . THR A 46 ? 0.5449 0.7053 0.4913 0.0667  -0.0480 0.0617  46 THR A O   
328 C CB  . THR A 46 ? 0.5840 0.6800 0.5747 0.0511  -0.0935 0.0218  46 THR A CB  
329 O OG1 . THR A 46 ? 0.6041 0.6863 0.6260 0.0401  -0.0868 0.0372  46 THR A OG1 
330 C CG2 . THR A 46 ? 0.5661 0.6649 0.5743 0.0370  -0.1129 0.0210  46 THR A CG2 
331 N N   . SER A 47 ? 0.7054 0.8236 0.5817 0.1059  -0.0654 0.0191  47 SER A N   
332 C CA  . SER A 47 ? 0.7852 0.8984 0.5843 0.1409  -0.0537 0.0228  47 SER A CA  
333 C C   . SER A 47 ? 0.7654 0.9095 0.5847 0.1432  0.0007  0.0651  47 SER A C   
334 O O   . SER A 47 ? 0.7755 0.9266 0.5772 0.1458  0.0075  0.0863  47 SER A O   
335 C CB  . SER A 47 ? 0.8861 0.9645 0.6089 0.1854  -0.0562 -0.0062 47 SER A CB  
336 O OG  . SER A 47 ? 1.0597 1.1168 0.6734 0.2353  -0.0488 -0.0055 47 SER A OG  
337 N N   . ALA A 48 ? 0.6948 0.8569 0.5698 0.1417  0.0363  0.0772  48 ALA A N   
338 C CA  . ALA A 48 ? 0.6779 0.8699 0.6144 0.1407  0.0862  0.1148  48 ALA A CA  
339 C C   . ALA A 48 ? 0.5909 0.8010 0.5824 0.1053  0.0684  0.1275  48 ALA A C   
340 O O   . ALA A 48 ? 0.6917 0.9078 0.6834 0.1097  0.0928  0.1555  48 ALA A O   
341 C CB  . ALA A 48 ? 0.6793 0.8920 0.7034 0.1406  0.1110  0.1163  48 ALA A CB  
342 N N   . SER A 49 ? 0.4788 0.6888 0.5028 0.0772  0.0287  0.1086  49 SER A N   
343 C CA  . SER A 49 ? 0.4224 0.6469 0.5085 0.0530  0.0177  0.1161  49 SER A CA  
344 C C   . SER A 49 ? 0.4325 0.6506 0.4885 0.0401  -0.0012 0.1198  49 SER A C   
345 O O   . SER A 49 ? 0.3782 0.6072 0.4651 0.0325  0.0069  0.1357  49 SER A O   
346 C CB  . SER A 49 ? 0.4201 0.6400 0.5424 0.0452  -0.0085 0.0975  49 SER A CB  
347 O OG  . SER A 49 ? 0.4100 0.6039 0.4828 0.0420  -0.0319 0.0843  49 SER A OG  
348 N N   . VAL A 50 ? 0.4577 0.6585 0.4723 0.0376  -0.0260 0.1050  50 VAL A N   
349 C CA  . VAL A 50 ? 0.4642 0.6647 0.4864 0.0226  -0.0420 0.1090  50 VAL A CA  
350 C C   . VAL A 50 ? 0.4584 0.6678 0.4604 0.0316  -0.0375 0.1235  50 VAL A C   
351 O O   . VAL A 50 ? 0.3980 0.6169 0.4275 0.0213  -0.0346 0.1368  50 VAL A O   
352 C CB  . VAL A 50 ? 0.5081 0.6909 0.5352 0.0136  -0.0648 0.0948  50 VAL A CB  
353 C CG1 . VAL A 50 ? 0.5185 0.6833 0.5549 0.0119  -0.0619 0.0900  50 VAL A CG1 
354 C CG2 . VAL A 50 ? 0.5867 0.7576 0.5891 0.0249  -0.0908 0.0739  50 VAL A CG2 
355 N N   . PRO A 51 ? 0.4940 0.6943 0.4377 0.0584  -0.0349 0.1228  51 PRO A N   
356 C CA  . PRO A 51 ? 0.5502 0.7498 0.4571 0.0779  -0.0285 0.1431  51 PRO A CA  
357 C C   . PRO A 51 ? 0.5236 0.7382 0.4797 0.0698  0.0110  0.1772  51 PRO A C   
358 O O   . PRO A 51 ? 0.4790 0.6959 0.4418 0.0698  0.0111  0.1950  51 PRO A O   
359 C CB  . PRO A 51 ? 0.6344 0.8089 0.4462 0.1221  -0.0237 0.1372  51 PRO A CB  
360 C CG  . PRO A 51 ? 0.6495 0.8113 0.4595 0.1172  -0.0571 0.0972  51 PRO A CG  
361 C CD  . PRO A 51 ? 0.5503 0.7313 0.4441 0.0809  -0.0404 0.1016  51 PRO A CD  
362 N N   . ARG A 52 ? 0.4953 0.7197 0.5056 0.0612  0.0379  0.1818  52 ARG A N   
363 C CA  . ARG A 52 ? 0.4686 0.7055 0.5595 0.0519  0.0679  0.2065  52 ARG A CA  
364 C C   . ARG A 52 ? 0.3809 0.6226 0.5222 0.0260  0.0385  0.1928  52 ARG A C   
365 O O   . ARG A 52 ? 0.3653 0.6076 0.5436 0.0220  0.0467  0.2099  52 ARG A O   
366 C CB  . ARG A 52 ? 0.4853 0.7337 0.6444 0.0537  0.0973  0.2097  52 ARG A CB  
367 C CG  . ARG A 52 ? 0.6143 0.8563 0.7429 0.0877  0.1551  0.2428  52 ARG A CG  
368 C CD  . ARG A 52 ? 0.6416 0.9026 0.9014 0.0855  0.2062  0.2693  52 ARG A CD  
369 N NE  . ARG A 52 ? 0.6719 0.9513 1.0044 0.0743  0.1892  0.2398  52 ARG A NE  
370 C CZ  . ARG A 52 ? 0.7671 1.0411 1.0385 0.0932  0.1907  0.2235  52 ARG A CZ  
371 N NH1 . ARG A 52 ? 0.9569 1.2049 1.0905 0.1236  0.2001  0.2262  52 ARG A NH1 
372 N NH2 . ARG A 52 ? 0.6849 0.9753 1.0320 0.0869  0.1774  0.2008  52 ARG A NH2 
373 N N   . LEU A 53 ? 0.3232 0.5610 0.4551 0.0155  0.0081  0.1648  53 LEU A N   
374 C CA  . LEU A 53 ? 0.2836 0.5149 0.4294 0.0047  -0.0136 0.1528  53 LEU A CA  
375 C C   . LEU A 53 ? 0.2846 0.5165 0.4115 0.0030  -0.0169 0.1637  53 LEU A C   
376 O O   . LEU A 53 ? 0.3149 0.5434 0.4677 0.0004  -0.0189 0.1654  53 LEU A O   
377 C CB  . LEU A 53 ? 0.2989 0.5163 0.4167 0.0049  -0.0310 0.1328  53 LEU A CB  
378 C CG  . LEU A 53 ? 0.2882 0.5021 0.4302 0.0111  -0.0395 0.1170  53 LEU A CG  
379 C CD1 . LEU A 53 ? 0.3042 0.4977 0.4031 0.0170  -0.0509 0.1059  53 LEU A CD1 
380 C CD2 . LEU A 53 ? 0.2778 0.4852 0.4638 0.0154  -0.0586 0.1035  53 LEU A CD2 
381 N N   . ASN A 54 ? 0.2862 0.5192 0.3750 0.0076  -0.0252 0.1642  54 ASN A N   
382 C CA  . ASN A 54 ? 0.3313 0.5693 0.4170 0.0102  -0.0378 0.1712  54 ASN A CA  
383 C C   . ASN A 54 ? 0.3560 0.5957 0.4478 0.0196  -0.0231 0.1955  54 ASN A C   
384 O O   . ASN A 54 ? 0.3807 0.6237 0.5005 0.0162  -0.0262 0.2020  54 ASN A O   
385 C CB  . ASN A 54 ? 0.3370 0.5717 0.3873 0.0215  -0.0642 0.1583  54 ASN A CB  
386 C CG  . ASN A 54 ? 0.3415 0.5720 0.4173 0.0084  -0.0810 0.1372  54 ASN A CG  
387 O OD1 . ASN A 54 ? 0.3433 0.5737 0.4580 -0.0059 -0.0681 0.1411  54 ASN A OD1 
388 N ND2 . ASN A 54 ? 0.3738 0.5936 0.4255 0.0186  -0.1077 0.1162  54 ASN A ND2 
389 N N   . GLN A 55 ? 0.4181 0.6520 0.4857 0.0353  -0.0004 0.2131  55 GLN A N   
390 C CA  . GLN A 55 ? 0.4591 0.6867 0.5364 0.0484  0.0263  0.2472  55 GLN A CA  
391 C C   . GLN A 55 ? 0.4443 0.6746 0.6087 0.0279  0.0347  0.2481  55 GLN A C   
392 O O   . GLN A 55 ? 0.3739 0.5986 0.5622 0.0301  0.0378  0.2641  55 GLN A O   
393 C CB  . GLN A 55 ? 0.5116 0.7274 0.5525 0.0743  0.0664  0.2735  55 GLN A CB  
394 C CG  . GLN A 55 ? 0.6017 0.7992 0.5272 0.1125  0.0516  0.2721  55 GLN A CG  
395 C CD  . GLN A 55 ? 0.7159 0.8893 0.5760 0.1557  0.1047  0.3098  55 GLN A CD  
396 O OE1 . GLN A 55 ? 0.7780 0.9411 0.5783 0.1775  0.1120  0.2978  55 GLN A OE1 
397 N NE2 . GLN A 55 ? 0.7530 0.9109 0.6188 0.1748  0.1482  0.3592  55 GLN A NE2 
398 N N   . ALA A 56 ? 0.3851 0.6190 0.5942 0.0131  0.0308  0.2259  56 ALA A N   
399 C CA  . ALA A 56 ? 0.3669 0.5950 0.6567 0.0021  0.0242  0.2146  56 ALA A CA  
400 C C   . ALA A 56 ? 0.3613 0.5802 0.6335 0.0009  -0.0022 0.1935  56 ALA A C   
401 O O   . ALA A 56 ? 0.4032 0.6090 0.7226 0.0013  -0.0090 0.1871  56 ALA A O   
402 C CB  . ALA A 56 ? 0.3540 0.5854 0.6928 -0.0034 0.0164  0.1924  56 ALA A CB  
403 N N   . ALA A 57 ? 0.3209 0.5435 0.5350 0.0023  -0.0127 0.1838  57 ALA A N   
404 C CA  . ALA A 57 ? 0.3263 0.5418 0.5278 0.0068  -0.0196 0.1757  57 ALA A CA  
405 C C   . ALA A 57 ? 0.3231 0.5456 0.5429 0.0104  -0.0142 0.1963  57 ALA A C   
406 O O   . ALA A 57 ? 0.3237 0.5365 0.5597 0.0173  -0.0139 0.1917  57 ALA A O   
407 C CB  . ALA A 57 ? 0.3202 0.5395 0.4869 0.0060  -0.0206 0.1709  57 ALA A CB  
408 N N   . VAL A 58 ? 0.3504 0.5845 0.5557 0.0136  -0.0122 0.2173  58 VAL A N   
409 C CA  . VAL A 58 ? 0.3599 0.5975 0.5720 0.0247  -0.0151 0.2371  58 VAL A CA  
410 C C   . VAL A 58 ? 0.3873 0.6077 0.6378 0.0282  0.0030  0.2565  58 VAL A C   
411 O O   . VAL A 58 ? 0.3508 0.5656 0.6272 0.0352  0.0019  0.2656  58 VAL A O   
412 C CB  . VAL A 58 ? 0.3776 0.6216 0.5404 0.0402  -0.0306 0.2473  58 VAL A CB  
413 C CG1 . VAL A 58 ? 0.4004 0.6407 0.5585 0.0620  -0.0398 0.2700  58 VAL A CG1 
414 C CG2 . VAL A 58 ? 0.3660 0.6245 0.5256 0.0341  -0.0571 0.2228  58 VAL A CG2 
415 N N   . ALA A 59 ? 0.4028 0.6146 0.6773 0.0229  0.0210  0.2628  59 ALA A N   
416 C CA  . ALA A 59 ? 0.4347 0.6283 0.7819 0.0225  0.0412  0.2828  59 ALA A CA  
417 C C   . ALA A 59 ? 0.4359 0.6156 0.8439 0.0136  0.0194  0.2469  59 ALA A C   
418 O O   . ALA A 59 ? 0.4203 0.5812 0.8824 0.0170  0.0214  0.2542  59 ALA A O   
419 C CB  . ALA A 59 ? 0.4228 0.6142 0.8034 0.0223  0.0756  0.3078  59 ALA A CB  
420 N N   . ALA A 60 ? 0.3891 0.5700 0.7758 0.0099  -0.0039 0.2074  60 ALA A N   
421 C CA  . ALA A 60 ? 0.4101 0.5656 0.8231 0.0162  -0.0328 0.1654  60 ALA A CA  
422 C C   . ALA A 60 ? 0.4394 0.5809 0.8131 0.0333  -0.0376 0.1552  60 ALA A C   
423 O O   . ALA A 60 ? 0.4971 0.6082 0.9015 0.0461  -0.0550 0.1304  60 ALA A O   
424 C CB  . ALA A 60 ? 0.4249 0.5779 0.7990 0.0199  -0.0548 0.1324  60 ALA A CB  
425 N N   . GLY A 61 ? 0.4153 0.5772 0.7315 0.0363  -0.0236 0.1704  61 GLY A N   
426 C CA  . GLY A 61 ? 0.4495 0.6035 0.7376 0.0552  -0.0173 0.1630  61 GLY A CA  
427 C C   . GLY A 61 ? 0.5040 0.6253 0.7344 0.0796  -0.0246 0.1287  61 GLY A C   
428 O O   . GLY A 61 ? 0.5751 0.6727 0.7791 0.1075  -0.0156 0.1178  61 GLY A O   
429 N N   . SER A 62 ? 0.4927 0.6080 0.6947 0.0767  -0.0394 0.1129  62 SER A N   
430 C CA  . SER A 62 ? 0.5688 0.6425 0.6987 0.1097  -0.0556 0.0792  62 SER A CA  
431 C C   . SER A 62 ? 0.5682 0.6494 0.6760 0.1004  -0.0667 0.0756  62 SER A C   
432 O O   . SER A 62 ? 0.5315 0.6492 0.6848 0.0685  -0.0606 0.0956  62 SER A O   
433 C CB  . SER A 62 ? 0.6348 0.6652 0.7806 0.1332  -0.0976 0.0348  62 SER A CB  
434 O OG  . SER A 62 ? 0.6037 0.6392 0.8246 0.1136  -0.1349 0.0156  62 SER A OG  
435 N N   . ALA A 63 ? 0.6169 0.6570 0.6420 0.1367  -0.0822 0.0504  63 ALA A N   
436 C CA  . ALA A 63 ? 0.6352 0.6732 0.6320 0.1369  -0.0974 0.0438  63 ALA A CA  
437 C C   . ALA A 63 ? 0.6590 0.6836 0.7036 0.1418  -0.1574 0.0000  63 ALA A C   
438 O O   . ALA A 63 ? 0.6519 0.6757 0.6889 0.1447  -0.1791 -0.0112 63 ALA A O   
439 C CB  . ALA A 63 ? 0.7201 0.7158 0.5976 0.1803  -0.0755 0.0497  63 ALA A CB  
440 N N   . GLU A 64 ? 0.6821 0.6340 0.9948 0.1262  -0.0480 0.0020  64 GLU A N   
441 C CA  . GLU A 64 ? 0.7214 0.6477 1.1138 0.1076  -0.0575 -0.0171 64 GLU A CA  
442 C C   . GLU A 64 ? 0.6868 0.6091 1.1100 0.0845  -0.0349 0.0478  64 GLU A C   
443 O O   . GLU A 64 ? 0.7426 0.6390 1.2341 0.0833  -0.0176 0.0833  64 GLU A O   
444 C CB  . GLU A 64 ? 0.8058 0.6904 1.2939 0.1172  -0.0665 -0.0583 64 GLU A CB  
445 C CG  . GLU A 64 ? 0.8642 0.7599 1.3242 0.1488  -0.0891 -0.1301 64 GLU A CG  
446 C CD  . GLU A 64 ? 0.9511 0.8040 1.5190 0.1591  -0.1034 -0.1866 64 GLU A CD  
447 O OE1 . GLU A 64 ? 0.9853 0.7994 1.6658 0.1352  -0.1028 -0.1829 64 GLU A OE1 
448 O OE2 . GLU A 64 ? 1.0057 0.8650 1.5540 0.1923  -0.1136 -0.2343 64 GLU A OE2 
449 N N   . ILE A 65 ? 0.5949 0.5480 0.9645 0.0716  -0.0333 0.0661  65 ILE A N   
450 C CA  . ILE A 65 ? 0.5689 0.5348 0.9502 0.0556  -0.0137 0.1201  65 ILE A CA  
451 C C   . ILE A 65 ? 0.5462 0.5260 0.9299 0.0392  -0.0244 0.1009  65 ILE A C   
452 O O   . ILE A 65 ? 0.5011 0.4907 0.8465 0.0440  -0.0455 0.0567  65 ILE A O   
453 C CB  . ILE A 65 ? 0.5534 0.5536 0.8565 0.0630  -0.0013 0.1587  65 ILE A CB  
454 C CG1 . ILE A 65 ? 0.5405 0.5647 0.7648 0.0654  -0.0148 0.1327  65 ILE A CG1 
455 C CG2 . ILE A 65 ? 0.5806 0.5752 0.8903 0.0805  0.0100  0.1841  65 ILE A CG2 
456 C CD1 . ILE A 65 ? 0.5186 0.5771 0.6896 0.0660  -0.0062 0.1624  65 ILE A CD1 
457 N N   . ASP A 66 ? 0.5306 0.5201 0.9536 0.0246  -0.0080 0.1383  66 ASP A N   
458 C CA  . ASP A 66 ? 0.5855 0.5898 1.0257 0.0100  -0.0167 0.1211  66 ASP A CA  
459 C C   . ASP A 66 ? 0.5199 0.5595 0.8694 0.0124  -0.0173 0.1275  66 ASP A C   
460 O O   . ASP A 66 ? 0.5272 0.5860 0.8299 0.0185  -0.0025 0.1614  66 ASP A O   
461 C CB  . ASP A 66 ? 0.6393 0.6393 1.1819 -0.0052 0.0034  0.1571  66 ASP A CB  
462 C CG  . ASP A 66 ? 0.6622 0.6729 1.2586 -0.0220 -0.0088 0.1297  66 ASP A CG  
463 O OD1 . ASP A 66 ? 0.6861 0.7186 1.2182 -0.0194 -0.0275 0.0984  66 ASP A OD1 
464 O OD2 . ASP A 66 ? 0.7165 0.7154 1.4292 -0.0372 0.0007  0.1420  66 ASP A OD2 
465 N N   . ALA A 67 ? 0.5432 0.5937 0.8711 0.0104  -0.0367 0.0912  67 ALA A N   
466 C CA  . ALA A 67 ? 0.4635 0.5407 0.7285 0.0118  -0.0360 0.0973  67 ALA A CA  
467 C C   . ALA A 67 ? 0.4363 0.5361 0.7207 0.0040  -0.0147 0.1352  67 ALA A C   
468 O O   . ALA A 67 ? 0.4507 0.5503 0.8066 -0.0057 -0.0054 0.1484  67 ALA A O   
469 C CB  . ALA A 67 ? 0.4596 0.5459 0.7180 0.0138  -0.0584 0.0588  67 ALA A CB  
470 N N   . VAL A 68 ? 0.4001 0.5237 0.6279 0.0102  -0.0061 0.1515  68 VAL A N   
471 C CA  . VAL A 68 ? 0.3715 0.5298 0.6043 0.0107  0.0117  0.1776  68 VAL A CA  
472 C C   . VAL A 68 ? 0.3627 0.5299 0.6071 0.0051  0.0024  0.1548  68 VAL A C   
473 O O   . VAL A 68 ? 0.3202 0.4808 0.5254 0.0086  -0.0138 0.1281  68 VAL A O   
474 C CB  . VAL A 68 ? 0.3616 0.5491 0.5321 0.0232  0.0174  0.1871  68 VAL A CB  
475 C CG1 . VAL A 68 ? 0.3762 0.6108 0.5409 0.0317  0.0332  0.2040  68 VAL A CG1 
476 C CG2 . VAL A 68 ? 0.3744 0.5624 0.5331 0.0320  0.0241  0.2099  68 VAL A CG2 
477 N N   . SER A 69 ? 0.3656 0.5503 0.6706 -0.0020 0.0147  0.1705  69 SER A N   
478 C CA  . SER A 69 ? 0.3621 0.5644 0.6863 -0.0053 0.0078  0.1526  69 SER A CA  
479 C C   . SER A 69 ? 0.3403 0.5679 0.6044 0.0075  0.0112  0.1487  69 SER A C   
480 O O   . SER A 69 ? 0.3224 0.5773 0.5593 0.0180  0.0289  0.1706  69 SER A O   
481 C CB  . SER A 69 ? 0.4060 0.6315 0.8141 -0.0147 0.0263  0.1780  69 SER A CB  
482 O OG  . SER A 69 ? 0.4660 0.6641 0.9529 -0.0289 0.0219  0.1762  69 SER A OG  
483 N N   . GLY A 70 ? 0.3278 0.5506 0.5770 0.0100  -0.0067 0.1192  70 GLY A N   
484 C CA  . GLY A 70 ? 0.3309 0.5676 0.5388 0.0221  -0.0063 0.1088  70 GLY A CA  
485 C C   . GLY A 70 ? 0.3354 0.5491 0.4917 0.0271  -0.0153 0.0976  70 GLY A C   
486 O O   . GLY A 70 ? 0.3795 0.5978 0.5140 0.0356  -0.0165 0.0848  70 GLY A O   
487 N N   . ALA A 71 ? 0.3500 0.5399 0.4975 0.0222  -0.0207 0.1015  71 ALA A N   
488 C CA  . ALA A 71 ? 0.3154 0.4886 0.4259 0.0254  -0.0261 0.0967  71 ALA A CA  
489 C C   . ALA A 71 ? 0.3363 0.4849 0.4446 0.0247  -0.0371 0.0923  71 ALA A C   
490 O O   . ALA A 71 ? 0.3213 0.4599 0.4145 0.0252  -0.0359 0.0983  71 ALA A O   
491 C CB  . ALA A 71 ? 0.3394 0.5298 0.4342 0.0276  -0.0154 0.1100  71 ALA A CB  
492 N N   . THR A 72 ? 0.3345 0.4816 0.4579 0.0274  -0.0492 0.0788  72 THR A N   
493 C CA  . THR A 72 ? 0.3711 0.5085 0.4942 0.0328  -0.0628 0.0653  72 THR A CA  
494 C C   . THR A 72 ? 0.3536 0.4849 0.4343 0.0463  -0.0653 0.0682  72 THR A C   
495 O O   . THR A 72 ? 0.3767 0.5031 0.4461 0.0530  -0.0691 0.0629  72 THR A O   
496 C CB  . THR A 72 ? 0.4162 0.5680 0.5672 0.0371  -0.0802 0.0429  72 THR A CB  
497 O OG1 . THR A 72 ? 0.4627 0.6212 0.6714 0.0222  -0.0757 0.0432  72 THR A OG1 
498 C CG2 . THR A 72 ? 0.4712 0.6241 0.6173 0.0495  -0.0988 0.0175  72 THR A CG2 
499 N N   . TYR A 73 ? 0.3441 0.4773 0.4103 0.0517  -0.0613 0.0779  73 TYR A N   
500 C CA  . TYR A 73 ? 0.3529 0.4820 0.3955 0.0631  -0.0569 0.0923  73 TYR A CA  
501 C C   . TYR A 73 ? 0.3347 0.4551 0.3716 0.0547  -0.0467 0.1020  73 TYR A C   
502 O O   . TYR A 73 ? 0.3189 0.4413 0.3399 0.0643  -0.0437 0.1107  73 TYR A O   
503 C CB  . TYR A 73 ? 0.3622 0.4889 0.4147 0.0678  -0.0522 0.1032  73 TYR A CB  
504 C CG  . TYR A 73 ? 0.3601 0.5020 0.4150 0.0826  -0.0626 0.0985  73 TYR A CG  
505 C CD1 . TYR A 73 ? 0.4227 0.5821 0.4566 0.1075  -0.0674 0.1101  73 TYR A CD1 
506 C CD2 . TYR A 73 ? 0.3605 0.5109 0.4376 0.0756  -0.0684 0.0827  73 TYR A CD2 
507 C CE1 . TYR A 73 ? 0.3982 0.5828 0.4317 0.1263  -0.0806 0.1045  73 TYR A CE1 
508 C CE2 . TYR A 73 ? 0.3906 0.5623 0.4758 0.0899  -0.0807 0.0760  73 TYR A CE2 
509 C CZ  . TYR A 73 ? 0.4129 0.6023 0.4751 0.1156  -0.0891 0.0849  73 TYR A CZ  
510 O OH  . TYR A 73 ? 0.4217 0.6426 0.4910 0.1339  -0.1046 0.0765  73 TYR A OH  
511 N N   . THR A 74 ? 0.3346 0.4545 0.3840 0.0413  -0.0415 0.1007  74 THR A N   
512 C CA  . THR A 74 ? 0.3527 0.4755 0.4002 0.0350  -0.0359 0.1061  74 THR A CA  
513 C C   . THR A 74 ? 0.3602 0.4816 0.4008 0.0370  -0.0357 0.1094  74 THR A C   
514 O O   . THR A 74 ? 0.4083 0.5314 0.4424 0.0398  -0.0320 0.1172  74 THR A O   
515 C CB  . THR A 74 ? 0.3471 0.4848 0.4032 0.0282  -0.0342 0.0983  74 THR A CB  
516 O OG1 . THR A 74 ? 0.3121 0.4473 0.3843 0.0276  -0.0358 0.0877  74 THR A OG1 
517 C CG2 . THR A 74 ? 0.3348 0.4891 0.3858 0.0266  -0.0321 0.1023  74 THR A CG2 
518 N N   . SER A 75 ? 0.3671 0.4855 0.4206 0.0356  -0.0388 0.1033  75 SER A N   
519 C CA  . SER A 75 ? 0.3508 0.4605 0.4164 0.0372  -0.0385 0.1037  75 SER A CA  
520 C C   . SER A 75 ? 0.3517 0.4558 0.4021 0.0513  -0.0461 0.0908  75 SER A C   
521 O O   . SER A 75 ? 0.3293 0.4288 0.3777 0.0572  -0.0426 0.0937  75 SER A O   
522 C CB  . SER A 75 ? 0.3475 0.4536 0.4525 0.0302  -0.0392 0.1000  75 SER A CB  
523 O OG  . SER A 75 ? 0.3374 0.4602 0.4527 0.0233  -0.0279 0.1170  75 SER A OG  
524 N N   . ALA A 76 ? 0.3257 0.4375 0.3634 0.0614  -0.0556 0.0779  76 ALA A N   
525 C CA  . ALA A 76 ? 0.3518 0.4744 0.3654 0.0838  -0.0627 0.0652  76 ALA A CA  
526 C C   . ALA A 76 ? 0.3663 0.4968 0.3552 0.0921  -0.0484 0.0895  76 ALA A C   
527 O O   . ALA A 76 ? 0.3951 0.5335 0.3697 0.1083  -0.0464 0.0852  76 ALA A O   
528 C CB  . ALA A 76 ? 0.3937 0.5359 0.3957 0.0981  -0.0755 0.0529  76 ALA A CB  
529 N N   . GLY A 77 ? 0.3537 0.4829 0.3476 0.0805  -0.0381 0.1122  77 GLY A N   
530 C CA  . GLY A 77 ? 0.3603 0.4981 0.3534 0.0827  -0.0242 0.1357  77 GLY A CA  
531 C C   . GLY A 77 ? 0.3587 0.4951 0.3602 0.0753  -0.0204 0.1367  77 GLY A C   
532 O O   . GLY A 77 ? 0.3747 0.5243 0.3725 0.0853  -0.0116 0.1483  77 GLY A O   
533 N N   . TYR A 78 ? 0.3736 0.5001 0.3873 0.0624  -0.0254 0.1280  78 TYR A N   
534 C CA  . TYR A 78 ? 0.3549 0.4856 0.3769 0.0601  -0.0217 0.1347  78 TYR A CA  
535 C C   . TYR A 78 ? 0.3790 0.5029 0.3971 0.0762  -0.0214 0.1280  78 TYR A C   
536 O O   . TYR A 78 ? 0.4136 0.5474 0.4321 0.0843  -0.0151 0.1371  78 TYR A O   
537 C CB  . TYR A 78 ? 0.3413 0.4721 0.3757 0.0496  -0.0229 0.1364  78 TYR A CB  
538 C CG  . TYR A 78 ? 0.3270 0.4726 0.3674 0.0529  -0.0182 0.1514  78 TYR A CG  
539 C CD1 . TYR A 78 ? 0.3272 0.4606 0.3796 0.0625  -0.0142 0.1587  78 TYR A CD1 
540 C CD2 . TYR A 78 ? 0.3280 0.5040 0.3673 0.0496  -0.0195 0.1554  78 TYR A CD2 
541 C CE1 . TYR A 78 ? 0.3454 0.4961 0.4047 0.0703  -0.0087 0.1791  78 TYR A CE1 
542 C CE2 . TYR A 78 ? 0.3246 0.5266 0.3658 0.0581  -0.0176 0.1700  78 TYR A CE2 
543 C CZ  . TYR A 78 ? 0.3338 0.5232 0.3833 0.0693  -0.0106 0.1867  78 TYR A CZ  
544 O OH  . TYR A 78 ? 0.3696 0.5891 0.4222 0.0821  -0.0077 0.2075  78 TYR A OH  
545 N N   . LYS A 79 ? 0.4156 0.5254 0.4367 0.0823  -0.0302 0.1069  79 LYS A N   
546 C CA  . LYS A 79 ? 0.4553 0.5570 0.4828 0.0992  -0.0340 0.0881  79 LYS A CA  
547 C C   . LYS A 79 ? 0.4711 0.5961 0.4658 0.1239  -0.0308 0.0833  79 LYS A C   
548 O O   . LYS A 79 ? 0.4716 0.5984 0.4675 0.1416  -0.0288 0.0730  79 LYS A O   
549 C CB  . LYS A 79 ? 0.4826 0.5692 0.5339 0.0998  -0.0493 0.0555  79 LYS A CB  
550 C CG  . LYS A 79 ? 0.5008 0.5679 0.5978 0.0783  -0.0480 0.0642  79 LYS A CG  
551 C CD  . LYS A 79 ? 0.5440 0.5981 0.6843 0.0773  -0.0635 0.0293  79 LYS A CD  
552 C CE  . LYS A 79 ? 0.5499 0.5958 0.7372 0.0551  -0.0581 0.0463  79 LYS A CE  
553 N NZ  . LYS A 79 ? 0.5929 0.6261 0.8458 0.0507  -0.0737 0.0106  79 LYS A NZ  
554 N N   . LYS A 80 ? 0.4536 0.5991 0.4222 0.1300  -0.0294 0.0913  80 LYS A N   
555 C CA  . LYS A 80 ? 0.4780 0.6566 0.4156 0.1583  -0.0200 0.0990  80 LYS A CA  
556 C C   . LYS A 80 ? 0.4458 0.6362 0.3939 0.1548  -0.0014 0.1299  80 LYS A C   
557 O O   . LYS A 80 ? 0.4780 0.6909 0.4142 0.1783  0.0078  0.1312  80 LYS A O   
558 C CB  . LYS A 80 ? 0.5014 0.7019 0.4172 0.1678  -0.0177 0.1143  80 LYS A CB  
559 C CG  . LYS A 80 ? 0.5399 0.7824 0.4316 0.1958  0.0023  0.1452  80 LYS A CG  
560 C CD  . LYS A 80 ? 0.6028 0.8676 0.4771 0.2104  0.0053  0.1661  80 LYS A CD  
561 C CE  . LYS A 80 ? 0.6423 0.9548 0.4993 0.2415  0.0320  0.2112  80 LYS A CE  
562 N NZ  . LYS A 80 ? 0.7025 1.0463 0.5332 0.2686  0.0332  0.2308  80 LYS A NZ  
563 N N   . SER A 81 ? 0.4036 0.5851 0.3774 0.1276  0.0029  0.1509  81 SER A N   
564 C CA  . SER A 81 ? 0.3977 0.5964 0.3939 0.1212  0.0154  0.1742  81 SER A CA  
565 C C   . SER A 81 ? 0.3930 0.5879 0.3963 0.1264  0.0133  0.1657  81 SER A C   
566 O O   . SER A 81 ? 0.4012 0.6198 0.4119 0.1381  0.0240  0.1782  81 SER A O   
567 C CB  . SER A 81 ? 0.3706 0.5650 0.3974 0.0936  0.0133  0.1837  81 SER A CB  
568 O OG  . SER A 81 ? 0.3836 0.6030 0.4433 0.0880  0.0228  0.2017  81 SER A OG  
569 N N   . LEU A 82 ? 0.3889 0.5565 0.3977 0.1195  0.0018  0.1493  82 LEU A N   
570 C CA  . LEU A 82 ? 0.3879 0.5478 0.4133 0.1264  0.0023  0.1494  82 LEU A CA  
571 C C   . LEU A 82 ? 0.4353 0.5946 0.4527 0.1553  0.0045  0.1299  82 LEU A C   
572 O O   . LEU A 82 ? 0.3892 0.5588 0.4171 0.1700  0.0118  0.1366  82 LEU A O   
573 C CB  . LEU A 82 ? 0.3823 0.5143 0.4257 0.1129  -0.0054 0.1455  82 LEU A CB  
574 C CG  . LEU A 82 ? 0.4069 0.5200 0.4801 0.1226  -0.0030 0.1495  82 LEU A CG  
575 C CD1 . LEU A 82 ? 0.3948 0.5349 0.4729 0.1303  0.0047  0.1754  82 LEU A CD1 
576 C CD2 . LEU A 82 ? 0.4168 0.5090 0.5165 0.1083  -0.0045 0.1575  82 LEU A CD2 
577 N N   . GLN A 83 ? 0.4315 0.5865 0.4287 0.1678  -0.0034 0.1021  83 GLN A N   
578 C CA  . GLN A 83 ? 0.4905 0.6539 0.4755 0.2013  -0.0060 0.0704  83 GLN A CA  
579 C C   . GLN A 83 ? 0.4842 0.6938 0.4444 0.2249  0.0124  0.0907  83 GLN A C   
580 O O   . GLN A 83 ? 0.5195 0.7408 0.4817 0.2511  0.0183  0.0792  83 GLN A O   
581 C CB  . GLN A 83 ? 0.5500 0.7169 0.5143 0.2140  -0.0225 0.0323  83 GLN A CB  
582 C CG  . GLN A 83 ? 0.6058 0.7936 0.5530 0.2550  -0.0296 -0.0121 83 GLN A CG  
583 C CD  . GLN A 83 ? 0.6720 0.8228 0.6683 0.2587  -0.0352 -0.0393 83 GLN A CD  
584 O OE1 . GLN A 83 ? 0.7366 0.8562 0.7728 0.2555  -0.0547 -0.0821 83 GLN A OE1 
585 N NE2 . GLN A 83 ? 0.6653 0.8195 0.6708 0.2650  -0.0180 -0.0132 83 GLN A NE2 
586 N N   . SER A 84 ? 0.5192 1.2045 0.5817 0.2886  -0.0768 -0.0474 84 SER A N   
587 C CA  . SER A 84 ? 0.5180 1.1738 0.5560 0.2906  -0.0494 -0.0284 84 SER A CA  
588 C C   . SER A 84 ? 0.4611 1.1704 0.5682 0.2801  -0.0273 -0.0125 84 SER A C   
589 O O   . SER A 84 ? 0.4749 1.1858 0.5954 0.2868  0.0089  -0.0002 84 SER A O   
590 C CB  . SER A 84 ? 0.5360 1.1638 0.5429 0.2901  -0.0589 -0.0282 84 SER A CB  
591 O OG  . SER A 84 ? 0.5831 1.1703 0.5609 0.2735  -0.0221 -0.0132 84 SER A OG  
592 N N   . ALA A 85 ? 0.4082 1.1547 0.5545 0.2696  -0.0493 -0.0136 85 ALA A N   
593 C CA  . ALA A 85 ? 0.3909 1.1815 0.5929 0.2704  -0.0555 -0.0015 85 ALA A CA  
594 C C   . ALA A 85 ? 0.4076 1.1943 0.6084 0.3031  -0.0375 0.0032  85 ALA A C   
595 O O   . ALA A 85 ? 0.4133 1.2485 0.6765 0.3240  -0.0213 0.0159  85 ALA A O   
596 C CB  . ALA A 85 ? 0.3914 1.1656 0.5746 0.2590  -0.0881 -0.0056 85 ALA A CB  
597 N N   . LEU A 86 ? 0.4314 1.1583 0.5635 0.3067  -0.0356 -0.0087 86 LEU A N   
598 C CA  . LEU A 86 ? 0.4937 1.1679 0.5745 0.3345  -0.0170 -0.0063 86 LEU A CA  
599 C C   . LEU A 86 ? 0.5379 1.1961 0.6076 0.3602  0.0223  0.0029  86 LEU A C   
600 O O   . LEU A 86 ? 0.5829 1.2374 0.6591 0.4036  0.0487  0.0159  86 LEU A O   
601 C CB  . LEU A 86 ? 0.5289 1.1319 0.5331 0.3071  -0.0186 -0.0269 86 LEU A CB  
602 C CG  . LEU A 86 ? 0.5295 1.1180 0.5229 0.2837  -0.0280 -0.0355 86 LEU A CG  
603 C CD1 . LEU A 86 ? 0.5653 1.1124 0.5232 0.2390  -0.0123 -0.0611 86 LEU A CD1 
604 C CD2 . LEU A 86 ? 0.5972 1.1302 0.5382 0.3178  -0.0336 -0.0214 86 LEU A CD2 
605 N N   . ASP A 87 ? 0.5527 1.1900 0.5962 0.3424  0.0291  -0.0030 87 ASP A N   
606 C CA  . ASP A 87 ? 0.6454 1.2184 0.6298 0.3623  0.0758  0.0044  87 ASP A CA  
607 C C   . ASP A 87 ? 0.6444 1.2918 0.7281 0.3789  0.1273  0.0235  87 ASP A C   
608 O O   . ASP A 87 ? 0.7236 1.3315 0.7833 0.4131  0.1903  0.0340  87 ASP A O   
609 C CB  . ASP A 87 ? 0.6884 1.1980 0.5972 0.3438  0.0610  -0.0061 87 ASP A CB  
610 C CG  . ASP A 87 ? 0.7207 1.1786 0.5584 0.3297  0.0046  -0.0299 87 ASP A CG  
611 O OD1 . ASP A 87 ? 0.7410 1.1792 0.5585 0.3227  -0.0038 -0.0387 87 ASP A OD1 
612 O OD2 . ASP A 87 ? 0.7424 1.1781 0.5463 0.3257  -0.0320 -0.0412 87 ASP A OD2 
613 N N   . LYS A 88 ? 0.5758 1.3258 0.7705 0.3504  0.1051  0.0260  88 LYS A N   
614 C CA  . LYS A 88 ? 0.5711 1.4302 0.9054 0.3497  0.1408  0.0384  88 LYS A CA  
615 C C   . LYS A 88 ? 0.5724 1.5000 0.9869 0.4057  0.1405  0.0469  88 LYS A C   
616 O O   . LYS A 88 ? 0.5715 1.6172 1.1347 0.4216  0.1706  0.0554  88 LYS A O   
617 C CB  . LYS A 88 ? 0.5195 1.4577 0.9378 0.2981  0.0957  0.0351  88 LYS A CB  
618 C CG  . LYS A 88 ? 0.5681 1.4418 0.9247 0.2503  0.1224  0.0318  88 LYS A CG  
619 C CD  . LYS A 88 ? 0.5487 1.4307 0.9069 0.2044  0.0673  0.0255  88 LYS A CD  
620 C CE  . LYS A 88 ? 0.6360 1.4032 0.8757 0.1738  0.0907  0.0220  88 LYS A CE  
621 N NZ  . LYS A 88 ? 0.6940 1.3438 0.7920 0.2151  0.0972  0.0171  88 LYS A NZ  
622 N N   . ALA A 89 ? 0.5970 1.4479 0.9137 0.4362  0.1081  0.0430  89 ALA A N   
623 C CA  . ALA A 89 ? 0.6577 1.5072 0.9796 0.5059  0.1140  0.0516  89 ALA A CA  
624 C C   . ALA A 89 ? 0.6328 1.5213 0.9849 0.5139  0.0335  0.0497  89 ALA A C   
625 O O   . ALA A 89 ? 0.7111 1.5932 1.0611 0.5831  0.0227  0.0574  89 ALA A O   
626 C CB  . ALA A 89 ? 0.6896 1.6360 1.1425 0.5554  0.1797  0.0654  89 ALA A CB  
627 O OXT . ALA A 89 ? 0.5693 1.4682 0.9208 0.4586  -0.0136 0.0409  89 ALA A OXT 
# 
